data_7ZOS
# 
_entry.id   7ZOS 
# 
_audit_conform.dict_name       mmcif_pdbx.dic 
_audit_conform.dict_version    5.385 
_audit_conform.dict_location   http://mmcif.pdb.org/dictionaries/ascii/mmcif_pdbx.dic 
# 
loop_
_database_2.database_id 
_database_2.database_code 
_database_2.pdbx_database_accession 
_database_2.pdbx_DOI 
PDB   7ZOS         pdb_00007zos 10.2210/pdb7zos/pdb 
WWPDB D_1292120708 ?            ?                   
# 
loop_
_pdbx_audit_revision_history.ordinal 
_pdbx_audit_revision_history.data_content_type 
_pdbx_audit_revision_history.major_revision 
_pdbx_audit_revision_history.minor_revision 
_pdbx_audit_revision_history.revision_date 
1 'Structure model' 1 0 2022-09-07 
2 'Structure model' 1 1 2023-03-01 
3 'Structure model' 1 2 2024-02-07 
# 
_pdbx_audit_revision_details.ordinal             1 
_pdbx_audit_revision_details.revision_ordinal    1 
_pdbx_audit_revision_details.data_content_type   'Structure model' 
_pdbx_audit_revision_details.provider            repository 
_pdbx_audit_revision_details.type                'Initial release' 
_pdbx_audit_revision_details.description         ? 
_pdbx_audit_revision_details.details             ? 
# 
loop_
_pdbx_audit_revision_group.ordinal 
_pdbx_audit_revision_group.revision_ordinal 
_pdbx_audit_revision_group.data_content_type 
_pdbx_audit_revision_group.group 
1 2 'Structure model' Advisory                 
2 2 'Structure model' 'Derived calculations'   
3 3 'Structure model' 'Data collection'        
4 3 'Structure model' 'Refinement description' 
# 
loop_
_pdbx_audit_revision_category.ordinal 
_pdbx_audit_revision_category.revision_ordinal 
_pdbx_audit_revision_category.data_content_type 
_pdbx_audit_revision_category.category 
1 2 'Structure model' pdbx_validate_close_contact   
2 2 'Structure model' struct_conn                   
3 2 'Structure model' struct_conn_type              
4 3 'Structure model' chem_comp_atom                
5 3 'Structure model' chem_comp_bond                
6 3 'Structure model' pdbx_initial_refinement_model 
# 
_pdbx_database_status.status_code                     REL 
_pdbx_database_status.status_code_sf                  REL 
_pdbx_database_status.status_code_mr                  ? 
_pdbx_database_status.entry_id                        7ZOS 
_pdbx_database_status.recvd_initial_deposition_date   2022-04-26 
_pdbx_database_status.SG_entry                        N 
_pdbx_database_status.deposit_site                    PDBE 
_pdbx_database_status.process_site                    PDBE 
_pdbx_database_status.status_code_cs                  ? 
_pdbx_database_status.status_code_nmr_data            ? 
_pdbx_database_status.methods_development_category    ? 
_pdbx_database_status.pdb_format_compatible           Y 
# 
_pdbx_contact_author.id                 2 
_pdbx_contact_author.email              leif.bulow@kilu.lu.se 
_pdbx_contact_author.name_first         Leif 
_pdbx_contact_author.name_last          Bulow 
_pdbx_contact_author.name_mi            ? 
_pdbx_contact_author.role               'principal investigator/group leader' 
_pdbx_contact_author.identifier_ORCID   0000-0003-4966-8610 
# 
loop_
_audit_author.name 
_audit_author.pdbx_ordinal 
_audit_author.identifier_ORCID 
'Nyblom, M.'      1 ? 
'Christensen, S.' 2 ? 
'Eriksson, N.'    3 ? 
'Bulow, L.'       4 ? 
# 
_citation.abstract                  ? 
_citation.abstract_id_CAS           ? 
_citation.book_id_ISBN              ? 
_citation.book_publisher            ? 
_citation.book_publisher_city       ? 
_citation.book_title                ? 
_citation.coordinate_linkage        ? 
_citation.country                   CH 
_citation.database_id_Medline       ? 
_citation.details                   ? 
_citation.id                        primary 
_citation.journal_abbrev            Antioxidants 
_citation.journal_id_ASTM           ? 
_citation.journal_id_CSD            ? 
_citation.journal_id_ISSN           2076-3921 
_citation.journal_full              ? 
_citation.journal_issue             ? 
_citation.journal_volume            11 
_citation.language                  ? 
_citation.page_first                ? 
_citation.page_last                 ? 
_citation.title                     
'Oxidative Implications of Substituting a Conserved Cysteine Residue in Sugar Beet Phytoglobin BvPgb 1.2.' 
_citation.year                      2022 
_citation.database_id_CSD           ? 
_citation.pdbx_database_id_DOI      10.3390/antiox11081615 
_citation.pdbx_database_id_PubMed   36009334 
_citation.pdbx_database_id_patent   ? 
_citation.unpublished_flag          ? 
# 
loop_
_citation_author.citation_id 
_citation_author.name 
_citation_author.ordinal 
_citation_author.identifier_ORCID 
primary 'Christensen, S.'    1 0000-0002-4422-5311 
primary 'Groth, L.'          2 ?                   
primary 'Leiva-Eriksson, N.' 3 0000-0001-7712-4683 
primary 'Nyblom, M.'         4 ?                   
primary 'Bulow, L.'          5 0000-0003-4966-8610 
# 
loop_
_entity.id 
_entity.type 
_entity.src_method 
_entity.pdbx_description 
_entity.formula_weight 
_entity.pdbx_number_of_molecules 
_entity.pdbx_ec 
_entity.pdbx_mutation 
_entity.pdbx_fragment 
_entity.details 
1 polymer     man 'Non-symbiotic hemoglobin class 1' 19253.303 1  ? ? ? ? 
2 non-polymer syn 'PROTOPORPHYRIN IX CONTAINING FE'  616.487   1  ? ? ? ? 
3 non-polymer syn 'CYANIDE ION'                      26.017    1  ? ? ? ? 
4 non-polymer nat 'HEXACYANOFERRATE(3-)'             211.949   1  ? ? ? ? 
5 water       nat water                              18.015    95 ? ? ? ? 
# 
_entity_name_com.entity_id   1 
_entity_name_com.name        BvPgb1.2 
# 
_entity_poly.entity_id                      1 
_entity_poly.type                           'polypeptide(L)' 
_entity_poly.nstd_linkage                   no 
_entity_poly.nstd_monomer                   no 
_entity_poly.pdbx_seq_one_letter_code       
;MSFTNVNYPASDGTVIFTEEQEALVVQSWNVMKKNSAELGLKLFLKIFEIAPTAKKMFSFVRDSDVPLEQNQKLKGHAMS
VFVMTCKSAAQLRKAGKVTFGESSLKHMGSVHLKYGVVDEHFEVTRFALLETIKEAVPEMWSPEMKNAWAEAFNHLVAAI
KAEMQRLSTQP
;
_entity_poly.pdbx_seq_one_letter_code_can   
;MSFTNVNYPASDGTVIFTEEQEALVVQSWNVMKKNSAELGLKLFLKIFEIAPTAKKMFSFVRDSDVPLEQNQKLKGHAMS
VFVMTCKSAAQLRKAGKVTFGESSLKHMGSVHLKYGVVDEHFEVTRFALLETIKEAVPEMWSPEMKNAWAEAFNHLVAAI
KAEMQRLSTQP
;
_entity_poly.pdbx_strand_id                 A 
_entity_poly.pdbx_target_identifier         ? 
# 
loop_
_pdbx_entity_nonpoly.entity_id 
_pdbx_entity_nonpoly.name 
_pdbx_entity_nonpoly.comp_id 
2 'PROTOPORPHYRIN IX CONTAINING FE' HEM 
3 'CYANIDE ION'                     CYN 
4 'HEXACYANOFERRATE(3-)'            FC6 
5 water                             HOH 
# 
loop_
_entity_poly_seq.entity_id 
_entity_poly_seq.num 
_entity_poly_seq.mon_id 
_entity_poly_seq.hetero 
1 1   MET n 
1 2   SER n 
1 3   PHE n 
1 4   THR n 
1 5   ASN n 
1 6   VAL n 
1 7   ASN n 
1 8   TYR n 
1 9   PRO n 
1 10  ALA n 
1 11  SER n 
1 12  ASP n 
1 13  GLY n 
1 14  THR n 
1 15  VAL n 
1 16  ILE n 
1 17  PHE n 
1 18  THR n 
1 19  GLU n 
1 20  GLU n 
1 21  GLN n 
1 22  GLU n 
1 23  ALA n 
1 24  LEU n 
1 25  VAL n 
1 26  VAL n 
1 27  GLN n 
1 28  SER n 
1 29  TRP n 
1 30  ASN n 
1 31  VAL n 
1 32  MET n 
1 33  LYS n 
1 34  LYS n 
1 35  ASN n 
1 36  SER n 
1 37  ALA n 
1 38  GLU n 
1 39  LEU n 
1 40  GLY n 
1 41  LEU n 
1 42  LYS n 
1 43  LEU n 
1 44  PHE n 
1 45  LEU n 
1 46  LYS n 
1 47  ILE n 
1 48  PHE n 
1 49  GLU n 
1 50  ILE n 
1 51  ALA n 
1 52  PRO n 
1 53  THR n 
1 54  ALA n 
1 55  LYS n 
1 56  LYS n 
1 57  MET n 
1 58  PHE n 
1 59  SER n 
1 60  PHE n 
1 61  VAL n 
1 62  ARG n 
1 63  ASP n 
1 64  SER n 
1 65  ASP n 
1 66  VAL n 
1 67  PRO n 
1 68  LEU n 
1 69  GLU n 
1 70  GLN n 
1 71  ASN n 
1 72  GLN n 
1 73  LYS n 
1 74  LEU n 
1 75  LYS n 
1 76  GLY n 
1 77  HIS n 
1 78  ALA n 
1 79  MET n 
1 80  SER n 
1 81  VAL n 
1 82  PHE n 
1 83  VAL n 
1 84  MET n 
1 85  THR n 
1 86  CYS n 
1 87  LYS n 
1 88  SER n 
1 89  ALA n 
1 90  ALA n 
1 91  GLN n 
1 92  LEU n 
1 93  ARG n 
1 94  LYS n 
1 95  ALA n 
1 96  GLY n 
1 97  LYS n 
1 98  VAL n 
1 99  THR n 
1 100 PHE n 
1 101 GLY n 
1 102 GLU n 
1 103 SER n 
1 104 SER n 
1 105 LEU n 
1 106 LYS n 
1 107 HIS n 
1 108 MET n 
1 109 GLY n 
1 110 SER n 
1 111 VAL n 
1 112 HIS n 
1 113 LEU n 
1 114 LYS n 
1 115 TYR n 
1 116 GLY n 
1 117 VAL n 
1 118 VAL n 
1 119 ASP n 
1 120 GLU n 
1 121 HIS n 
1 122 PHE n 
1 123 GLU n 
1 124 VAL n 
1 125 THR n 
1 126 ARG n 
1 127 PHE n 
1 128 ALA n 
1 129 LEU n 
1 130 LEU n 
1 131 GLU n 
1 132 THR n 
1 133 ILE n 
1 134 LYS n 
1 135 GLU n 
1 136 ALA n 
1 137 VAL n 
1 138 PRO n 
1 139 GLU n 
1 140 MET n 
1 141 TRP n 
1 142 SER n 
1 143 PRO n 
1 144 GLU n 
1 145 MET n 
1 146 LYS n 
1 147 ASN n 
1 148 ALA n 
1 149 TRP n 
1 150 ALA n 
1 151 GLU n 
1 152 ALA n 
1 153 PHE n 
1 154 ASN n 
1 155 HIS n 
1 156 LEU n 
1 157 VAL n 
1 158 ALA n 
1 159 ALA n 
1 160 ILE n 
1 161 LYS n 
1 162 ALA n 
1 163 GLU n 
1 164 MET n 
1 165 GLN n 
1 166 ARG n 
1 167 LEU n 
1 168 SER n 
1 169 THR n 
1 170 GLN n 
1 171 PRO n 
# 
_entity_src_gen.entity_id                          1 
_entity_src_gen.pdbx_src_id                        1 
_entity_src_gen.pdbx_alt_source_flag               sample 
_entity_src_gen.pdbx_seq_type                      'Biological sequence' 
_entity_src_gen.pdbx_beg_seq_num                   1 
_entity_src_gen.pdbx_end_seq_num                   171 
_entity_src_gen.gene_src_common_name               ? 
_entity_src_gen.gene_src_genus                     ? 
_entity_src_gen.pdbx_gene_src_gene                 Bv9_224250_aayd.t2 
_entity_src_gen.gene_src_species                   ? 
_entity_src_gen.gene_src_strain                    ? 
_entity_src_gen.gene_src_tissue                    ? 
_entity_src_gen.gene_src_tissue_fraction           ? 
_entity_src_gen.gene_src_details                   ? 
_entity_src_gen.pdbx_gene_src_fragment             ? 
_entity_src_gen.pdbx_gene_src_scientific_name      'Beta vulgaris' 
_entity_src_gen.pdbx_gene_src_ncbi_taxonomy_id     161934 
_entity_src_gen.pdbx_gene_src_variant              ? 
_entity_src_gen.pdbx_gene_src_cell_line            ? 
_entity_src_gen.pdbx_gene_src_atcc                 ? 
_entity_src_gen.pdbx_gene_src_organ                ? 
_entity_src_gen.pdbx_gene_src_organelle            ? 
_entity_src_gen.pdbx_gene_src_cell                 ? 
_entity_src_gen.pdbx_gene_src_cellular_location    ? 
_entity_src_gen.host_org_common_name               ? 
_entity_src_gen.pdbx_host_org_scientific_name      'Escherichia coli BL21(DE3)' 
_entity_src_gen.pdbx_host_org_ncbi_taxonomy_id     469008 
_entity_src_gen.host_org_genus                     ? 
_entity_src_gen.pdbx_host_org_gene                 ? 
_entity_src_gen.pdbx_host_org_organ                ? 
_entity_src_gen.host_org_species                   ? 
_entity_src_gen.pdbx_host_org_tissue               ? 
_entity_src_gen.pdbx_host_org_tissue_fraction      ? 
_entity_src_gen.pdbx_host_org_strain               ? 
_entity_src_gen.pdbx_host_org_variant              ? 
_entity_src_gen.pdbx_host_org_cell_line            ? 
_entity_src_gen.pdbx_host_org_atcc                 ? 
_entity_src_gen.pdbx_host_org_culture_collection   ? 
_entity_src_gen.pdbx_host_org_cell                 ? 
_entity_src_gen.pdbx_host_org_organelle            ? 
_entity_src_gen.pdbx_host_org_cellular_location    ? 
_entity_src_gen.pdbx_host_org_vector_type          ? 
_entity_src_gen.pdbx_host_org_vector               ? 
_entity_src_gen.host_org_details                   ? 
_entity_src_gen.expression_system_id               ? 
_entity_src_gen.plasmid_name                       ? 
_entity_src_gen.plasmid_details                    ? 
_entity_src_gen.pdbx_description                   ? 
# 
loop_
_chem_comp.id 
_chem_comp.type 
_chem_comp.mon_nstd_flag 
_chem_comp.name 
_chem_comp.pdbx_synonyms 
_chem_comp.formula 
_chem_comp.formula_weight 
ALA 'L-peptide linking' y ALANINE                           ?                       'C3 H7 N O2'       89.093  
ARG 'L-peptide linking' y ARGININE                          ?                       'C6 H15 N4 O2 1'   175.209 
ASN 'L-peptide linking' y ASPARAGINE                        ?                       'C4 H8 N2 O3'      132.118 
ASP 'L-peptide linking' y 'ASPARTIC ACID'                   ?                       'C4 H7 N O4'       133.103 
CYN non-polymer         . 'CYANIDE ION'                     ?                       'C N -1'           26.017  
CYS 'L-peptide linking' y CYSTEINE                          ?                       'C3 H7 N O2 S'     121.158 
FC6 non-polymer         . 'HEXACYANOFERRATE(3-)'            'FERRI(III)HEXACYANIDE' 'C6 Fe N6'         211.949 
GLN 'L-peptide linking' y GLUTAMINE                         ?                       'C5 H10 N2 O3'     146.144 
GLU 'L-peptide linking' y 'GLUTAMIC ACID'                   ?                       'C5 H9 N O4'       147.129 
GLY 'peptide linking'   y GLYCINE                           ?                       'C2 H5 N O2'       75.067  
HEM non-polymer         . 'PROTOPORPHYRIN IX CONTAINING FE' HEME                    'C34 H32 Fe N4 O4' 616.487 
HIS 'L-peptide linking' y HISTIDINE                         ?                       'C6 H10 N3 O2 1'   156.162 
HOH non-polymer         . WATER                             ?                       'H2 O'             18.015  
ILE 'L-peptide linking' y ISOLEUCINE                        ?                       'C6 H13 N O2'      131.173 
LEU 'L-peptide linking' y LEUCINE                           ?                       'C6 H13 N O2'      131.173 
LYS 'L-peptide linking' y LYSINE                            ?                       'C6 H15 N2 O2 1'   147.195 
MET 'L-peptide linking' y METHIONINE                        ?                       'C5 H11 N O2 S'    149.211 
PHE 'L-peptide linking' y PHENYLALANINE                     ?                       'C9 H11 N O2'      165.189 
PRO 'L-peptide linking' y PROLINE                           ?                       'C5 H9 N O2'       115.130 
SER 'L-peptide linking' y SERINE                            ?                       'C3 H7 N O3'       105.093 
THR 'L-peptide linking' y THREONINE                         ?                       'C4 H9 N O3'       119.119 
TRP 'L-peptide linking' y TRYPTOPHAN                        ?                       'C11 H12 N2 O2'    204.225 
TYR 'L-peptide linking' y TYROSINE                          ?                       'C9 H11 N O3'      181.189 
VAL 'L-peptide linking' y VALINE                            ?                       'C5 H11 N O2'      117.146 
# 
loop_
_pdbx_poly_seq_scheme.asym_id 
_pdbx_poly_seq_scheme.entity_id 
_pdbx_poly_seq_scheme.seq_id 
_pdbx_poly_seq_scheme.mon_id 
_pdbx_poly_seq_scheme.ndb_seq_num 
_pdbx_poly_seq_scheme.pdb_seq_num 
_pdbx_poly_seq_scheme.auth_seq_num 
_pdbx_poly_seq_scheme.pdb_mon_id 
_pdbx_poly_seq_scheme.auth_mon_id 
_pdbx_poly_seq_scheme.pdb_strand_id 
_pdbx_poly_seq_scheme.pdb_ins_code 
_pdbx_poly_seq_scheme.hetero 
A 1 1   MET 1   -7  ?   ?   ?   A . n 
A 1 2   SER 2   -6  ?   ?   ?   A . n 
A 1 3   PHE 3   -5  ?   ?   ?   A . n 
A 1 4   THR 4   -4  ?   ?   ?   A . n 
A 1 5   ASN 5   -3  ?   ?   ?   A . n 
A 1 6   VAL 6   -2  ?   ?   ?   A . n 
A 1 7   ASN 7   -1  ?   ?   ?   A . n 
A 1 8   TYR 8   0   ?   ?   ?   A . n 
A 1 9   PRO 9   1   ?   ?   ?   A . n 
A 1 10  ALA 10  2   ?   ?   ?   A . n 
A 1 11  SER 11  3   ?   ?   ?   A . n 
A 1 12  ASP 12  4   ?   ?   ?   A . n 
A 1 13  GLY 13  5   ?   ?   ?   A . n 
A 1 14  THR 14  6   6   THR THR A . n 
A 1 15  VAL 15  7   7   VAL VAL A . n 
A 1 16  ILE 16  8   8   ILE ILE A . n 
A 1 17  PHE 17  9   9   PHE PHE A . n 
A 1 18  THR 18  10  10  THR THR A . n 
A 1 19  GLU 19  11  11  GLU GLU A . n 
A 1 20  GLU 20  12  12  GLU GLU A . n 
A 1 21  GLN 21  13  13  GLN GLN A . n 
A 1 22  GLU 22  14  14  GLU GLU A . n 
A 1 23  ALA 23  15  15  ALA ALA A . n 
A 1 24  LEU 24  16  16  LEU LEU A . n 
A 1 25  VAL 25  17  17  VAL VAL A . n 
A 1 26  VAL 26  18  18  VAL VAL A . n 
A 1 27  GLN 27  19  19  GLN GLN A . n 
A 1 28  SER 28  20  20  SER SER A . n 
A 1 29  TRP 29  21  21  TRP TRP A . n 
A 1 30  ASN 30  22  22  ASN ASN A . n 
A 1 31  VAL 31  23  23  VAL VAL A . n 
A 1 32  MET 32  24  24  MET MET A . n 
A 1 33  LYS 33  25  25  LYS LYS A . n 
A 1 34  LYS 34  26  26  LYS LYS A . n 
A 1 35  ASN 35  27  27  ASN ASN A . n 
A 1 36  SER 36  28  28  SER SER A . n 
A 1 37  ALA 37  29  29  ALA ALA A . n 
A 1 38  GLU 38  30  30  GLU GLU A . n 
A 1 39  LEU 39  31  31  LEU LEU A . n 
A 1 40  GLY 40  32  32  GLY GLY A . n 
A 1 41  LEU 41  33  33  LEU LEU A . n 
A 1 42  LYS 42  34  34  LYS LYS A . n 
A 1 43  LEU 43  35  35  LEU LEU A . n 
A 1 44  PHE 44  36  36  PHE PHE A . n 
A 1 45  LEU 45  37  37  LEU LEU A . n 
A 1 46  LYS 46  38  38  LYS LYS A . n 
A 1 47  ILE 47  39  39  ILE ILE A . n 
A 1 48  PHE 48  40  40  PHE PHE A . n 
A 1 49  GLU 49  41  41  GLU GLU A . n 
A 1 50  ILE 50  42  42  ILE ILE A . n 
A 1 51  ALA 51  43  43  ALA ALA A . n 
A 1 52  PRO 52  44  44  PRO PRO A . n 
A 1 53  THR 53  45  45  THR THR A . n 
A 1 54  ALA 54  46  46  ALA ALA A . n 
A 1 55  LYS 55  47  47  LYS LYS A . n 
A 1 56  LYS 56  48  48  LYS LYS A . n 
A 1 57  MET 57  49  49  MET MET A . n 
A 1 58  PHE 58  50  50  PHE PHE A . n 
A 1 59  SER 59  51  51  SER SER A . n 
A 1 60  PHE 60  52  ?   ?   ?   A . n 
A 1 61  VAL 61  53  ?   ?   ?   A . n 
A 1 62  ARG 62  54  ?   ?   ?   A . n 
A 1 63  ASP 63  55  ?   ?   ?   A . n 
A 1 64  SER 64  56  ?   ?   ?   A . n 
A 1 65  ASP 65  57  ?   ?   ?   A . n 
A 1 66  VAL 66  58  ?   ?   ?   A . n 
A 1 67  PRO 67  59  ?   ?   ?   A . n 
A 1 68  LEU 68  60  ?   ?   ?   A . n 
A 1 69  GLU 69  61  ?   ?   ?   A . n 
A 1 70  GLN 70  62  ?   ?   ?   A . n 
A 1 71  ASN 71  63  63  ASN ASN A . n 
A 1 72  GLN 72  64  64  GLN GLN A . n 
A 1 73  LYS 73  65  65  LYS LYS A . n 
A 1 74  LEU 74  66  66  LEU LEU A . n 
A 1 75  LYS 75  67  67  LYS LYS A . n 
A 1 76  GLY 76  68  68  GLY GLY A . n 
A 1 77  HIS 77  69  69  HIS HIS A . n 
A 1 78  ALA 78  70  70  ALA ALA A . n 
A 1 79  MET 79  71  71  MET MET A . n 
A 1 80  SER 80  72  72  SER SER A . n 
A 1 81  VAL 81  73  73  VAL VAL A . n 
A 1 82  PHE 82  74  74  PHE PHE A . n 
A 1 83  VAL 83  75  75  VAL VAL A . n 
A 1 84  MET 84  76  76  MET MET A . n 
A 1 85  THR 85  77  77  THR THR A . n 
A 1 86  CYS 86  78  78  CYS CYS A . n 
A 1 87  LYS 87  79  79  LYS LYS A . n 
A 1 88  SER 88  80  80  SER SER A . n 
A 1 89  ALA 89  81  81  ALA ALA A . n 
A 1 90  ALA 90  82  82  ALA ALA A . n 
A 1 91  GLN 91  83  83  GLN GLN A . n 
A 1 92  LEU 92  84  84  LEU LEU A . n 
A 1 93  ARG 93  85  85  ARG ARG A . n 
A 1 94  LYS 94  86  86  LYS LYS A . n 
A 1 95  ALA 95  87  87  ALA ALA A . n 
A 1 96  GLY 96  88  88  GLY GLY A . n 
A 1 97  LYS 97  89  89  LYS LYS A . n 
A 1 98  VAL 98  90  90  VAL VAL A . n 
A 1 99  THR 99  91  91  THR THR A . n 
A 1 100 PHE 100 92  92  PHE PHE A . n 
A 1 101 GLY 101 93  93  GLY GLY A . n 
A 1 102 GLU 102 94  94  GLU GLU A . n 
A 1 103 SER 103 95  95  SER SER A . n 
A 1 104 SER 104 96  96  SER SER A . n 
A 1 105 LEU 105 97  97  LEU LEU A . n 
A 1 106 LYS 106 98  98  LYS LYS A . n 
A 1 107 HIS 107 99  99  HIS HIS A . n 
A 1 108 MET 108 100 100 MET MET A . n 
A 1 109 GLY 109 101 101 GLY GLY A . n 
A 1 110 SER 110 102 102 SER SER A . n 
A 1 111 VAL 111 103 103 VAL VAL A . n 
A 1 112 HIS 112 104 104 HIS HIS A . n 
A 1 113 LEU 113 105 105 LEU LEU A . n 
A 1 114 LYS 114 106 106 LYS LYS A . n 
A 1 115 TYR 115 107 107 TYR TYR A . n 
A 1 116 GLY 116 108 108 GLY GLY A . n 
A 1 117 VAL 117 109 109 VAL VAL A . n 
A 1 118 VAL 118 110 110 VAL VAL A . n 
A 1 119 ASP 119 111 111 ASP ASP A . n 
A 1 120 GLU 120 112 112 GLU GLU A . n 
A 1 121 HIS 121 113 113 HIS HIS A . n 
A 1 122 PHE 122 114 114 PHE PHE A . n 
A 1 123 GLU 123 115 115 GLU GLU A . n 
A 1 124 VAL 124 116 116 VAL VAL A . n 
A 1 125 THR 125 117 117 THR THR A . n 
A 1 126 ARG 126 118 118 ARG ARG A . n 
A 1 127 PHE 127 119 119 PHE PHE A . n 
A 1 128 ALA 128 120 120 ALA ALA A . n 
A 1 129 LEU 129 121 121 LEU LEU A . n 
A 1 130 LEU 130 122 122 LEU LEU A . n 
A 1 131 GLU 131 123 123 GLU GLU A . n 
A 1 132 THR 132 124 124 THR THR A . n 
A 1 133 ILE 133 125 125 ILE ILE A . n 
A 1 134 LYS 134 126 126 LYS LYS A . n 
A 1 135 GLU 135 127 127 GLU GLU A . n 
A 1 136 ALA 136 128 128 ALA ALA A . n 
A 1 137 VAL 137 129 129 VAL VAL A . n 
A 1 138 PRO 138 130 130 PRO PRO A . n 
A 1 139 GLU 139 131 131 GLU GLU A . n 
A 1 140 MET 140 132 132 MET MET A . n 
A 1 141 TRP 141 133 133 TRP TRP A . n 
A 1 142 SER 142 134 134 SER SER A . n 
A 1 143 PRO 143 135 135 PRO PRO A . n 
A 1 144 GLU 144 136 136 GLU GLU A . n 
A 1 145 MET 145 137 137 MET MET A . n 
A 1 146 LYS 146 138 138 LYS LYS A . n 
A 1 147 ASN 147 139 139 ASN ASN A . n 
A 1 148 ALA 148 140 140 ALA ALA A . n 
A 1 149 TRP 149 141 141 TRP TRP A . n 
A 1 150 ALA 150 142 142 ALA ALA A . n 
A 1 151 GLU 151 143 143 GLU GLU A . n 
A 1 152 ALA 152 144 144 ALA ALA A . n 
A 1 153 PHE 153 145 145 PHE PHE A . n 
A 1 154 ASN 154 146 146 ASN ASN A . n 
A 1 155 HIS 155 147 147 HIS HIS A . n 
A 1 156 LEU 156 148 148 LEU LEU A . n 
A 1 157 VAL 157 149 149 VAL VAL A . n 
A 1 158 ALA 158 150 150 ALA ALA A . n 
A 1 159 ALA 159 151 151 ALA ALA A . n 
A 1 160 ILE 160 152 152 ILE ILE A . n 
A 1 161 LYS 161 153 153 LYS LYS A . n 
A 1 162 ALA 162 154 154 ALA ALA A . n 
A 1 163 GLU 163 155 155 GLU GLU A . n 
A 1 164 MET 164 156 156 MET MET A . n 
A 1 165 GLN 165 157 157 GLN GLN A . n 
A 1 166 ARG 166 158 158 ARG ARG A . n 
A 1 167 LEU 167 159 159 LEU LEU A . n 
A 1 168 SER 168 160 160 SER SER A . n 
A 1 169 THR 169 161 161 THR THR A . n 
A 1 170 GLN 170 162 ?   ?   ?   A . n 
A 1 171 PRO 171 163 ?   ?   ?   A . n 
# 
loop_
_pdbx_nonpoly_scheme.asym_id 
_pdbx_nonpoly_scheme.entity_id 
_pdbx_nonpoly_scheme.mon_id 
_pdbx_nonpoly_scheme.ndb_seq_num 
_pdbx_nonpoly_scheme.pdb_seq_num 
_pdbx_nonpoly_scheme.auth_seq_num 
_pdbx_nonpoly_scheme.pdb_mon_id 
_pdbx_nonpoly_scheme.auth_mon_id 
_pdbx_nonpoly_scheme.pdb_strand_id 
_pdbx_nonpoly_scheme.pdb_ins_code 
B 2 HEM 1  201 1163 HEM HEM A . 
C 3 CYN 1  202 1165 CYN CN  A . 
D 4 FC6 1  203 1166 FC6 FC6 A . 
E 5 HOH 1  301 72   HOH HOH A . 
E 5 HOH 2  302 52   HOH HOH A . 
E 5 HOH 3  303 112  HOH HOH A . 
E 5 HOH 4  304 103  HOH HOH A . 
E 5 HOH 5  305 105  HOH HOH A . 
E 5 HOH 6  306 17   HOH HOH A . 
E 5 HOH 7  307 33   HOH HOH A . 
E 5 HOH 8  308 78   HOH HOH A . 
E 5 HOH 9  309 54   HOH HOH A . 
E 5 HOH 10 310 26   HOH HOH A . 
E 5 HOH 11 311 45   HOH HOH A . 
E 5 HOH 12 312 25   HOH HOH A . 
E 5 HOH 13 313 46   HOH HOH A . 
E 5 HOH 14 314 60   HOH HOH A . 
E 5 HOH 15 315 36   HOH HOH A . 
E 5 HOH 16 316 22   HOH HOH A . 
E 5 HOH 17 317 20   HOH HOH A . 
E 5 HOH 18 318 15   HOH HOH A . 
E 5 HOH 19 319 106  HOH HOH A . 
E 5 HOH 20 320 64   HOH HOH A . 
E 5 HOH 21 321 16   HOH HOH A . 
E 5 HOH 22 322 85   HOH HOH A . 
E 5 HOH 23 323 8    HOH HOH A . 
E 5 HOH 24 324 94   HOH HOH A . 
E 5 HOH 25 325 59   HOH HOH A . 
E 5 HOH 26 326 32   HOH HOH A . 
E 5 HOH 27 327 96   HOH HOH A . 
E 5 HOH 28 328 10   HOH HOH A . 
E 5 HOH 29 329 12   HOH HOH A . 
E 5 HOH 30 330 11   HOH HOH A . 
E 5 HOH 31 331 9    HOH HOH A . 
E 5 HOH 32 332 5    HOH HOH A . 
E 5 HOH 33 333 28   HOH HOH A . 
E 5 HOH 34 334 77   HOH HOH A . 
E 5 HOH 35 335 55   HOH HOH A . 
E 5 HOH 36 336 6    HOH HOH A . 
E 5 HOH 37 337 70   HOH HOH A . 
E 5 HOH 38 338 87   HOH HOH A . 
E 5 HOH 39 339 3    HOH HOH A . 
E 5 HOH 40 340 1    HOH HOH A . 
E 5 HOH 41 341 21   HOH HOH A . 
E 5 HOH 42 342 74   HOH HOH A . 
E 5 HOH 43 343 14   HOH HOH A . 
E 5 HOH 44 344 44   HOH HOH A . 
E 5 HOH 45 345 30   HOH HOH A . 
E 5 HOH 46 346 34   HOH HOH A . 
E 5 HOH 47 347 2    HOH HOH A . 
E 5 HOH 48 348 24   HOH HOH A . 
E 5 HOH 49 349 29   HOH HOH A . 
E 5 HOH 50 350 31   HOH HOH A . 
E 5 HOH 51 351 61   HOH HOH A . 
E 5 HOH 52 352 40   HOH HOH A . 
E 5 HOH 53 353 80   HOH HOH A . 
E 5 HOH 54 354 7    HOH HOH A . 
E 5 HOH 55 355 43   HOH HOH A . 
E 5 HOH 56 356 27   HOH HOH A . 
E 5 HOH 57 357 13   HOH HOH A . 
E 5 HOH 58 358 37   HOH HOH A . 
E 5 HOH 59 359 18   HOH HOH A . 
E 5 HOH 60 360 4    HOH HOH A . 
E 5 HOH 61 361 58   HOH HOH A . 
E 5 HOH 62 362 47   HOH HOH A . 
E 5 HOH 63 363 97   HOH HOH A . 
E 5 HOH 64 364 49   HOH HOH A . 
E 5 HOH 65 365 38   HOH HOH A . 
E 5 HOH 66 366 88   HOH HOH A . 
E 5 HOH 67 367 48   HOH HOH A . 
E 5 HOH 68 368 51   HOH HOH A . 
E 5 HOH 69 369 39   HOH HOH A . 
E 5 HOH 70 370 63   HOH HOH A . 
E 5 HOH 71 371 91   HOH HOH A . 
E 5 HOH 72 372 109  HOH HOH A . 
E 5 HOH 73 373 41   HOH HOH A . 
E 5 HOH 74 374 86   HOH HOH A . 
E 5 HOH 75 375 56   HOH HOH A . 
E 5 HOH 76 376 65   HOH HOH A . 
E 5 HOH 77 377 92   HOH HOH A . 
E 5 HOH 78 378 53   HOH HOH A . 
E 5 HOH 79 379 57   HOH HOH A . 
E 5 HOH 80 380 82   HOH HOH A . 
E 5 HOH 81 381 79   HOH HOH A . 
E 5 HOH 82 382 108  HOH HOH A . 
E 5 HOH 83 383 35   HOH HOH A . 
E 5 HOH 84 384 99   HOH HOH A . 
E 5 HOH 85 385 98   HOH HOH A . 
E 5 HOH 86 386 62   HOH HOH A . 
E 5 HOH 87 387 23   HOH HOH A . 
E 5 HOH 88 388 95   HOH HOH A . 
E 5 HOH 89 389 68   HOH HOH A . 
E 5 HOH 90 390 69   HOH HOH A . 
E 5 HOH 91 391 50   HOH HOH A . 
E 5 HOH 92 392 71   HOH HOH A . 
E 5 HOH 93 393 75   HOH HOH A . 
E 5 HOH 94 394 67   HOH HOH A . 
E 5 HOH 95 395 84   HOH HOH A . 
# 
loop_
_software.citation_id 
_software.classification 
_software.compiler_name 
_software.compiler_version 
_software.contact_author 
_software.contact_author_email 
_software.date 
_software.description 
_software.dependencies 
_software.hardware 
_software.language 
_software.location 
_software.mods 
_software.name 
_software.os 
_software.os_version 
_software.type 
_software.version 
_software.pdbx_ordinal 
? 'data collection' ? ? ? ? ? ? ? ? ? ? ? MxCuBE   ? ? ? .         1 
? 'data processing' ? ? ? ? ? ? ? ? ? ? ? autoPROC ? ? ? .         2 
? 'data reduction'  ? ? ? ? ? ? ? ? ? ? ? XDS      ? ? ? .         3 
? 'data scaling'    ? ? ? ? ? ? ? ? ? ? ? XSCALE   ? ? ? .         4 
? phasing           ? ? ? ? ? ? ? ? ? ? ? PHASER   ? ? ? .         5 
? refinement        ? ? ? ? ? ? ? ? ? ? ? PHENIX   ? ? ? 1.14_3260 6 
# 
_cell.angle_alpha                  90.000 
_cell.angle_alpha_esd              ? 
_cell.angle_beta                   90.000 
_cell.angle_beta_esd               ? 
_cell.angle_gamma                  90.000 
_cell.angle_gamma_esd              ? 
_cell.entry_id                     7ZOS 
_cell.details                      ? 
_cell.formula_units_Z              ? 
_cell.length_a                     96.750 
_cell.length_a_esd                 ? 
_cell.length_b                     96.750 
_cell.length_b_esd                 ? 
_cell.length_c                     47.900 
_cell.length_c_esd                 ? 
_cell.volume                       448370.944 
_cell.volume_esd                   ? 
_cell.Z_PDB                        8 
_cell.reciprocal_angle_alpha       ? 
_cell.reciprocal_angle_beta        ? 
_cell.reciprocal_angle_gamma       ? 
_cell.reciprocal_angle_alpha_esd   ? 
_cell.reciprocal_angle_beta_esd    ? 
_cell.reciprocal_angle_gamma_esd   ? 
_cell.reciprocal_length_a          ? 
_cell.reciprocal_length_b          ? 
_cell.reciprocal_length_c          ? 
_cell.reciprocal_length_a_esd      ? 
_cell.reciprocal_length_b_esd      ? 
_cell.reciprocal_length_c_esd      ? 
_cell.pdbx_unique_axis             ? 
_cell.pdbx_esd_method              ? 
# 
_symmetry.entry_id                         7ZOS 
_symmetry.cell_setting                     ? 
_symmetry.Int_Tables_number                90 
_symmetry.space_group_name_Hall            'P 4ab 2ab' 
_symmetry.space_group_name_H-M             'P 4 21 2' 
_symmetry.pdbx_full_space_group_name_H-M   ? 
# 
_exptl.absorpt_coefficient_mu     ? 
_exptl.absorpt_correction_T_max   ? 
_exptl.absorpt_correction_T_min   ? 
_exptl.absorpt_correction_type    ? 
_exptl.absorpt_process_details    ? 
_exptl.entry_id                   7ZOS 
_exptl.crystals_number            1 
_exptl.details                    ? 
_exptl.method                     'X-RAY DIFFRACTION' 
_exptl.method_details             ? 
# 
_exptl_crystal.colour                       ? 
_exptl_crystal.density_diffrn               ? 
_exptl_crystal.density_Matthews             2.91 
_exptl_crystal.density_method               ? 
_exptl_crystal.density_percent_sol          57.75 
_exptl_crystal.description                  ? 
_exptl_crystal.F_000                        ? 
_exptl_crystal.id                           1 
_exptl_crystal.preparation                  ? 
_exptl_crystal.size_max                     ? 
_exptl_crystal.size_mid                     ? 
_exptl_crystal.size_min                     ? 
_exptl_crystal.size_rad                     ? 
_exptl_crystal.colour_lustre                ? 
_exptl_crystal.colour_modifier              ? 
_exptl_crystal.colour_primary               ? 
_exptl_crystal.density_meas                 ? 
_exptl_crystal.density_meas_esd             ? 
_exptl_crystal.density_meas_gt              ? 
_exptl_crystal.density_meas_lt              ? 
_exptl_crystal.density_meas_temp            ? 
_exptl_crystal.density_meas_temp_esd        ? 
_exptl_crystal.density_meas_temp_gt         ? 
_exptl_crystal.density_meas_temp_lt         ? 
_exptl_crystal.pdbx_crystal_image_url       ? 
_exptl_crystal.pdbx_crystal_image_format    ? 
_exptl_crystal.pdbx_mosaicity               ? 
_exptl_crystal.pdbx_mosaicity_esd           ? 
_exptl_crystal.pdbx_mosaic_method           ? 
_exptl_crystal.pdbx_mosaic_block_size       ? 
_exptl_crystal.pdbx_mosaic_block_size_esd   ? 
# 
_exptl_crystal_grow.apparatus       ? 
_exptl_crystal_grow.atmosphere      ? 
_exptl_crystal_grow.crystal_id      1 
_exptl_crystal_grow.details         ? 
_exptl_crystal_grow.method          'VAPOR DIFFUSION, SITTING DROP' 
_exptl_crystal_grow.method_ref      ? 
_exptl_crystal_grow.pH              ? 
_exptl_crystal_grow.pressure        ? 
_exptl_crystal_grow.pressure_esd    ? 
_exptl_crystal_grow.seeding         ? 
_exptl_crystal_grow.seeding_ref     ? 
_exptl_crystal_grow.temp            293.15 
_exptl_crystal_grow.temp_details    ? 
_exptl_crystal_grow.temp_esd        ? 
_exptl_crystal_grow.time            ? 
_exptl_crystal_grow.pdbx_details    '20% (w/v) PEG6000, 0.1 M Citrate, pH 5.0' 
_exptl_crystal_grow.pdbx_pH_range   ? 
# 
_diffrn.ambient_environment              ? 
_diffrn.ambient_temp                     100 
_diffrn.ambient_temp_details             ? 
_diffrn.ambient_temp_esd                 ? 
_diffrn.crystal_id                       1 
_diffrn.crystal_support                  ? 
_diffrn.crystal_treatment                ? 
_diffrn.details                          ? 
_diffrn.id                               1 
_diffrn.ambient_pressure                 ? 
_diffrn.ambient_pressure_esd             ? 
_diffrn.ambient_pressure_gt              ? 
_diffrn.ambient_pressure_lt              ? 
_diffrn.ambient_temp_gt                  ? 
_diffrn.ambient_temp_lt                  ? 
_diffrn.pdbx_serial_crystal_experiment   N 
# 
_diffrn_detector.details                      ? 
_diffrn_detector.detector                     PIXEL 
_diffrn_detector.diffrn_id                    1 
_diffrn_detector.type                         'DECTRIS EIGER X 16M' 
_diffrn_detector.area_resol_mean              ? 
_diffrn_detector.dtime                        ? 
_diffrn_detector.pdbx_frames_total            ? 
_diffrn_detector.pdbx_collection_time_total   ? 
_diffrn_detector.pdbx_collection_date         2019-09-27 
_diffrn_detector.pdbx_frequency               ? 
# 
_diffrn_radiation.collimation                      ? 
_diffrn_radiation.diffrn_id                        1 
_diffrn_radiation.filter_edge                      ? 
_diffrn_radiation.inhomogeneity                    ? 
_diffrn_radiation.monochromator                    ? 
_diffrn_radiation.polarisn_norm                    ? 
_diffrn_radiation.polarisn_ratio                   ? 
_diffrn_radiation.probe                            ? 
_diffrn_radiation.type                             ? 
_diffrn_radiation.xray_symbol                      ? 
_diffrn_radiation.wavelength_id                    1 
_diffrn_radiation.pdbx_monochromatic_or_laue_m_l   M 
_diffrn_radiation.pdbx_wavelength_list             ? 
_diffrn_radiation.pdbx_wavelength                  ? 
_diffrn_radiation.pdbx_diffrn_protocol             'SINGLE WAVELENGTH' 
_diffrn_radiation.pdbx_analyzer                    ? 
_diffrn_radiation.pdbx_scattering_type             x-ray 
# 
_diffrn_radiation_wavelength.id           1 
_diffrn_radiation_wavelength.wavelength   0.9537 
_diffrn_radiation_wavelength.wt           1.0 
# 
_diffrn_source.current                     ? 
_diffrn_source.details                     ? 
_diffrn_source.diffrn_id                   1 
_diffrn_source.power                       ? 
_diffrn_source.size                        ? 
_diffrn_source.source                      SYNCHROTRON 
_diffrn_source.target                      ? 
_diffrn_source.type                        'MAX IV BEAMLINE BioMAX' 
_diffrn_source.voltage                     ? 
_diffrn_source.take-off_angle              ? 
_diffrn_source.pdbx_wavelength_list        0.9537 
_diffrn_source.pdbx_wavelength             ? 
_diffrn_source.pdbx_synchrotron_beamline   BioMAX 
_diffrn_source.pdbx_synchrotron_site       'MAX IV' 
# 
_reflns.B_iso_Wilson_estimate                          38.56 
_reflns.entry_id                                       7ZOS 
_reflns.data_reduction_details                         ? 
_reflns.data_reduction_method                          ? 
_reflns.d_resolution_high                              1.90 
_reflns.d_resolution_low                               68.413 
_reflns.details                                        ? 
_reflns.limit_h_max                                    ? 
_reflns.limit_h_min                                    ? 
_reflns.limit_k_max                                    ? 
_reflns.limit_k_min                                    ? 
_reflns.limit_l_max                                    ? 
_reflns.limit_l_min                                    ? 
_reflns.number_all                                     ? 
_reflns.number_obs                                     18443 
_reflns.observed_criterion                             ? 
_reflns.observed_criterion_F_max                       ? 
_reflns.observed_criterion_F_min                       ? 
_reflns.observed_criterion_I_max                       ? 
_reflns.observed_criterion_I_min                       ? 
_reflns.observed_criterion_sigma_F                     ? 
_reflns.observed_criterion_sigma_I                     ? 
_reflns.percent_possible_obs                           100.0 
_reflns.R_free_details                                 ? 
_reflns.Rmerge_F_all                                   ? 
_reflns.Rmerge_F_obs                                   ? 
_reflns.Friedel_coverage                               ? 
_reflns.number_gt                                      ? 
_reflns.threshold_expression                           ? 
_reflns.pdbx_redundancy                                25.6 
_reflns.pdbx_Rmerge_I_obs                              ? 
_reflns.pdbx_Rmerge_I_all                              ? 
_reflns.pdbx_Rsym_value                                ? 
_reflns.pdbx_netI_over_av_sigmaI                       ? 
_reflns.pdbx_netI_over_sigmaI                          23.7 
_reflns.pdbx_res_netI_over_av_sigmaI_2                 ? 
_reflns.pdbx_res_netI_over_sigmaI_2                    ? 
_reflns.pdbx_chi_squared                               ? 
_reflns.pdbx_scaling_rejects                           ? 
_reflns.pdbx_d_res_high_opt                            ? 
_reflns.pdbx_d_res_low_opt                             ? 
_reflns.pdbx_d_res_opt_method                          ? 
_reflns.phase_calculation_details                      ? 
_reflns.pdbx_Rrim_I_all                                ? 
_reflns.pdbx_Rpim_I_all                                ? 
_reflns.pdbx_d_opt                                     ? 
_reflns.pdbx_number_measured_all                       ? 
_reflns.pdbx_diffrn_id                                 1 
_reflns.pdbx_ordinal                                   1 
_reflns.pdbx_CC_half                                   0.999 
_reflns.pdbx_CC_star                                   ? 
_reflns.pdbx_R_split                                   ? 
_reflns.pdbx_aniso_diffraction_limit_axis_1_ortho[1]   ? 
_reflns.pdbx_aniso_diffraction_limit_axis_1_ortho[2]   ? 
_reflns.pdbx_aniso_diffraction_limit_axis_1_ortho[3]   ? 
_reflns.pdbx_aniso_diffraction_limit_axis_2_ortho[1]   ? 
_reflns.pdbx_aniso_diffraction_limit_axis_2_ortho[2]   ? 
_reflns.pdbx_aniso_diffraction_limit_axis_2_ortho[3]   ? 
_reflns.pdbx_aniso_diffraction_limit_axis_3_ortho[1]   ? 
_reflns.pdbx_aniso_diffraction_limit_axis_3_ortho[2]   ? 
_reflns.pdbx_aniso_diffraction_limit_axis_3_ortho[3]   ? 
_reflns.pdbx_aniso_diffraction_limit_1                 ? 
_reflns.pdbx_aniso_diffraction_limit_2                 ? 
_reflns.pdbx_aniso_diffraction_limit_3                 ? 
_reflns.pdbx_aniso_B_tensor_eigenvector_1_ortho[1]     ? 
_reflns.pdbx_aniso_B_tensor_eigenvector_1_ortho[2]     ? 
_reflns.pdbx_aniso_B_tensor_eigenvector_1_ortho[3]     ? 
_reflns.pdbx_aniso_B_tensor_eigenvector_2_ortho[1]     ? 
_reflns.pdbx_aniso_B_tensor_eigenvector_2_ortho[2]     ? 
_reflns.pdbx_aniso_B_tensor_eigenvector_2_ortho[3]     ? 
_reflns.pdbx_aniso_B_tensor_eigenvector_3_ortho[1]     ? 
_reflns.pdbx_aniso_B_tensor_eigenvector_3_ortho[2]     ? 
_reflns.pdbx_aniso_B_tensor_eigenvector_3_ortho[3]     ? 
_reflns.pdbx_aniso_B_tensor_eigenvalue_1               ? 
_reflns.pdbx_aniso_B_tensor_eigenvalue_2               ? 
_reflns.pdbx_aniso_B_tensor_eigenvalue_3               ? 
_reflns.pdbx_orthogonalization_convention              ? 
_reflns.pdbx_percent_possible_ellipsoidal              ? 
_reflns.pdbx_percent_possible_spherical                ? 
_reflns.pdbx_percent_possible_ellipsoidal_anomalous    ? 
_reflns.pdbx_percent_possible_spherical_anomalous      ? 
_reflns.pdbx_redundancy_anomalous                      ? 
_reflns.pdbx_CC_half_anomalous                         ? 
_reflns.pdbx_absDiff_over_sigma_anomalous              ? 
_reflns.pdbx_percent_possible_anomalous                ? 
_reflns.pdbx_observed_signal_threshold                 ? 
_reflns.pdbx_signal_type                               ? 
_reflns.pdbx_signal_details                            ? 
_reflns.pdbx_signal_software_id                        ? 
_reflns.pdbx_CC_split_method                           ? 
# 
_reflns_shell.d_res_high                                    1.901 
_reflns_shell.d_res_low                                     1.934 
_reflns_shell.meanI_over_sigI_all                           ? 
_reflns_shell.meanI_over_sigI_obs                           ? 
_reflns_shell.number_measured_all                           ? 
_reflns_shell.number_measured_obs                           ? 
_reflns_shell.number_possible                               ? 
_reflns_shell.number_unique_all                             ? 
_reflns_shell.number_unique_obs                             907 
_reflns_shell.percent_possible_all                          ? 
_reflns_shell.percent_possible_obs                          ? 
_reflns_shell.Rmerge_F_all                                  ? 
_reflns_shell.Rmerge_F_obs                                  ? 
_reflns_shell.Rmerge_I_all                                  ? 
_reflns_shell.Rmerge_I_obs                                  ? 
_reflns_shell.meanI_over_sigI_gt                            ? 
_reflns_shell.meanI_over_uI_all                             ? 
_reflns_shell.meanI_over_uI_gt                              ? 
_reflns_shell.number_measured_gt                            ? 
_reflns_shell.number_unique_gt                              ? 
_reflns_shell.percent_possible_gt                           ? 
_reflns_shell.Rmerge_F_gt                                   ? 
_reflns_shell.Rmerge_I_gt                                   ? 
_reflns_shell.pdbx_redundancy                               ? 
_reflns_shell.pdbx_Rsym_value                               ? 
_reflns_shell.pdbx_chi_squared                              ? 
_reflns_shell.pdbx_netI_over_sigmaI_all                     ? 
_reflns_shell.pdbx_netI_over_sigmaI_obs                     ? 
_reflns_shell.pdbx_Rrim_I_all                               ? 
_reflns_shell.pdbx_Rpim_I_all                               ? 
_reflns_shell.pdbx_rejects                                  ? 
_reflns_shell.pdbx_ordinal                                  1 
_reflns_shell.pdbx_diffrn_id                                1 
_reflns_shell.pdbx_CC_half                                  0.727 
_reflns_shell.pdbx_CC_star                                  ? 
_reflns_shell.pdbx_R_split                                  ? 
_reflns_shell.pdbx_percent_possible_ellipsoidal             ? 
_reflns_shell.pdbx_percent_possible_spherical               ? 
_reflns_shell.pdbx_percent_possible_ellipsoidal_anomalous   ? 
_reflns_shell.pdbx_percent_possible_spherical_anomalous     ? 
_reflns_shell.pdbx_redundancy_anomalous                     ? 
_reflns_shell.pdbx_CC_half_anomalous                        ? 
_reflns_shell.pdbx_absDiff_over_sigma_anomalous             ? 
_reflns_shell.pdbx_percent_possible_anomalous               ? 
# 
_refine.aniso_B[1][1]                            ? 
_refine.aniso_B[1][2]                            ? 
_refine.aniso_B[1][3]                            ? 
_refine.aniso_B[2][2]                            ? 
_refine.aniso_B[2][3]                            ? 
_refine.aniso_B[3][3]                            ? 
_refine.B_iso_max                                ? 
_refine.B_iso_mean                               42.94 
_refine.B_iso_min                                ? 
_refine.correlation_coeff_Fo_to_Fc               ? 
_refine.correlation_coeff_Fo_to_Fc_free          ? 
_refine.details                                  ? 
_refine.diff_density_max                         ? 
_refine.diff_density_max_esd                     ? 
_refine.diff_density_min                         ? 
_refine.diff_density_min_esd                     ? 
_refine.diff_density_rms                         ? 
_refine.diff_density_rms_esd                     ? 
_refine.entry_id                                 7ZOS 
_refine.pdbx_refine_id                           'X-RAY DIFFRACTION' 
_refine.ls_abs_structure_details                 ? 
_refine.ls_abs_structure_Flack                   ? 
_refine.ls_abs_structure_Flack_esd               ? 
_refine.ls_abs_structure_Rogers                  ? 
_refine.ls_abs_structure_Rogers_esd              ? 
_refine.ls_d_res_high                            1.90 
_refine.ls_d_res_low                             47.90 
_refine.ls_extinction_coef                       ? 
_refine.ls_extinction_coef_esd                   ? 
_refine.ls_extinction_expression                 ? 
_refine.ls_extinction_method                     ? 
_refine.ls_goodness_of_fit_all                   ? 
_refine.ls_goodness_of_fit_all_esd               ? 
_refine.ls_goodness_of_fit_obs                   ? 
_refine.ls_goodness_of_fit_obs_esd               ? 
_refine.ls_hydrogen_treatment                    ? 
_refine.ls_matrix_type                           ? 
_refine.ls_number_constraints                    ? 
_refine.ls_number_parameters                     ? 
_refine.ls_number_reflns_all                     ? 
_refine.ls_number_reflns_obs                     18440 
_refine.ls_number_reflns_R_free                  969 
_refine.ls_number_reflns_R_work                  17471 
_refine.ls_number_restraints                     ? 
_refine.ls_percent_reflns_obs                    99.97 
_refine.ls_percent_reflns_R_free                 5.25 
_refine.ls_R_factor_all                          ? 
_refine.ls_R_factor_obs                          0.2038 
_refine.ls_R_factor_R_free                       0.2353 
_refine.ls_R_factor_R_free_error                 ? 
_refine.ls_R_factor_R_free_error_details         ? 
_refine.ls_R_factor_R_work                       0.2027 
_refine.ls_R_Fsqd_factor_obs                     ? 
_refine.ls_R_I_factor_obs                        ? 
_refine.ls_redundancy_reflns_all                 ? 
_refine.ls_redundancy_reflns_obs                 ? 
_refine.ls_restrained_S_all                      ? 
_refine.ls_restrained_S_obs                      ? 
_refine.ls_shift_over_esd_max                    ? 
_refine.ls_shift_over_esd_mean                   ? 
_refine.ls_structure_factor_coef                 ? 
_refine.ls_weighting_details                     ? 
_refine.ls_weighting_scheme                      ? 
_refine.ls_wR_factor_all                         ? 
_refine.ls_wR_factor_obs                         ? 
_refine.ls_wR_factor_R_free                      ? 
_refine.ls_wR_factor_R_work                      ? 
_refine.occupancy_max                            ? 
_refine.occupancy_min                            ? 
_refine.solvent_model_details                    'FLAT BULK SOLVENT MODEL' 
_refine.solvent_model_param_bsol                 ? 
_refine.solvent_model_param_ksol                 ? 
_refine.pdbx_R_complete                          ? 
_refine.ls_R_factor_gt                           ? 
_refine.ls_goodness_of_fit_gt                    ? 
_refine.ls_goodness_of_fit_ref                   ? 
_refine.ls_shift_over_su_max                     ? 
_refine.ls_shift_over_su_max_lt                  ? 
_refine.ls_shift_over_su_mean                    ? 
_refine.ls_shift_over_su_mean_lt                 ? 
_refine.pdbx_ls_sigma_I                          ? 
_refine.pdbx_ls_sigma_F                          1.36 
_refine.pdbx_ls_sigma_Fsqd                       ? 
_refine.pdbx_data_cutoff_high_absF               ? 
_refine.pdbx_data_cutoff_high_rms_absF           ? 
_refine.pdbx_data_cutoff_low_absF                ? 
_refine.pdbx_isotropic_thermal_model             ? 
_refine.pdbx_ls_cross_valid_method               'FREE R-VALUE' 
_refine.pdbx_method_to_determine_struct          'MOLECULAR REPLACEMENT' 
_refine.pdbx_starting_model                      3zhw 
_refine.pdbx_stereochemistry_target_values       'CDL v1.2' 
_refine.pdbx_R_Free_selection_details            ? 
_refine.pdbx_stereochem_target_val_spec_case     ? 
_refine.pdbx_overall_ESU_R                       ? 
_refine.pdbx_overall_ESU_R_Free                  ? 
_refine.pdbx_solvent_vdw_probe_radii             1.1100 
_refine.pdbx_solvent_ion_probe_radii             ? 
_refine.pdbx_solvent_shrinkage_radii             0.9000 
_refine.pdbx_real_space_R                        ? 
_refine.pdbx_density_correlation                 ? 
_refine.pdbx_pd_number_of_powder_patterns        ? 
_refine.pdbx_pd_number_of_points                 ? 
_refine.pdbx_pd_meas_number_of_points            ? 
_refine.pdbx_pd_proc_ls_prof_R_factor            ? 
_refine.pdbx_pd_proc_ls_prof_wR_factor           ? 
_refine.pdbx_pd_Marquardt_correlation_coeff      ? 
_refine.pdbx_pd_Fsqrd_R_factor                   ? 
_refine.pdbx_pd_ls_matrix_band_width             ? 
_refine.pdbx_overall_phase_error                 24.2442 
_refine.pdbx_overall_SU_R_free_Cruickshank_DPI   ? 
_refine.pdbx_overall_SU_R_free_Blow_DPI          ? 
_refine.pdbx_overall_SU_R_Blow_DPI               ? 
_refine.pdbx_TLS_residual_ADP_flag               ? 
_refine.pdbx_diffrn_id                           1 
_refine.overall_SU_B                             ? 
_refine.overall_SU_ML                            0.1629 
_refine.overall_SU_R_Cruickshank_DPI             ? 
_refine.overall_SU_R_free                        ? 
_refine.overall_FOM_free_R_set                   ? 
_refine.overall_FOM_work_R_set                   ? 
_refine.pdbx_average_fsc_overall                 ? 
_refine.pdbx_average_fsc_work                    ? 
_refine.pdbx_average_fsc_free                    ? 
# 
_refine_hist.pdbx_refine_id                   'X-RAY DIFFRACTION' 
_refine_hist.cycle_id                         LAST 
_refine_hist.details                          ? 
_refine_hist.d_res_high                       1.90 
_refine_hist.d_res_low                        47.90 
_refine_hist.number_atoms_solvent             95 
_refine_hist.number_atoms_total               1298 
_refine_hist.number_reflns_all                ? 
_refine_hist.number_reflns_obs                ? 
_refine_hist.number_reflns_R_free             ? 
_refine_hist.number_reflns_R_work             ? 
_refine_hist.R_factor_all                     ? 
_refine_hist.R_factor_obs                     ? 
_refine_hist.R_factor_R_free                  ? 
_refine_hist.R_factor_R_work                  ? 
_refine_hist.pdbx_number_residues_total       ? 
_refine_hist.pdbx_B_iso_mean_ligand           ? 
_refine_hist.pdbx_B_iso_mean_solvent          ? 
_refine_hist.pdbx_number_atoms_protein        1145 
_refine_hist.pdbx_number_atoms_nucleic_acid   0 
_refine_hist.pdbx_number_atoms_ligand         58 
_refine_hist.pdbx_number_atoms_lipid          ? 
_refine_hist.pdbx_number_atoms_carb           ? 
_refine_hist.pdbx_pseudo_atom_details         ? 
# 
loop_
_refine_ls_restr.pdbx_refine_id 
_refine_ls_restr.criterion 
_refine_ls_restr.dev_ideal 
_refine_ls_restr.dev_ideal_target 
_refine_ls_restr.number 
_refine_ls_restr.rejects 
_refine_ls_restr.type 
_refine_ls_restr.weight 
_refine_ls_restr.pdbx_restraint_function 
'X-RAY DIFFRACTION' ? 0.0105 ? 1232 ? f_bond_d           ? ? 
'X-RAY DIFFRACTION' ? 1.4649 ? 1669 ? f_angle_d          ? ? 
'X-RAY DIFFRACTION' ? 0.0566 ? 178  ? f_chiral_restr     ? ? 
'X-RAY DIFFRACTION' ? 0.0065 ? 198  ? f_plane_restr      ? ? 
'X-RAY DIFFRACTION' ? 5.9939 ? 716  ? f_dihedral_angle_d ? ? 
# 
loop_
_refine_ls_shell.pdbx_refine_id 
_refine_ls_shell.d_res_high 
_refine_ls_shell.d_res_low 
_refine_ls_shell.number_reflns_all 
_refine_ls_shell.number_reflns_obs 
_refine_ls_shell.number_reflns_R_free 
_refine_ls_shell.number_reflns_R_work 
_refine_ls_shell.percent_reflns_obs 
_refine_ls_shell.percent_reflns_R_free 
_refine_ls_shell.R_factor_all 
_refine_ls_shell.R_factor_obs 
_refine_ls_shell.R_factor_R_free 
_refine_ls_shell.R_factor_R_free_error 
_refine_ls_shell.R_factor_R_work 
_refine_ls_shell.redundancy_reflns_all 
_refine_ls_shell.redundancy_reflns_obs 
_refine_ls_shell.wR_factor_all 
_refine_ls_shell.wR_factor_obs 
_refine_ls_shell.wR_factor_R_free 
_refine_ls_shell.wR_factor_R_work 
_refine_ls_shell.pdbx_R_complete 
_refine_ls_shell.pdbx_total_number_of_bins_used 
_refine_ls_shell.pdbx_phase_error 
_refine_ls_shell.pdbx_fsc_work 
_refine_ls_shell.pdbx_fsc_free 
'X-RAY DIFFRACTION' 1.90 2.00 . . 136 2443 100.00 . . . 0.2922 . 0.2563 . . . . . . . . . . . 
'X-RAY DIFFRACTION' 2.00 2.13 . . 130 2441 100.00 . . . 0.2668 . 0.2306 . . . . . . . . . . . 
'X-RAY DIFFRACTION' 2.13 2.29 . . 134 2463 99.92  . . . 0.2451 . 0.2093 . . . . . . . . . . . 
'X-RAY DIFFRACTION' 2.29 2.52 . . 144 2460 100.00 . . . 0.2796 . 0.2120 . . . . . . . . . . . 
'X-RAY DIFFRACTION' 2.52 2.89 . . 121 2501 100.00 . . . 0.2327 . 0.2112 . . . . . . . . . . . 
'X-RAY DIFFRACTION' 2.89 3.64 . . 150 2503 100.00 . . . 0.2334 . 0.2227 . . . . . . . . . . . 
'X-RAY DIFFRACTION' 3.64 47.9 . . 154 2660 99.89  . . . 0.2197 . 0.1797 . . . . . . . . . . . 
# 
_struct.entry_id                     7ZOS 
_struct.title                        'Class 1 Phytoglobin from Sugar beet (BvPgb1.2)' 
_struct.pdbx_model_details           ? 
_struct.pdbx_formula_weight          ? 
_struct.pdbx_formula_weight_method   ? 
_struct.pdbx_model_type_details      ? 
_struct.pdbx_CASP_flag               N 
# 
_struct_keywords.entry_id        7ZOS 
_struct_keywords.text            'Plant Hemoglobin, Phytoglobin, Nitrogen Metabolism, Redox balance, OXYGEN BINDING' 
_struct_keywords.pdbx_keywords   'OXYGEN BINDING' 
# 
loop_
_struct_asym.id 
_struct_asym.pdbx_blank_PDB_chainid_flag 
_struct_asym.pdbx_modified 
_struct_asym.entity_id 
_struct_asym.details 
A N N 1 ? 
B N N 2 ? 
C N N 3 ? 
D N N 4 ? 
E N N 5 ? 
# 
_struct_ref.id                         1 
_struct_ref.db_name                    UNP 
_struct_ref.db_code                    V5QR23_BETVV 
_struct_ref.pdbx_db_accession          V5QR23 
_struct_ref.pdbx_db_isoform            ? 
_struct_ref.entity_id                  1 
_struct_ref.pdbx_seq_one_letter_code   
;MSFTNVNYPASDGTVIFTEEQEALVVQSWNVMKKNSAELGLKLFLKIFEIAPTAKKMFSFVRDSDVPLEQNQKLKGHAMS
VFVMTCKSAAQLRKAGKVTFGESSLKHMGSVHLKYGVVDEHFEVTRFALLETIKEAVPEMWSPEMKNAWAEAFNHLVAAI
KAEMQRLSTQP
;
_struct_ref.pdbx_align_begin           1 
# 
_struct_ref_seq.align_id                      1 
_struct_ref_seq.ref_id                        1 
_struct_ref_seq.pdbx_PDB_id_code              7ZOS 
_struct_ref_seq.pdbx_strand_id                A 
_struct_ref_seq.seq_align_beg                 1 
_struct_ref_seq.pdbx_seq_align_beg_ins_code   ? 
_struct_ref_seq.seq_align_end                 171 
_struct_ref_seq.pdbx_seq_align_end_ins_code   ? 
_struct_ref_seq.pdbx_db_accession             V5QR23 
_struct_ref_seq.db_align_beg                  1 
_struct_ref_seq.pdbx_db_align_beg_ins_code    ? 
_struct_ref_seq.db_align_end                  171 
_struct_ref_seq.pdbx_db_align_end_ins_code    ? 
_struct_ref_seq.pdbx_auth_seq_align_beg       -7 
_struct_ref_seq.pdbx_auth_seq_align_end       163 
# 
_pdbx_struct_assembly.id                   1 
_pdbx_struct_assembly.details              author_and_software_defined_assembly 
_pdbx_struct_assembly.method_details       PISA 
_pdbx_struct_assembly.oligomeric_details   monomeric 
_pdbx_struct_assembly.oligomeric_count     1 
# 
loop_
_pdbx_struct_assembly_prop.biol_id 
_pdbx_struct_assembly_prop.type 
_pdbx_struct_assembly_prop.value 
_pdbx_struct_assembly_prop.details 
1 'ABSA (A^2)' 1680 ? 
1 MORE         -22  ? 
1 'SSA (A^2)'  8170 ? 
# 
_pdbx_struct_assembly_gen.assembly_id       1 
_pdbx_struct_assembly_gen.oper_expression   1 
_pdbx_struct_assembly_gen.asym_id_list      A,B,C,D,E 
# 
_pdbx_struct_assembly_auth_evidence.id                     1 
_pdbx_struct_assembly_auth_evidence.assembly_id            1 
_pdbx_struct_assembly_auth_evidence.experimental_support   'gel filtration' 
_pdbx_struct_assembly_auth_evidence.details                
'Gel filtration (Size Exclusion Chromatography) has been performed. This relieved a close to complete dimerization of the protein.' 
# 
_pdbx_struct_oper_list.id                   1 
_pdbx_struct_oper_list.type                 'identity operation' 
_pdbx_struct_oper_list.name                 1_555 
_pdbx_struct_oper_list.symmetry_operation   x,y,z 
_pdbx_struct_oper_list.matrix[1][1]         1.0000000000 
_pdbx_struct_oper_list.matrix[1][2]         0.0000000000 
_pdbx_struct_oper_list.matrix[1][3]         0.0000000000 
_pdbx_struct_oper_list.vector[1]            0.0000000000 
_pdbx_struct_oper_list.matrix[2][1]         0.0000000000 
_pdbx_struct_oper_list.matrix[2][2]         1.0000000000 
_pdbx_struct_oper_list.matrix[2][3]         0.0000000000 
_pdbx_struct_oper_list.vector[2]            0.0000000000 
_pdbx_struct_oper_list.matrix[3][1]         0.0000000000 
_pdbx_struct_oper_list.matrix[3][2]         0.0000000000 
_pdbx_struct_oper_list.matrix[3][3]         1.0000000000 
_pdbx_struct_oper_list.vector[3]            0.0000000000 
# 
loop_
_struct_conf.conf_type_id 
_struct_conf.id 
_struct_conf.pdbx_PDB_helix_id 
_struct_conf.beg_label_comp_id 
_struct_conf.beg_label_asym_id 
_struct_conf.beg_label_seq_id 
_struct_conf.pdbx_beg_PDB_ins_code 
_struct_conf.end_label_comp_id 
_struct_conf.end_label_asym_id 
_struct_conf.end_label_seq_id 
_struct_conf.pdbx_end_PDB_ins_code 
_struct_conf.beg_auth_comp_id 
_struct_conf.beg_auth_asym_id 
_struct_conf.beg_auth_seq_id 
_struct_conf.end_auth_comp_id 
_struct_conf.end_auth_asym_id 
_struct_conf.end_auth_seq_id 
_struct_conf.pdbx_PDB_helix_class 
_struct_conf.details 
_struct_conf.pdbx_PDB_helix_length 
HELX_P HELX_P1 AA1 THR A 18  ? LYS A 33  ? THR A 10  LYS A 25  1 ? 16 
HELX_P HELX_P2 AA2 ASN A 35  ? ALA A 51  ? ASN A 27  ALA A 43  1 ? 17 
HELX_P HELX_P3 AA3 PRO A 52  ? SER A 59  ? PRO A 44  SER A 51  5 ? 8  
HELX_P HELX_P4 AA4 GLN A 72  ? GLY A 96  ? GLN A 64  GLY A 88  1 ? 25 
HELX_P HELX_P5 AA5 GLY A 101 ? GLY A 116 ? GLY A 93  GLY A 108 1 ? 16 
HELX_P HELX_P6 AA6 VAL A 118 ? VAL A 137 ? VAL A 110 VAL A 129 1 ? 20 
HELX_P HELX_P7 AA7 SER A 142 ? THR A 169 ? SER A 134 THR A 161 1 ? 28 
# 
_struct_conf_type.id          HELX_P 
_struct_conf_type.criteria    ? 
_struct_conf_type.reference   ? 
# 
loop_
_struct_conn.id 
_struct_conn.conn_type_id 
_struct_conn.pdbx_leaving_atom_flag 
_struct_conn.pdbx_PDB_id 
_struct_conn.ptnr1_label_asym_id 
_struct_conn.ptnr1_label_comp_id 
_struct_conn.ptnr1_label_seq_id 
_struct_conn.ptnr1_label_atom_id 
_struct_conn.pdbx_ptnr1_label_alt_id 
_struct_conn.pdbx_ptnr1_PDB_ins_code 
_struct_conn.pdbx_ptnr1_standard_comp_id 
_struct_conn.ptnr1_symmetry 
_struct_conn.ptnr2_label_asym_id 
_struct_conn.ptnr2_label_comp_id 
_struct_conn.ptnr2_label_seq_id 
_struct_conn.ptnr2_label_atom_id 
_struct_conn.pdbx_ptnr2_label_alt_id 
_struct_conn.pdbx_ptnr2_PDB_ins_code 
_struct_conn.ptnr1_auth_asym_id 
_struct_conn.ptnr1_auth_comp_id 
_struct_conn.ptnr1_auth_seq_id 
_struct_conn.ptnr2_auth_asym_id 
_struct_conn.ptnr2_auth_comp_id 
_struct_conn.ptnr2_auth_seq_id 
_struct_conn.ptnr2_symmetry 
_struct_conn.pdbx_ptnr3_label_atom_id 
_struct_conn.pdbx_ptnr3_label_seq_id 
_struct_conn.pdbx_ptnr3_label_comp_id 
_struct_conn.pdbx_ptnr3_label_asym_id 
_struct_conn.pdbx_ptnr3_label_alt_id 
_struct_conn.pdbx_ptnr3_PDB_ins_code 
_struct_conn.details 
_struct_conn.pdbx_dist_value 
_struct_conn.pdbx_value_order 
_struct_conn.pdbx_role 
metalc1 metalc ? ? A HIS 77  NE2 ? ? ? 1_555 B HEM . FE ? ? A HIS 69  A HEM 201 1_555 ? ? ? ? ? ? ? 2.054 ? ? 
metalc2 metalc ? ? A HIS 112 NE2 ? ? ? 1_555 B HEM . FE ? ? A HIS 104 A HEM 201 1_555 ? ? ? ? ? ? ? 2.072 ? ? 
# 
_struct_conn_type.id          metalc 
_struct_conn_type.criteria    ? 
_struct_conn_type.reference   ? 
# 
loop_
_pdbx_struct_conn_angle.id 
_pdbx_struct_conn_angle.ptnr1_label_atom_id 
_pdbx_struct_conn_angle.ptnr1_label_alt_id 
_pdbx_struct_conn_angle.ptnr1_label_asym_id 
_pdbx_struct_conn_angle.ptnr1_label_comp_id 
_pdbx_struct_conn_angle.ptnr1_label_seq_id 
_pdbx_struct_conn_angle.ptnr1_auth_atom_id 
_pdbx_struct_conn_angle.ptnr1_auth_asym_id 
_pdbx_struct_conn_angle.ptnr1_auth_comp_id 
_pdbx_struct_conn_angle.ptnr1_auth_seq_id 
_pdbx_struct_conn_angle.ptnr1_PDB_ins_code 
_pdbx_struct_conn_angle.ptnr1_symmetry 
_pdbx_struct_conn_angle.ptnr2_label_atom_id 
_pdbx_struct_conn_angle.ptnr2_label_alt_id 
_pdbx_struct_conn_angle.ptnr2_label_asym_id 
_pdbx_struct_conn_angle.ptnr2_label_comp_id 
_pdbx_struct_conn_angle.ptnr2_label_seq_id 
_pdbx_struct_conn_angle.ptnr2_auth_atom_id 
_pdbx_struct_conn_angle.ptnr2_auth_asym_id 
_pdbx_struct_conn_angle.ptnr2_auth_comp_id 
_pdbx_struct_conn_angle.ptnr2_auth_seq_id 
_pdbx_struct_conn_angle.ptnr2_PDB_ins_code 
_pdbx_struct_conn_angle.ptnr2_symmetry 
_pdbx_struct_conn_angle.ptnr3_label_atom_id 
_pdbx_struct_conn_angle.ptnr3_label_alt_id 
_pdbx_struct_conn_angle.ptnr3_label_asym_id 
_pdbx_struct_conn_angle.ptnr3_label_comp_id 
_pdbx_struct_conn_angle.ptnr3_label_seq_id 
_pdbx_struct_conn_angle.ptnr3_auth_atom_id 
_pdbx_struct_conn_angle.ptnr3_auth_asym_id 
_pdbx_struct_conn_angle.ptnr3_auth_comp_id 
_pdbx_struct_conn_angle.ptnr3_auth_seq_id 
_pdbx_struct_conn_angle.ptnr3_PDB_ins_code 
_pdbx_struct_conn_angle.ptnr3_symmetry 
_pdbx_struct_conn_angle.value 
_pdbx_struct_conn_angle.value_esd 
1  NE2 ? A HIS 77 ? A HIS 69  ? 1_555 FE ? B HEM . ? A HEM 201 ? 1_555 NA  ? B HEM .   ? A HEM 201 ? 1_555 94.2  ? 
2  NE2 ? A HIS 77 ? A HIS 69  ? 1_555 FE ? B HEM . ? A HEM 201 ? 1_555 NB  ? B HEM .   ? A HEM 201 ? 1_555 91.4  ? 
3  NA  ? B HEM .  ? A HEM 201 ? 1_555 FE ? B HEM . ? A HEM 201 ? 1_555 NB  ? B HEM .   ? A HEM 201 ? 1_555 86.6  ? 
4  NE2 ? A HIS 77 ? A HIS 69  ? 1_555 FE ? B HEM . ? A HEM 201 ? 1_555 NC  ? B HEM .   ? A HEM 201 ? 1_555 84.6  ? 
5  NA  ? B HEM .  ? A HEM 201 ? 1_555 FE ? B HEM . ? A HEM 201 ? 1_555 NC  ? B HEM .   ? A HEM 201 ? 1_555 178.6 ? 
6  NB  ? B HEM .  ? A HEM 201 ? 1_555 FE ? B HEM . ? A HEM 201 ? 1_555 NC  ? B HEM .   ? A HEM 201 ? 1_555 94.2  ? 
7  NE2 ? A HIS 77 ? A HIS 69  ? 1_555 FE ? B HEM . ? A HEM 201 ? 1_555 ND  ? B HEM .   ? A HEM 201 ? 1_555 85.7  ? 
8  NA  ? B HEM .  ? A HEM 201 ? 1_555 FE ? B HEM . ? A HEM 201 ? 1_555 ND  ? B HEM .   ? A HEM 201 ? 1_555 93.3  ? 
9  NB  ? B HEM .  ? A HEM 201 ? 1_555 FE ? B HEM . ? A HEM 201 ? 1_555 ND  ? B HEM .   ? A HEM 201 ? 1_555 177.1 ? 
10 NC  ? B HEM .  ? A HEM 201 ? 1_555 FE ? B HEM . ? A HEM 201 ? 1_555 ND  ? B HEM .   ? A HEM 201 ? 1_555 85.8  ? 
11 NE2 ? A HIS 77 ? A HIS 69  ? 1_555 FE ? B HEM . ? A HEM 201 ? 1_555 NE2 ? A HIS 112 ? A HIS 104 ? 1_555 173.7 ? 
12 NA  ? B HEM .  ? A HEM 201 ? 1_555 FE ? B HEM . ? A HEM 201 ? 1_555 NE2 ? A HIS 112 ? A HIS 104 ? 1_555 92.0  ? 
13 NB  ? B HEM .  ? A HEM 201 ? 1_555 FE ? B HEM . ? A HEM 201 ? 1_555 NE2 ? A HIS 112 ? A HIS 104 ? 1_555 90.1  ? 
14 NC  ? B HEM .  ? A HEM 201 ? 1_555 FE ? B HEM . ? A HEM 201 ? 1_555 NE2 ? A HIS 112 ? A HIS 104 ? 1_555 89.2  ? 
15 ND  ? B HEM .  ? A HEM 201 ? 1_555 FE ? B HEM . ? A HEM 201 ? 1_555 NE2 ? A HIS 112 ? A HIS 104 ? 1_555 92.8  ? 
# 
loop_
_pdbx_validate_close_contact.id 
_pdbx_validate_close_contact.PDB_model_num 
_pdbx_validate_close_contact.auth_atom_id_1 
_pdbx_validate_close_contact.auth_asym_id_1 
_pdbx_validate_close_contact.auth_comp_id_1 
_pdbx_validate_close_contact.auth_seq_id_1 
_pdbx_validate_close_contact.PDB_ins_code_1 
_pdbx_validate_close_contact.label_alt_id_1 
_pdbx_validate_close_contact.auth_atom_id_2 
_pdbx_validate_close_contact.auth_asym_id_2 
_pdbx_validate_close_contact.auth_comp_id_2 
_pdbx_validate_close_contact.auth_seq_id_2 
_pdbx_validate_close_contact.PDB_ins_code_2 
_pdbx_validate_close_contact.label_alt_id_2 
_pdbx_validate_close_contact.dist 
1 1 SG  A CYS 78  ? ? N   A CYN 202 ? ? 1.63 
2 1 SG  A CYS 78  ? ? C   A CYN 202 ? ? 1.69 
3 1 SD  A MET 76  ? ? C21 A FC6 203 ? ? 1.73 
4 1 SD  A MET 76  ? ? N25 A FC6 203 ? ? 1.83 
5 1 CB  A CYS 78  ? ? N   A CYN 202 ? ? 2.09 
6 1 OE2 A GLU 143 ? ? O   A HOH 301 ? ? 2.15 
# 
loop_
_space_group_symop.id 
_space_group_symop.operation_xyz 
1 x,y,z           
2 -y+1/2,x+1/2,z  
3 y+1/2,-x+1/2,z  
4 x+1/2,-y+1/2,-z 
5 -x+1/2,y+1/2,-z 
6 -x,-y,z         
7 y,x,-z          
8 -y,-x,-z        
# 
_pdbx_entry_details.entry_id                 7ZOS 
_pdbx_entry_details.has_ligand_of_interest   Y 
_pdbx_entry_details.compound_details         ? 
_pdbx_entry_details.source_details           ? 
_pdbx_entry_details.nonpolymer_details       ? 
_pdbx_entry_details.sequence_details         ? 
# 
loop_
_pdbx_unobs_or_zero_occ_residues.id 
_pdbx_unobs_or_zero_occ_residues.PDB_model_num 
_pdbx_unobs_or_zero_occ_residues.polymer_flag 
_pdbx_unobs_or_zero_occ_residues.occupancy_flag 
_pdbx_unobs_or_zero_occ_residues.auth_asym_id 
_pdbx_unobs_or_zero_occ_residues.auth_comp_id 
_pdbx_unobs_or_zero_occ_residues.auth_seq_id 
_pdbx_unobs_or_zero_occ_residues.PDB_ins_code 
_pdbx_unobs_or_zero_occ_residues.label_asym_id 
_pdbx_unobs_or_zero_occ_residues.label_comp_id 
_pdbx_unobs_or_zero_occ_residues.label_seq_id 
1  1 Y 1 A MET -7  ? A MET 1   
2  1 Y 1 A SER -6  ? A SER 2   
3  1 Y 1 A PHE -5  ? A PHE 3   
4  1 Y 1 A THR -4  ? A THR 4   
5  1 Y 1 A ASN -3  ? A ASN 5   
6  1 Y 1 A VAL -2  ? A VAL 6   
7  1 Y 1 A ASN -1  ? A ASN 7   
8  1 Y 1 A TYR 0   ? A TYR 8   
9  1 Y 1 A PRO 1   ? A PRO 9   
10 1 Y 1 A ALA 2   ? A ALA 10  
11 1 Y 1 A SER 3   ? A SER 11  
12 1 Y 1 A ASP 4   ? A ASP 12  
13 1 Y 1 A GLY 5   ? A GLY 13  
14 1 Y 1 A PHE 52  ? A PHE 60  
15 1 Y 1 A VAL 53  ? A VAL 61  
16 1 Y 1 A ARG 54  ? A ARG 62  
17 1 Y 1 A ASP 55  ? A ASP 63  
18 1 Y 1 A SER 56  ? A SER 64  
19 1 Y 1 A ASP 57  ? A ASP 65  
20 1 Y 1 A VAL 58  ? A VAL 66  
21 1 Y 1 A PRO 59  ? A PRO 67  
22 1 Y 1 A LEU 60  ? A LEU 68  
23 1 Y 1 A GLU 61  ? A GLU 69  
24 1 Y 1 A GLN 62  ? A GLN 70  
25 1 Y 1 A GLN 162 ? A GLN 170 
26 1 Y 1 A PRO 163 ? A PRO 171 
# 
loop_
_chem_comp_atom.comp_id 
_chem_comp_atom.atom_id 
_chem_comp_atom.type_symbol 
_chem_comp_atom.pdbx_aromatic_flag 
_chem_comp_atom.pdbx_stereo_config 
_chem_comp_atom.pdbx_ordinal 
ALA N    N  N N 1   
ALA CA   C  N S 2   
ALA C    C  N N 3   
ALA O    O  N N 4   
ALA CB   C  N N 5   
ALA OXT  O  N N 6   
ALA H    H  N N 7   
ALA H2   H  N N 8   
ALA HA   H  N N 9   
ALA HB1  H  N N 10  
ALA HB2  H  N N 11  
ALA HB3  H  N N 12  
ALA HXT  H  N N 13  
ARG N    N  N N 14  
ARG CA   C  N S 15  
ARG C    C  N N 16  
ARG O    O  N N 17  
ARG CB   C  N N 18  
ARG CG   C  N N 19  
ARG CD   C  N N 20  
ARG NE   N  N N 21  
ARG CZ   C  N N 22  
ARG NH1  N  N N 23  
ARG NH2  N  N N 24  
ARG OXT  O  N N 25  
ARG H    H  N N 26  
ARG H2   H  N N 27  
ARG HA   H  N N 28  
ARG HB2  H  N N 29  
ARG HB3  H  N N 30  
ARG HG2  H  N N 31  
ARG HG3  H  N N 32  
ARG HD2  H  N N 33  
ARG HD3  H  N N 34  
ARG HE   H  N N 35  
ARG HH11 H  N N 36  
ARG HH12 H  N N 37  
ARG HH21 H  N N 38  
ARG HH22 H  N N 39  
ARG HXT  H  N N 40  
ASN N    N  N N 41  
ASN CA   C  N S 42  
ASN C    C  N N 43  
ASN O    O  N N 44  
ASN CB   C  N N 45  
ASN CG   C  N N 46  
ASN OD1  O  N N 47  
ASN ND2  N  N N 48  
ASN OXT  O  N N 49  
ASN H    H  N N 50  
ASN H2   H  N N 51  
ASN HA   H  N N 52  
ASN HB2  H  N N 53  
ASN HB3  H  N N 54  
ASN HD21 H  N N 55  
ASN HD22 H  N N 56  
ASN HXT  H  N N 57  
ASP N    N  N N 58  
ASP CA   C  N S 59  
ASP C    C  N N 60  
ASP O    O  N N 61  
ASP CB   C  N N 62  
ASP CG   C  N N 63  
ASP OD1  O  N N 64  
ASP OD2  O  N N 65  
ASP OXT  O  N N 66  
ASP H    H  N N 67  
ASP H2   H  N N 68  
ASP HA   H  N N 69  
ASP HB2  H  N N 70  
ASP HB3  H  N N 71  
ASP HD2  H  N N 72  
ASP HXT  H  N N 73  
CYN C    C  N N 74  
CYN N    N  N N 75  
CYS N    N  N N 76  
CYS CA   C  N R 77  
CYS C    C  N N 78  
CYS O    O  N N 79  
CYS CB   C  N N 80  
CYS SG   S  N N 81  
CYS OXT  O  N N 82  
CYS H    H  N N 83  
CYS H2   H  N N 84  
CYS HA   H  N N 85  
CYS HB2  H  N N 86  
CYS HB3  H  N N 87  
CYS HG   H  N N 88  
CYS HXT  H  N N 89  
FC6 N24  N  N N 90  
FC6 C24  C  N N 91  
FC6 FE2  FE N N 92  
FC6 C21  C  N N 93  
FC6 N25  N  N N 94  
FC6 C22  C  N N 95  
FC6 N22  N  N N 96  
FC6 C26  C  N N 97  
FC6 N21  N  N N 98  
FC6 C23  C  N N 99  
FC6 N23  N  N N 100 
FC6 C11  C  N N 101 
FC6 N11  N  N N 102 
GLN N    N  N N 103 
GLN CA   C  N S 104 
GLN C    C  N N 105 
GLN O    O  N N 106 
GLN CB   C  N N 107 
GLN CG   C  N N 108 
GLN CD   C  N N 109 
GLN OE1  O  N N 110 
GLN NE2  N  N N 111 
GLN OXT  O  N N 112 
GLN H    H  N N 113 
GLN H2   H  N N 114 
GLN HA   H  N N 115 
GLN HB2  H  N N 116 
GLN HB3  H  N N 117 
GLN HG2  H  N N 118 
GLN HG3  H  N N 119 
GLN HE21 H  N N 120 
GLN HE22 H  N N 121 
GLN HXT  H  N N 122 
GLU N    N  N N 123 
GLU CA   C  N S 124 
GLU C    C  N N 125 
GLU O    O  N N 126 
GLU CB   C  N N 127 
GLU CG   C  N N 128 
GLU CD   C  N N 129 
GLU OE1  O  N N 130 
GLU OE2  O  N N 131 
GLU OXT  O  N N 132 
GLU H    H  N N 133 
GLU H2   H  N N 134 
GLU HA   H  N N 135 
GLU HB2  H  N N 136 
GLU HB3  H  N N 137 
GLU HG2  H  N N 138 
GLU HG3  H  N N 139 
GLU HE2  H  N N 140 
GLU HXT  H  N N 141 
GLY N    N  N N 142 
GLY CA   C  N N 143 
GLY C    C  N N 144 
GLY O    O  N N 145 
GLY OXT  O  N N 146 
GLY H    H  N N 147 
GLY H2   H  N N 148 
GLY HA2  H  N N 149 
GLY HA3  H  N N 150 
GLY HXT  H  N N 151 
HEM CHA  C  N N 152 
HEM CHB  C  N N 153 
HEM CHC  C  N N 154 
HEM CHD  C  N N 155 
HEM C1A  C  Y N 156 
HEM C2A  C  Y N 157 
HEM C3A  C  Y N 158 
HEM C4A  C  Y N 159 
HEM CMA  C  N N 160 
HEM CAA  C  N N 161 
HEM CBA  C  N N 162 
HEM CGA  C  N N 163 
HEM O1A  O  N N 164 
HEM O2A  O  N N 165 
HEM C1B  C  N N 166 
HEM C2B  C  N N 167 
HEM C3B  C  N N 168 
HEM C4B  C  N N 169 
HEM CMB  C  N N 170 
HEM CAB  C  N N 171 
HEM CBB  C  N N 172 
HEM C1C  C  Y N 173 
HEM C2C  C  Y N 174 
HEM C3C  C  Y N 175 
HEM C4C  C  Y N 176 
HEM CMC  C  N N 177 
HEM CAC  C  N N 178 
HEM CBC  C  N N 179 
HEM C1D  C  N N 180 
HEM C2D  C  N N 181 
HEM C3D  C  N N 182 
HEM C4D  C  N N 183 
HEM CMD  C  N N 184 
HEM CAD  C  N N 185 
HEM CBD  C  N N 186 
HEM CGD  C  N N 187 
HEM O1D  O  N N 188 
HEM O2D  O  N N 189 
HEM NA   N  Y N 190 
HEM NB   N  N N 191 
HEM NC   N  Y N 192 
HEM ND   N  N N 193 
HEM FE   FE N N 194 
HEM HHB  H  N N 195 
HEM HHC  H  N N 196 
HEM HHD  H  N N 197 
HEM HMA  H  N N 198 
HEM HMAA H  N N 199 
HEM HMAB H  N N 200 
HEM HAA  H  N N 201 
HEM HAAA H  N N 202 
HEM HBA  H  N N 203 
HEM HBAA H  N N 204 
HEM HMB  H  N N 205 
HEM HMBA H  N N 206 
HEM HMBB H  N N 207 
HEM HAB  H  N N 208 
HEM HBB  H  N N 209 
HEM HBBA H  N N 210 
HEM HMC  H  N N 211 
HEM HMCA H  N N 212 
HEM HMCB H  N N 213 
HEM HAC  H  N N 214 
HEM HBC  H  N N 215 
HEM HBCA H  N N 216 
HEM HMD  H  N N 217 
HEM HMDA H  N N 218 
HEM HMDB H  N N 219 
HEM HAD  H  N N 220 
HEM HADA H  N N 221 
HEM HBD  H  N N 222 
HEM HBDA H  N N 223 
HEM H2A  H  N N 224 
HEM H2D  H  N N 225 
HEM HHA  H  N N 226 
HIS N    N  N N 227 
HIS CA   C  N S 228 
HIS C    C  N N 229 
HIS O    O  N N 230 
HIS CB   C  N N 231 
HIS CG   C  Y N 232 
HIS ND1  N  Y N 233 
HIS CD2  C  Y N 234 
HIS CE1  C  Y N 235 
HIS NE2  N  Y N 236 
HIS OXT  O  N N 237 
HIS H    H  N N 238 
HIS H2   H  N N 239 
HIS HA   H  N N 240 
HIS HB2  H  N N 241 
HIS HB3  H  N N 242 
HIS HD1  H  N N 243 
HIS HD2  H  N N 244 
HIS HE1  H  N N 245 
HIS HE2  H  N N 246 
HIS HXT  H  N N 247 
HOH O    O  N N 248 
HOH H1   H  N N 249 
HOH H2   H  N N 250 
ILE N    N  N N 251 
ILE CA   C  N S 252 
ILE C    C  N N 253 
ILE O    O  N N 254 
ILE CB   C  N S 255 
ILE CG1  C  N N 256 
ILE CG2  C  N N 257 
ILE CD1  C  N N 258 
ILE OXT  O  N N 259 
ILE H    H  N N 260 
ILE H2   H  N N 261 
ILE HA   H  N N 262 
ILE HB   H  N N 263 
ILE HG12 H  N N 264 
ILE HG13 H  N N 265 
ILE HG21 H  N N 266 
ILE HG22 H  N N 267 
ILE HG23 H  N N 268 
ILE HD11 H  N N 269 
ILE HD12 H  N N 270 
ILE HD13 H  N N 271 
ILE HXT  H  N N 272 
LEU N    N  N N 273 
LEU CA   C  N S 274 
LEU C    C  N N 275 
LEU O    O  N N 276 
LEU CB   C  N N 277 
LEU CG   C  N N 278 
LEU CD1  C  N N 279 
LEU CD2  C  N N 280 
LEU OXT  O  N N 281 
LEU H    H  N N 282 
LEU H2   H  N N 283 
LEU HA   H  N N 284 
LEU HB2  H  N N 285 
LEU HB3  H  N N 286 
LEU HG   H  N N 287 
LEU HD11 H  N N 288 
LEU HD12 H  N N 289 
LEU HD13 H  N N 290 
LEU HD21 H  N N 291 
LEU HD22 H  N N 292 
LEU HD23 H  N N 293 
LEU HXT  H  N N 294 
LYS N    N  N N 295 
LYS CA   C  N S 296 
LYS C    C  N N 297 
LYS O    O  N N 298 
LYS CB   C  N N 299 
LYS CG   C  N N 300 
LYS CD   C  N N 301 
LYS CE   C  N N 302 
LYS NZ   N  N N 303 
LYS OXT  O  N N 304 
LYS H    H  N N 305 
LYS H2   H  N N 306 
LYS HA   H  N N 307 
LYS HB2  H  N N 308 
LYS HB3  H  N N 309 
LYS HG2  H  N N 310 
LYS HG3  H  N N 311 
LYS HD2  H  N N 312 
LYS HD3  H  N N 313 
LYS HE2  H  N N 314 
LYS HE3  H  N N 315 
LYS HZ1  H  N N 316 
LYS HZ2  H  N N 317 
LYS HZ3  H  N N 318 
LYS HXT  H  N N 319 
MET N    N  N N 320 
MET CA   C  N S 321 
MET C    C  N N 322 
MET O    O  N N 323 
MET CB   C  N N 324 
MET CG   C  N N 325 
MET SD   S  N N 326 
MET CE   C  N N 327 
MET OXT  O  N N 328 
MET H    H  N N 329 
MET H2   H  N N 330 
MET HA   H  N N 331 
MET HB2  H  N N 332 
MET HB3  H  N N 333 
MET HG2  H  N N 334 
MET HG3  H  N N 335 
MET HE1  H  N N 336 
MET HE2  H  N N 337 
MET HE3  H  N N 338 
MET HXT  H  N N 339 
PHE N    N  N N 340 
PHE CA   C  N S 341 
PHE C    C  N N 342 
PHE O    O  N N 343 
PHE CB   C  N N 344 
PHE CG   C  Y N 345 
PHE CD1  C  Y N 346 
PHE CD2  C  Y N 347 
PHE CE1  C  Y N 348 
PHE CE2  C  Y N 349 
PHE CZ   C  Y N 350 
PHE OXT  O  N N 351 
PHE H    H  N N 352 
PHE H2   H  N N 353 
PHE HA   H  N N 354 
PHE HB2  H  N N 355 
PHE HB3  H  N N 356 
PHE HD1  H  N N 357 
PHE HD2  H  N N 358 
PHE HE1  H  N N 359 
PHE HE2  H  N N 360 
PHE HZ   H  N N 361 
PHE HXT  H  N N 362 
PRO N    N  N N 363 
PRO CA   C  N S 364 
PRO C    C  N N 365 
PRO O    O  N N 366 
PRO CB   C  N N 367 
PRO CG   C  N N 368 
PRO CD   C  N N 369 
PRO OXT  O  N N 370 
PRO H    H  N N 371 
PRO HA   H  N N 372 
PRO HB2  H  N N 373 
PRO HB3  H  N N 374 
PRO HG2  H  N N 375 
PRO HG3  H  N N 376 
PRO HD2  H  N N 377 
PRO HD3  H  N N 378 
PRO HXT  H  N N 379 
SER N    N  N N 380 
SER CA   C  N S 381 
SER C    C  N N 382 
SER O    O  N N 383 
SER CB   C  N N 384 
SER OG   O  N N 385 
SER OXT  O  N N 386 
SER H    H  N N 387 
SER H2   H  N N 388 
SER HA   H  N N 389 
SER HB2  H  N N 390 
SER HB3  H  N N 391 
SER HG   H  N N 392 
SER HXT  H  N N 393 
THR N    N  N N 394 
THR CA   C  N S 395 
THR C    C  N N 396 
THR O    O  N N 397 
THR CB   C  N R 398 
THR OG1  O  N N 399 
THR CG2  C  N N 400 
THR OXT  O  N N 401 
THR H    H  N N 402 
THR H2   H  N N 403 
THR HA   H  N N 404 
THR HB   H  N N 405 
THR HG1  H  N N 406 
THR HG21 H  N N 407 
THR HG22 H  N N 408 
THR HG23 H  N N 409 
THR HXT  H  N N 410 
TRP N    N  N N 411 
TRP CA   C  N S 412 
TRP C    C  N N 413 
TRP O    O  N N 414 
TRP CB   C  N N 415 
TRP CG   C  Y N 416 
TRP CD1  C  Y N 417 
TRP CD2  C  Y N 418 
TRP NE1  N  Y N 419 
TRP CE2  C  Y N 420 
TRP CE3  C  Y N 421 
TRP CZ2  C  Y N 422 
TRP CZ3  C  Y N 423 
TRP CH2  C  Y N 424 
TRP OXT  O  N N 425 
TRP H    H  N N 426 
TRP H2   H  N N 427 
TRP HA   H  N N 428 
TRP HB2  H  N N 429 
TRP HB3  H  N N 430 
TRP HD1  H  N N 431 
TRP HE1  H  N N 432 
TRP HE3  H  N N 433 
TRP HZ2  H  N N 434 
TRP HZ3  H  N N 435 
TRP HH2  H  N N 436 
TRP HXT  H  N N 437 
TYR N    N  N N 438 
TYR CA   C  N S 439 
TYR C    C  N N 440 
TYR O    O  N N 441 
TYR CB   C  N N 442 
TYR CG   C  Y N 443 
TYR CD1  C  Y N 444 
TYR CD2  C  Y N 445 
TYR CE1  C  Y N 446 
TYR CE2  C  Y N 447 
TYR CZ   C  Y N 448 
TYR OH   O  N N 449 
TYR OXT  O  N N 450 
TYR H    H  N N 451 
TYR H2   H  N N 452 
TYR HA   H  N N 453 
TYR HB2  H  N N 454 
TYR HB3  H  N N 455 
TYR HD1  H  N N 456 
TYR HD2  H  N N 457 
TYR HE1  H  N N 458 
TYR HE2  H  N N 459 
TYR HH   H  N N 460 
TYR HXT  H  N N 461 
VAL N    N  N N 462 
VAL CA   C  N S 463 
VAL C    C  N N 464 
VAL O    O  N N 465 
VAL CB   C  N N 466 
VAL CG1  C  N N 467 
VAL CG2  C  N N 468 
VAL OXT  O  N N 469 
VAL H    H  N N 470 
VAL H2   H  N N 471 
VAL HA   H  N N 472 
VAL HB   H  N N 473 
VAL HG11 H  N N 474 
VAL HG12 H  N N 475 
VAL HG13 H  N N 476 
VAL HG21 H  N N 477 
VAL HG22 H  N N 478 
VAL HG23 H  N N 479 
VAL HXT  H  N N 480 
# 
loop_
_chem_comp_bond.comp_id 
_chem_comp_bond.atom_id_1 
_chem_comp_bond.atom_id_2 
_chem_comp_bond.value_order 
_chem_comp_bond.pdbx_aromatic_flag 
_chem_comp_bond.pdbx_stereo_config 
_chem_comp_bond.pdbx_ordinal 
ALA N   CA   sing N N 1   
ALA N   H    sing N N 2   
ALA N   H2   sing N N 3   
ALA CA  C    sing N N 4   
ALA CA  CB   sing N N 5   
ALA CA  HA   sing N N 6   
ALA C   O    doub N N 7   
ALA C   OXT  sing N N 8   
ALA CB  HB1  sing N N 9   
ALA CB  HB2  sing N N 10  
ALA CB  HB3  sing N N 11  
ALA OXT HXT  sing N N 12  
ARG N   CA   sing N N 13  
ARG N   H    sing N N 14  
ARG N   H2   sing N N 15  
ARG CA  C    sing N N 16  
ARG CA  CB   sing N N 17  
ARG CA  HA   sing N N 18  
ARG C   O    doub N N 19  
ARG C   OXT  sing N N 20  
ARG CB  CG   sing N N 21  
ARG CB  HB2  sing N N 22  
ARG CB  HB3  sing N N 23  
ARG CG  CD   sing N N 24  
ARG CG  HG2  sing N N 25  
ARG CG  HG3  sing N N 26  
ARG CD  NE   sing N N 27  
ARG CD  HD2  sing N N 28  
ARG CD  HD3  sing N N 29  
ARG NE  CZ   sing N N 30  
ARG NE  HE   sing N N 31  
ARG CZ  NH1  sing N N 32  
ARG CZ  NH2  doub N N 33  
ARG NH1 HH11 sing N N 34  
ARG NH1 HH12 sing N N 35  
ARG NH2 HH21 sing N N 36  
ARG NH2 HH22 sing N N 37  
ARG OXT HXT  sing N N 38  
ASN N   CA   sing N N 39  
ASN N   H    sing N N 40  
ASN N   H2   sing N N 41  
ASN CA  C    sing N N 42  
ASN CA  CB   sing N N 43  
ASN CA  HA   sing N N 44  
ASN C   O    doub N N 45  
ASN C   OXT  sing N N 46  
ASN CB  CG   sing N N 47  
ASN CB  HB2  sing N N 48  
ASN CB  HB3  sing N N 49  
ASN CG  OD1  doub N N 50  
ASN CG  ND2  sing N N 51  
ASN ND2 HD21 sing N N 52  
ASN ND2 HD22 sing N N 53  
ASN OXT HXT  sing N N 54  
ASP N   CA   sing N N 55  
ASP N   H    sing N N 56  
ASP N   H2   sing N N 57  
ASP CA  C    sing N N 58  
ASP CA  CB   sing N N 59  
ASP CA  HA   sing N N 60  
ASP C   O    doub N N 61  
ASP C   OXT  sing N N 62  
ASP CB  CG   sing N N 63  
ASP CB  HB2  sing N N 64  
ASP CB  HB3  sing N N 65  
ASP CG  OD1  doub N N 66  
ASP CG  OD2  sing N N 67  
ASP OD2 HD2  sing N N 68  
ASP OXT HXT  sing N N 69  
CYN C   N    trip N N 70  
CYS N   CA   sing N N 71  
CYS N   H    sing N N 72  
CYS N   H2   sing N N 73  
CYS CA  C    sing N N 74  
CYS CA  CB   sing N N 75  
CYS CA  HA   sing N N 76  
CYS C   O    doub N N 77  
CYS C   OXT  sing N N 78  
CYS CB  SG   sing N N 79  
CYS CB  HB2  sing N N 80  
CYS CB  HB3  sing N N 81  
CYS SG  HG   sing N N 82  
CYS OXT HXT  sing N N 83  
FC6 N24 C24  trip N N 84  
FC6 C24 FE2  sing N N 85  
FC6 FE2 C21  sing N N 86  
FC6 FE2 C22  sing N N 87  
FC6 FE2 C26  sing N N 88  
FC6 FE2 C23  sing N N 89  
FC6 FE2 C11  sing N N 90  
FC6 C21 N25  trip N N 91  
FC6 C22 N22  trip N N 92  
FC6 C26 N21  trip N N 93  
FC6 C23 N23  trip N N 94  
FC6 C11 N11  trip N N 95  
GLN N   CA   sing N N 96  
GLN N   H    sing N N 97  
GLN N   H2   sing N N 98  
GLN CA  C    sing N N 99  
GLN CA  CB   sing N N 100 
GLN CA  HA   sing N N 101 
GLN C   O    doub N N 102 
GLN C   OXT  sing N N 103 
GLN CB  CG   sing N N 104 
GLN CB  HB2  sing N N 105 
GLN CB  HB3  sing N N 106 
GLN CG  CD   sing N N 107 
GLN CG  HG2  sing N N 108 
GLN CG  HG3  sing N N 109 
GLN CD  OE1  doub N N 110 
GLN CD  NE2  sing N N 111 
GLN NE2 HE21 sing N N 112 
GLN NE2 HE22 sing N N 113 
GLN OXT HXT  sing N N 114 
GLU N   CA   sing N N 115 
GLU N   H    sing N N 116 
GLU N   H2   sing N N 117 
GLU CA  C    sing N N 118 
GLU CA  CB   sing N N 119 
GLU CA  HA   sing N N 120 
GLU C   O    doub N N 121 
GLU C   OXT  sing N N 122 
GLU CB  CG   sing N N 123 
GLU CB  HB2  sing N N 124 
GLU CB  HB3  sing N N 125 
GLU CG  CD   sing N N 126 
GLU CG  HG2  sing N N 127 
GLU CG  HG3  sing N N 128 
GLU CD  OE1  doub N N 129 
GLU CD  OE2  sing N N 130 
GLU OE2 HE2  sing N N 131 
GLU OXT HXT  sing N N 132 
GLY N   CA   sing N N 133 
GLY N   H    sing N N 134 
GLY N   H2   sing N N 135 
GLY CA  C    sing N N 136 
GLY CA  HA2  sing N N 137 
GLY CA  HA3  sing N N 138 
GLY C   O    doub N N 139 
GLY C   OXT  sing N N 140 
GLY OXT HXT  sing N N 141 
HEM CHA C1A  sing N N 142 
HEM CHA C4D  doub N N 143 
HEM CHA HHA  sing N N 144 
HEM CHB C4A  sing N N 145 
HEM CHB C1B  doub N N 146 
HEM CHB HHB  sing N N 147 
HEM CHC C4B  sing N N 148 
HEM CHC C1C  doub N N 149 
HEM CHC HHC  sing N N 150 
HEM CHD C4C  doub N N 151 
HEM CHD C1D  sing N N 152 
HEM CHD HHD  sing N N 153 
HEM C1A C2A  doub Y N 154 
HEM C1A NA   sing Y N 155 
HEM C2A C3A  sing Y N 156 
HEM C2A CAA  sing N N 157 
HEM C3A C4A  doub Y N 158 
HEM C3A CMA  sing N N 159 
HEM C4A NA   sing Y N 160 
HEM CMA HMA  sing N N 161 
HEM CMA HMAA sing N N 162 
HEM CMA HMAB sing N N 163 
HEM CAA CBA  sing N N 164 
HEM CAA HAA  sing N N 165 
HEM CAA HAAA sing N N 166 
HEM CBA CGA  sing N N 167 
HEM CBA HBA  sing N N 168 
HEM CBA HBAA sing N N 169 
HEM CGA O1A  doub N N 170 
HEM CGA O2A  sing N N 171 
HEM C1B C2B  sing N N 172 
HEM C1B NB   sing N N 173 
HEM C2B C3B  doub N N 174 
HEM C2B CMB  sing N N 175 
HEM C3B C4B  sing N N 176 
HEM C3B CAB  sing N N 177 
HEM C4B NB   doub N N 178 
HEM CMB HMB  sing N N 179 
HEM CMB HMBA sing N N 180 
HEM CMB HMBB sing N N 181 
HEM CAB CBB  doub N N 182 
HEM CAB HAB  sing N N 183 
HEM CBB HBB  sing N N 184 
HEM CBB HBBA sing N N 185 
HEM C1C C2C  sing Y N 186 
HEM C1C NC   sing Y N 187 
HEM C2C C3C  doub Y N 188 
HEM C2C CMC  sing N N 189 
HEM C3C C4C  sing Y N 190 
HEM C3C CAC  sing N N 191 
HEM C4C NC   sing Y N 192 
HEM CMC HMC  sing N N 193 
HEM CMC HMCA sing N N 194 
HEM CMC HMCB sing N N 195 
HEM CAC CBC  doub N N 196 
HEM CAC HAC  sing N N 197 
HEM CBC HBC  sing N N 198 
HEM CBC HBCA sing N N 199 
HEM C1D C2D  sing N N 200 
HEM C1D ND   doub N N 201 
HEM C2D C3D  doub N N 202 
HEM C2D CMD  sing N N 203 
HEM C3D C4D  sing N N 204 
HEM C3D CAD  sing N N 205 
HEM C4D ND   sing N N 206 
HEM CMD HMD  sing N N 207 
HEM CMD HMDA sing N N 208 
HEM CMD HMDB sing N N 209 
HEM CAD CBD  sing N N 210 
HEM CAD HAD  sing N N 211 
HEM CAD HADA sing N N 212 
HEM CBD CGD  sing N N 213 
HEM CBD HBD  sing N N 214 
HEM CBD HBDA sing N N 215 
HEM CGD O1D  doub N N 216 
HEM CGD O2D  sing N N 217 
HEM O2A H2A  sing N N 218 
HEM O2D H2D  sing N N 219 
HEM FE  NA   sing N N 220 
HEM FE  NB   sing N N 221 
HEM FE  NC   sing N N 222 
HEM FE  ND   sing N N 223 
HIS N   CA   sing N N 224 
HIS N   H    sing N N 225 
HIS N   H2   sing N N 226 
HIS CA  C    sing N N 227 
HIS CA  CB   sing N N 228 
HIS CA  HA   sing N N 229 
HIS C   O    doub N N 230 
HIS C   OXT  sing N N 231 
HIS CB  CG   sing N N 232 
HIS CB  HB2  sing N N 233 
HIS CB  HB3  sing N N 234 
HIS CG  ND1  sing Y N 235 
HIS CG  CD2  doub Y N 236 
HIS ND1 CE1  doub Y N 237 
HIS ND1 HD1  sing N N 238 
HIS CD2 NE2  sing Y N 239 
HIS CD2 HD2  sing N N 240 
HIS CE1 NE2  sing Y N 241 
HIS CE1 HE1  sing N N 242 
HIS NE2 HE2  sing N N 243 
HIS OXT HXT  sing N N 244 
HOH O   H1   sing N N 245 
HOH O   H2   sing N N 246 
ILE N   CA   sing N N 247 
ILE N   H    sing N N 248 
ILE N   H2   sing N N 249 
ILE CA  C    sing N N 250 
ILE CA  CB   sing N N 251 
ILE CA  HA   sing N N 252 
ILE C   O    doub N N 253 
ILE C   OXT  sing N N 254 
ILE CB  CG1  sing N N 255 
ILE CB  CG2  sing N N 256 
ILE CB  HB   sing N N 257 
ILE CG1 CD1  sing N N 258 
ILE CG1 HG12 sing N N 259 
ILE CG1 HG13 sing N N 260 
ILE CG2 HG21 sing N N 261 
ILE CG2 HG22 sing N N 262 
ILE CG2 HG23 sing N N 263 
ILE CD1 HD11 sing N N 264 
ILE CD1 HD12 sing N N 265 
ILE CD1 HD13 sing N N 266 
ILE OXT HXT  sing N N 267 
LEU N   CA   sing N N 268 
LEU N   H    sing N N 269 
LEU N   H2   sing N N 270 
LEU CA  C    sing N N 271 
LEU CA  CB   sing N N 272 
LEU CA  HA   sing N N 273 
LEU C   O    doub N N 274 
LEU C   OXT  sing N N 275 
LEU CB  CG   sing N N 276 
LEU CB  HB2  sing N N 277 
LEU CB  HB3  sing N N 278 
LEU CG  CD1  sing N N 279 
LEU CG  CD2  sing N N 280 
LEU CG  HG   sing N N 281 
LEU CD1 HD11 sing N N 282 
LEU CD1 HD12 sing N N 283 
LEU CD1 HD13 sing N N 284 
LEU CD2 HD21 sing N N 285 
LEU CD2 HD22 sing N N 286 
LEU CD2 HD23 sing N N 287 
LEU OXT HXT  sing N N 288 
LYS N   CA   sing N N 289 
LYS N   H    sing N N 290 
LYS N   H2   sing N N 291 
LYS CA  C    sing N N 292 
LYS CA  CB   sing N N 293 
LYS CA  HA   sing N N 294 
LYS C   O    doub N N 295 
LYS C   OXT  sing N N 296 
LYS CB  CG   sing N N 297 
LYS CB  HB2  sing N N 298 
LYS CB  HB3  sing N N 299 
LYS CG  CD   sing N N 300 
LYS CG  HG2  sing N N 301 
LYS CG  HG3  sing N N 302 
LYS CD  CE   sing N N 303 
LYS CD  HD2  sing N N 304 
LYS CD  HD3  sing N N 305 
LYS CE  NZ   sing N N 306 
LYS CE  HE2  sing N N 307 
LYS CE  HE3  sing N N 308 
LYS NZ  HZ1  sing N N 309 
LYS NZ  HZ2  sing N N 310 
LYS NZ  HZ3  sing N N 311 
LYS OXT HXT  sing N N 312 
MET N   CA   sing N N 313 
MET N   H    sing N N 314 
MET N   H2   sing N N 315 
MET CA  C    sing N N 316 
MET CA  CB   sing N N 317 
MET CA  HA   sing N N 318 
MET C   O    doub N N 319 
MET C   OXT  sing N N 320 
MET CB  CG   sing N N 321 
MET CB  HB2  sing N N 322 
MET CB  HB3  sing N N 323 
MET CG  SD   sing N N 324 
MET CG  HG2  sing N N 325 
MET CG  HG3  sing N N 326 
MET SD  CE   sing N N 327 
MET CE  HE1  sing N N 328 
MET CE  HE2  sing N N 329 
MET CE  HE3  sing N N 330 
MET OXT HXT  sing N N 331 
PHE N   CA   sing N N 332 
PHE N   H    sing N N 333 
PHE N   H2   sing N N 334 
PHE CA  C    sing N N 335 
PHE CA  CB   sing N N 336 
PHE CA  HA   sing N N 337 
PHE C   O    doub N N 338 
PHE C   OXT  sing N N 339 
PHE CB  CG   sing N N 340 
PHE CB  HB2  sing N N 341 
PHE CB  HB3  sing N N 342 
PHE CG  CD1  doub Y N 343 
PHE CG  CD2  sing Y N 344 
PHE CD1 CE1  sing Y N 345 
PHE CD1 HD1  sing N N 346 
PHE CD2 CE2  doub Y N 347 
PHE CD2 HD2  sing N N 348 
PHE CE1 CZ   doub Y N 349 
PHE CE1 HE1  sing N N 350 
PHE CE2 CZ   sing Y N 351 
PHE CE2 HE2  sing N N 352 
PHE CZ  HZ   sing N N 353 
PHE OXT HXT  sing N N 354 
PRO N   CA   sing N N 355 
PRO N   CD   sing N N 356 
PRO N   H    sing N N 357 
PRO CA  C    sing N N 358 
PRO CA  CB   sing N N 359 
PRO CA  HA   sing N N 360 
PRO C   O    doub N N 361 
PRO C   OXT  sing N N 362 
PRO CB  CG   sing N N 363 
PRO CB  HB2  sing N N 364 
PRO CB  HB3  sing N N 365 
PRO CG  CD   sing N N 366 
PRO CG  HG2  sing N N 367 
PRO CG  HG3  sing N N 368 
PRO CD  HD2  sing N N 369 
PRO CD  HD3  sing N N 370 
PRO OXT HXT  sing N N 371 
SER N   CA   sing N N 372 
SER N   H    sing N N 373 
SER N   H2   sing N N 374 
SER CA  C    sing N N 375 
SER CA  CB   sing N N 376 
SER CA  HA   sing N N 377 
SER C   O    doub N N 378 
SER C   OXT  sing N N 379 
SER CB  OG   sing N N 380 
SER CB  HB2  sing N N 381 
SER CB  HB3  sing N N 382 
SER OG  HG   sing N N 383 
SER OXT HXT  sing N N 384 
THR N   CA   sing N N 385 
THR N   H    sing N N 386 
THR N   H2   sing N N 387 
THR CA  C    sing N N 388 
THR CA  CB   sing N N 389 
THR CA  HA   sing N N 390 
THR C   O    doub N N 391 
THR C   OXT  sing N N 392 
THR CB  OG1  sing N N 393 
THR CB  CG2  sing N N 394 
THR CB  HB   sing N N 395 
THR OG1 HG1  sing N N 396 
THR CG2 HG21 sing N N 397 
THR CG2 HG22 sing N N 398 
THR CG2 HG23 sing N N 399 
THR OXT HXT  sing N N 400 
TRP N   CA   sing N N 401 
TRP N   H    sing N N 402 
TRP N   H2   sing N N 403 
TRP CA  C    sing N N 404 
TRP CA  CB   sing N N 405 
TRP CA  HA   sing N N 406 
TRP C   O    doub N N 407 
TRP C   OXT  sing N N 408 
TRP CB  CG   sing N N 409 
TRP CB  HB2  sing N N 410 
TRP CB  HB3  sing N N 411 
TRP CG  CD1  doub Y N 412 
TRP CG  CD2  sing Y N 413 
TRP CD1 NE1  sing Y N 414 
TRP CD1 HD1  sing N N 415 
TRP CD2 CE2  doub Y N 416 
TRP CD2 CE3  sing Y N 417 
TRP NE1 CE2  sing Y N 418 
TRP NE1 HE1  sing N N 419 
TRP CE2 CZ2  sing Y N 420 
TRP CE3 CZ3  doub Y N 421 
TRP CE3 HE3  sing N N 422 
TRP CZ2 CH2  doub Y N 423 
TRP CZ2 HZ2  sing N N 424 
TRP CZ3 CH2  sing Y N 425 
TRP CZ3 HZ3  sing N N 426 
TRP CH2 HH2  sing N N 427 
TRP OXT HXT  sing N N 428 
TYR N   CA   sing N N 429 
TYR N   H    sing N N 430 
TYR N   H2   sing N N 431 
TYR CA  C    sing N N 432 
TYR CA  CB   sing N N 433 
TYR CA  HA   sing N N 434 
TYR C   O    doub N N 435 
TYR C   OXT  sing N N 436 
TYR CB  CG   sing N N 437 
TYR CB  HB2  sing N N 438 
TYR CB  HB3  sing N N 439 
TYR CG  CD1  doub Y N 440 
TYR CG  CD2  sing Y N 441 
TYR CD1 CE1  sing Y N 442 
TYR CD1 HD1  sing N N 443 
TYR CD2 CE2  doub Y N 444 
TYR CD2 HD2  sing N N 445 
TYR CE1 CZ   doub Y N 446 
TYR CE1 HE1  sing N N 447 
TYR CE2 CZ   sing Y N 448 
TYR CE2 HE2  sing N N 449 
TYR CZ  OH   sing N N 450 
TYR OH  HH   sing N N 451 
TYR OXT HXT  sing N N 452 
VAL N   CA   sing N N 453 
VAL N   H    sing N N 454 
VAL N   H2   sing N N 455 
VAL CA  C    sing N N 456 
VAL CA  CB   sing N N 457 
VAL CA  HA   sing N N 458 
VAL C   O    doub N N 459 
VAL C   OXT  sing N N 460 
VAL CB  CG1  sing N N 461 
VAL CB  CG2  sing N N 462 
VAL CB  HB   sing N N 463 
VAL CG1 HG11 sing N N 464 
VAL CG1 HG12 sing N N 465 
VAL CG1 HG13 sing N N 466 
VAL CG2 HG21 sing N N 467 
VAL CG2 HG22 sing N N 468 
VAL CG2 HG23 sing N N 469 
VAL OXT HXT  sing N N 470 
# 
loop_
_pdbx_audit_support.funding_organization 
_pdbx_audit_support.country 
_pdbx_audit_support.grant_number 
_pdbx_audit_support.ordinal 
'Swedish Research Council'                      Sweden ? 1 
'The Swedish Foundation for Strategic Research' Sweden ? 2 
# 
_pdbx_entity_instance_feature.ordinal        1 
_pdbx_entity_instance_feature.comp_id        HEM 
_pdbx_entity_instance_feature.asym_id        ? 
_pdbx_entity_instance_feature.seq_num        ? 
_pdbx_entity_instance_feature.auth_comp_id   HEM 
_pdbx_entity_instance_feature.auth_asym_id   ? 
_pdbx_entity_instance_feature.auth_seq_num   ? 
_pdbx_entity_instance_feature.feature_type   'SUBJECT OF INVESTIGATION' 
_pdbx_entity_instance_feature.details        ? 
# 
_pdbx_initial_refinement_model.id               1 
_pdbx_initial_refinement_model.entity_id_list   ? 
_pdbx_initial_refinement_model.type             'experimental model' 
_pdbx_initial_refinement_model.source_name      PDB 
_pdbx_initial_refinement_model.accession_code   3ZHW 
_pdbx_initial_refinement_model.details          ? 
# 
_space_group.name_H-M_alt     'P 4 21 2' 
_space_group.name_Hall        'P 4ab 2ab' 
_space_group.IT_number        90 
_space_group.crystal_system   tetragonal 
_space_group.id               1 
# 
_atom_sites.entry_id                    7ZOS 
_atom_sites.Cartn_transf_matrix[1][1]   ? 
_atom_sites.Cartn_transf_matrix[1][2]   ? 
_atom_sites.Cartn_transf_matrix[1][3]   ? 
_atom_sites.Cartn_transf_matrix[2][1]   ? 
_atom_sites.Cartn_transf_matrix[2][2]   ? 
_atom_sites.Cartn_transf_matrix[2][3]   ? 
_atom_sites.Cartn_transf_matrix[3][1]   ? 
_atom_sites.Cartn_transf_matrix[3][2]   ? 
_atom_sites.Cartn_transf_matrix[3][3]   ? 
_atom_sites.Cartn_transf_vector[1]      ? 
_atom_sites.Cartn_transf_vector[2]      ? 
_atom_sites.Cartn_transf_vector[3]      ? 
_atom_sites.fract_transf_matrix[1][1]   -0.00078113 
_atom_sites.fract_transf_matrix[1][2]   0.00681004 
_atom_sites.fract_transf_matrix[1][3]   -0.00773603 
_atom_sites.fract_transf_matrix[2][1]   0.00928838 
_atom_sites.fract_transf_matrix[2][2]   -0.00289694 
_atom_sites.fract_transf_matrix[2][3]   -0.00348806 
_atom_sites.fract_transf_matrix[3][1]   -0.00902136 
_atom_sites.fract_transf_matrix[3][2]   -0.01457419 
_atom_sites.fract_transf_matrix[3][3]   -0.01191877 
_atom_sites.fract_transf_vector[1]      0.289085 
_atom_sites.fract_transf_vector[2]      -0.137575 
_atom_sites.fract_transf_vector[3]      0.232526 
_atom_sites.solution_primary            ? 
_atom_sites.solution_secondary          ? 
_atom_sites.solution_hydrogens          ? 
_atom_sites.special_details             ? 
# 
loop_
_atom_type.symbol 
_atom_type.scat_dispersion_real 
_atom_type.scat_dispersion_imag 
_atom_type.scat_Cromer_Mann_a1 
_atom_type.scat_Cromer_Mann_a2 
_atom_type.scat_Cromer_Mann_a3 
_atom_type.scat_Cromer_Mann_a4 
_atom_type.scat_Cromer_Mann_b1 
_atom_type.scat_Cromer_Mann_b2 
_atom_type.scat_Cromer_Mann_b3 
_atom_type.scat_Cromer_Mann_b4 
_atom_type.scat_Cromer_Mann_c 
_atom_type.scat_source 
_atom_type.scat_dispersion_source 
C  ? ? 3.54356  2.42580 ? ? 25.62398 1.50364  ? ? 0.0 
;2-Gaussian fit: Grosse-Kunstleve RW, Sauter NK, Adams PD: Newsletter of the IUCr Commission on Crystallographic Computing 2004, 3, 22-31.
;
? 
FE ? ? 20.90327 4.99816 ? ? 2.55100  38.46870 ? ? 0.0 
;2-Gaussian fit: Grosse-Kunstleve RW, Sauter NK, Adams PD: Newsletter of the IUCr Commission on Crystallographic Computing 2004, 3, 22-31.
;
? 
N  ? ? 4.01032  2.96436 ? ? 19.97189 1.75589  ? ? 0.0 
;2-Gaussian fit: Grosse-Kunstleve RW, Sauter NK, Adams PD: Newsletter of the IUCr Commission on Crystallographic Computing 2004, 3, 22-31.
;
? 
O  ? ? 4.49882  3.47563 ? ? 15.80542 1.70748  ? ? 0.0 
;2-Gaussian fit: Grosse-Kunstleve RW, Sauter NK, Adams PD: Newsletter of the IUCr Commission on Crystallographic Computing 2004, 3, 22-31.
;
? 
S  ? ? 9.55732  6.39887 ? ? 1.23737  29.19336 ? ? 0.0 
;2-Gaussian fit: Grosse-Kunstleve RW, Sauter NK, Adams PD: Newsletter of the IUCr Commission on Crystallographic Computing 2004, 3, 22-31.
;
? 
# 
loop_
_atom_site.group_PDB 
_atom_site.id 
_atom_site.type_symbol 
_atom_site.label_atom_id 
_atom_site.label_alt_id 
_atom_site.label_comp_id 
_atom_site.label_asym_id 
_atom_site.label_entity_id 
_atom_site.label_seq_id 
_atom_site.pdbx_PDB_ins_code 
_atom_site.Cartn_x 
_atom_site.Cartn_y 
_atom_site.Cartn_z 
_atom_site.occupancy 
_atom_site.B_iso_or_equiv 
_atom_site.pdbx_formal_charge 
_atom_site.auth_seq_id 
_atom_site.auth_comp_id 
_atom_site.auth_asym_id 
_atom_site.auth_atom_id 
_atom_site.pdbx_PDB_model_num 
ATOM   1    N  N   . THR A 1 14  ? -9.22472  -17.87517 -2.27601  1.000 61.95318 ? 6   THR A N   1 
ATOM   2    C  CA  . THR A 1 14  ? -9.18218  -16.60003 -2.97657  1.000 57.87735 ? 6   THR A CA  1 
ATOM   3    C  C   . THR A 1 14  ? -10.18385 -15.61770 -2.36652  1.000 59.22260 ? 6   THR A C   1 
ATOM   4    O  O   . THR A 1 14  ? -10.84288 -15.91562 -1.35246  1.000 60.79542 ? 6   THR A O   1 
ATOM   5    C  CB  . THR A 1 14  ? -9.47877  -16.76722 -4.49586  1.000 62.45833 ? 6   THR A CB  1 
ATOM   6    O  OG1 . THR A 1 14  ? -10.69754 -17.50241 -4.67638  1.000 63.77716 ? 6   THR A OG1 1 
ATOM   7    C  CG2 . THR A 1 14  ? -8.33509  -17.50922 -5.20329  1.000 59.01307 ? 6   THR A CG2 1 
ATOM   8    N  N   . VAL A 1 15  ? -10.27858 -14.43497 -2.97584  1.000 54.85015 ? 7   VAL A N   1 
ATOM   9    C  CA  . VAL A 1 15  ? -11.28033 -13.43700 -2.62605  1.000 49.68513 ? 7   VAL A CA  1 
ATOM   10   C  C   . VAL A 1 15  ? -11.90973 -12.94495 -3.91923  1.000 47.85069 ? 7   VAL A C   1 
ATOM   11   O  O   . VAL A 1 15  ? -11.26597 -12.90377 -4.97242  1.000 47.62186 ? 7   VAL A O   1 
ATOM   12   C  CB  . VAL A 1 15  ? -10.69076 -12.24848 -1.81641  1.000 51.80886 ? 7   VAL A CB  1 
ATOM   13   C  CG1 . VAL A 1 15  ? -9.70202  -11.43706 -2.67403  1.000 49.79573 ? 7   VAL A CG1 1 
ATOM   14   C  CG2 . VAL A 1 15  ? -11.79626 -11.33215 -1.31620  1.000 50.79557 ? 7   VAL A CG2 1 
ATOM   15   N  N   . ILE A 1 16  ? -13.18079 -12.57693 -3.82729  1.000 44.22833 ? 8   ILE A N   1 
ATOM   16   C  CA  . ILE A 1 16  ? -13.91050 -11.99052 -4.93326  1.000 44.04652 ? 8   ILE A CA  1 
ATOM   17   C  C   . ILE A 1 16  ? -13.70063 -10.48693 -4.88725  1.000 46.42439 ? 8   ILE A C   1 
ATOM   18   O  O   . ILE A 1 16  ? -14.24606 -9.80079  -4.01934  1.000 46.19860 ? 8   ILE A O   1 
ATOM   19   C  CB  . ILE A 1 16  ? -15.39779 -12.33418 -4.87103  1.000 39.92808 ? 8   ILE A CB  1 
ATOM   20   C  CG1 . ILE A 1 16  ? -15.57145 -13.85704 -4.93513  1.000 41.99538 ? 8   ILE A CG1 1 
ATOM   21   C  CG2 . ILE A 1 16  ? -16.10653 -11.63778 -6.00973  1.000 43.26836 ? 8   ILE A CG2 1 
ATOM   22   C  CD1 . ILE A 1 16  ? -17.02229 -14.31303 -4.64179  1.000 42.05619 ? 8   ILE A CD1 1 
ATOM   23   N  N   . PHE A 1 17  ? -12.94495 -9.98075  -5.85691  1.000 42.41190 ? 9   PHE A N   1 
ATOM   24   C  CA  . PHE A 1 17  ? -12.60334 -8.57371  -5.98216  1.000 40.32118 ? 9   PHE A CA  1 
ATOM   25   C  C   . PHE A 1 17  ? -13.11766 -8.15036  -7.35073  1.000 39.95692 ? 9   PHE A C   1 
ATOM   26   O  O   . PHE A 1 17  ? -12.63921 -8.65147  -8.37149  1.000 40.34061 ? 9   PHE A O   1 
ATOM   27   C  CB  . PHE A 1 17  ? -11.09236 -8.39046  -5.83821  1.000 42.29379 ? 9   PHE A CB  1 
ATOM   28   C  CG  . PHE A 1 17  ? -10.66378 -6.96109  -5.62126  1.000 43.39451 ? 9   PHE A CG  1 
ATOM   29   C  CD1 . PHE A 1 17  ? -10.60844 -6.41832  -4.33699  1.000 41.67518 ? 9   PHE A CD1 1 
ATOM   30   C  CD2 . PHE A 1 17  ? -10.28751 -6.17101  -6.69990  1.000 39.59149 ? 9   PHE A CD2 1 
ATOM   31   C  CE1 . PHE A 1 17  ? -10.19426 -5.08211  -4.14211  1.000 41.80788 ? 9   PHE A CE1 1 
ATOM   32   C  CE2 . PHE A 1 17  ? -9.88483  -4.85585  -6.52231  1.000 37.77142 ? 9   PHE A CE2 1 
ATOM   33   C  CZ  . PHE A 1 17  ? -9.82701  -4.30779  -5.24110  1.000 40.93997 ? 9   PHE A CZ  1 
ATOM   34   N  N   . THR A 1 18  ? -14.10317 -7.25554  -7.36659  1.000 40.64259 ? 10  THR A N   1 
ATOM   35   C  CA  . THR A 1 18  ? -14.89684 -7.02652  -8.56512  1.000 45.32560 ? 10  THR A CA  1 
ATOM   36   C  C   . THR A 1 18  ? -14.22968 -6.02521  -9.50286  1.000 44.53578 ? 10  THR A C   1 
ATOM   37   O  O   . THR A 1 18  ? -13.31767 -5.27750  -9.12816  1.000 40.78745 ? 10  THR A O   1 
ATOM   38   C  CB  . THR A 1 18  ? -16.30474 -6.53108  -8.20644  1.000 44.19992 ? 10  THR A CB  1 
ATOM   39   O  OG1 . THR A 1 18  ? -16.24386 -5.19042  -7.68719  1.000 45.27733 ? 10  THR A OG1 1 
ATOM   40   C  CG2 . THR A 1 18  ? -16.96400 -7.45324  -7.16343  1.000 44.70885 ? 10  THR A CG2 1 
ATOM   41   N  N   . GLU A 1 19  ? -14.71582 -6.02246  -10.75091 1.000 45.41421 ? 11  GLU A N   1 
ATOM   42   C  CA  . GLU A 1 19  ? -14.32407 -4.99949  -11.71666 1.000 46.43940 ? 11  GLU A CA  1 
ATOM   43   C  C   . GLU A 1 19  ? -14.57882 -3.60272  -11.16983 1.000 45.44192 ? 11  GLU A C   1 
ATOM   44   O  O   . GLU A 1 19  ? -13.76723 -2.69017  -11.36117 1.000 44.45295 ? 11  GLU A O   1 
ATOM   45   C  CB  . GLU A 1 19  ? -15.10050 -5.19631  -13.02698 1.000 47.68366 ? 11  GLU A CB  1 
ATOM   46   C  CG  . GLU A 1 19  ? -14.24043 -5.52960  -14.22093 1.000 56.30622 ? 11  GLU A CG  1 
ATOM   47   C  CD  . GLU A 1 19  ? -14.93194 -5.22275  -15.55831 1.000 61.54523 ? 11  GLU A CD  1 
ATOM   48   O  OE1 . GLU A 1 19  ? -14.24918 -4.69852  -16.45924 1.000 68.42517 ? 11  GLU A OE1 1 
ATOM   49   O  OE2 . GLU A 1 19  ? -16.14378 -5.49988  -15.71504 1.000 61.16937 ? 11  GLU A OE2 1 
ATOM   50   N  N   . GLU A 1 20  ? -15.71531 -3.42285  -10.49993 1.000 41.51939 ? 12  GLU A N   1 
ATOM   51   C  CA  . GLU A 1 20  ? -16.05623 -2.14790  -9.88123  1.000 44.41350 ? 12  GLU A CA  1 
ATOM   52   C  C   . GLU A 1 20  ? -15.04654 -1.76116  -8.79530  1.000 43.58495 ? 12  GLU A C   1 
ATOM   53   O  O   . GLU A 1 20  ? -14.64684 -0.59187  -8.68953  1.000 41.83216 ? 12  GLU A O   1 
ATOM   54   C  CB  . GLU A 1 20  ? -17.49405 -2.26056  -9.34431  1.000 43.33907 ? 12  GLU A CB  1 
ATOM   55   C  CG  . GLU A 1 20  ? -18.08639 -1.06970  -8.62952  1.000 55.47873 ? 12  GLU A CG  1 
ATOM   56   C  CD  . GLU A 1 20  ? -19.54924 -1.32014  -8.20294  1.000 58.45996 ? 12  GLU A CD  1 
ATOM   57   O  OE1 . GLU A 1 20  ? -20.42259 -1.42358  -9.10793  1.000 61.59221 ? 12  GLU A OE1 1 
ATOM   58   O  OE2 . GLU A 1 20  ? -19.82664 -1.41774  -6.98024  1.000 58.81466 ? 12  GLU A OE2 1 
ATOM   59   N  N   . GLN A 1 21  ? -14.62662 -2.72493  -7.97391  1.000 41.32179 ? 13  GLN A N   1 
ATOM   60   C  CA  . GLN A 1 21  ? -13.61550 -2.44172  -6.95293  1.000 41.46299 ? 13  GLN A CA  1 
ATOM   61   C  C   . GLN A 1 21  ? -12.27445 -2.06324  -7.58072  1.000 37.20046 ? 13  GLN A C   1 
ATOM   62   O  O   . GLN A 1 21  ? -11.62913 -1.10084  -7.14459  1.000 38.01808 ? 13  GLN A O   1 
ATOM   63   C  CB  . GLN A 1 21  ? -13.45178 -3.65540  -6.02384  1.000 38.47838 ? 13  GLN A CB  1 
ATOM   64   C  CG  . GLN A 1 21  ? -14.61679 -3.81755  -5.05204  1.000 41.42649 ? 13  GLN A CG  1 
ATOM   65   C  CD  . GLN A 1 21  ? -14.44905 -5.05823  -4.22546  1.000 42.29311 ? 13  GLN A CD  1 
ATOM   66   O  OE1 . GLN A 1 21  ? -14.47317 -6.15937  -4.75179  1.000 44.55848 ? 13  GLN A OE1 1 
ATOM   67   N  NE2 . GLN A 1 21  ? -14.23023 -4.88779  -2.92291  1.000 43.25865 ? 13  GLN A NE2 1 
ATOM   68   N  N   . GLU A 1 22  ? -11.83771 -2.79957  -8.60439  1.000 39.32321 ? 14  GLU A N   1 
ATOM   69   C  CA  . GLU A 1 22  ? -10.59305 -2.43531  -9.28357  1.000 39.40270 ? 14  GLU A CA  1 
ATOM   70   C  C   . GLU A 1 22  ? -10.68489 -1.04018  -9.89220  1.000 41.42837 ? 14  GLU A C   1 
ATOM   71   O  O   . GLU A 1 22  ? -9.71951  -0.27675  -9.85074  1.000 39.28531 ? 14  GLU A O   1 
ATOM   72   C  CB  . GLU A 1 22  ? -10.25192 -3.45616  -10.36784 1.000 41.65211 ? 14  GLU A CB  1 
ATOM   73   C  CG  . GLU A 1 22  ? -9.11166  -3.00759  -11.30785 1.000 42.25114 ? 14  GLU A CG  1 
ATOM   74   C  CD  . GLU A 1 22  ? -8.86432  -3.99259  -12.45118 1.000 49.01913 ? 14  GLU A CD  1 
ATOM   75   O  OE1 . GLU A 1 22  ? -9.85387  -4.42422  -13.09013 1.000 52.68885 ? 14  GLU A OE1 1 
ATOM   76   O  OE2 . GLU A 1 22  ? -7.68675  -4.31534  -12.73436 1.000 49.59370 ? 14  GLU A OE2 1 
ATOM   77   N  N   . ALA A 1 23  ? -11.83833 -0.69385  -10.46565 1.000 41.73359 ? 15  ALA A N   1 
ATOM   78   C  CA  . ALA A 1 23  ? -12.00516 0.60931   -11.09531 1.000 41.88628 ? 15  ALA A CA  1 
ATOM   79   C  C   . ALA A 1 23  ? -11.93288 1.74212   -10.08045 1.000 41.39152 ? 15  ALA A C   1 
ATOM   80   O  O   . ALA A 1 23  ? -11.43017 2.82907   -10.39859 1.000 40.84175 ? 15  ALA A O   1 
ATOM   81   C  CB  . ALA A 1 23  ? -13.33200 0.66678   -11.85689 1.000 43.70941 ? 15  ALA A CB  1 
ATOM   82   N  N   . LEU A 1 24  ? -12.46952 1.52844   -8.87132  1.000 37.41656 ? 16  LEU A N   1 
ATOM   83   C  CA  . LEU A 1 24  ? -12.31938 2.51163   -7.80162  1.000 37.89907 ? 16  LEU A CA  1 
ATOM   84   C  C   . LEU A 1 24  ? -10.84309 2.78701   -7.52178  1.000 39.05972 ? 16  LEU A C   1 
ATOM   85   O  O   . LEU A 1 24  ? -10.42439 3.94682   -7.37965  1.000 38.88212 ? 16  LEU A O   1 
ATOM   86   C  CB  . LEU A 1 24  ? -13.01818 2.01470   -6.53052  1.000 36.10422 ? 16  LEU A CB  1 
ATOM   87   C  CG  . LEU A 1 24  ? -14.55924 2.03335   -6.55808  1.000 41.50426 ? 16  LEU A CG  1 
ATOM   88   C  CD1 . LEU A 1 24  ? -15.18118 1.28269   -5.38063  1.000 39.91760 ? 16  LEU A CD1 1 
ATOM   89   C  CD2 . LEU A 1 24  ? -15.08083 3.47303   -6.57972  1.000 41.26888 ? 16  LEU A CD2 1 
ATOM   90   N  N   . VAL A 1 25  ? -10.04811 1.72726   -7.41911  1.000 36.00564 ? 17  VAL A N   1 
ATOM   91   C  CA  . VAL A 1 25  ? -8.62732  1.88638   -7.12436  1.000 36.20964 ? 17  VAL A CA  1 
ATOM   92   C  C   . VAL A 1 25  ? -7.92475  2.53341   -8.31765  1.000 38.73714 ? 17  VAL A C   1 
ATOM   93   O  O   . VAL A 1 25  ? -7.23961  3.55647   -8.18275  1.000 38.51931 ? 17  VAL A O   1 
ATOM   94   C  CB  . VAL A 1 25  ? -8.00926  0.52863   -6.73976  1.000 35.66215 ? 17  VAL A CB  1 
ATOM   95   C  CG1 . VAL A 1 25  ? -6.48909  0.62743   -6.64026  1.000 35.72579 ? 17  VAL A CG1 1 
ATOM   96   C  CG2 . VAL A 1 25  ? -8.60089  0.02931   -5.39169  1.000 35.05771 ? 17  VAL A CG2 1 
ATOM   97   N  N   . VAL A 1 26  ? -8.12715  1.96870   -9.50928  1.000 39.69328 ? 18  VAL A N   1 
ATOM   98   C  CA  . VAL A 1 26  ? -7.47871  2.47620   -10.72396 1.000 41.53861 ? 18  VAL A CA  1 
ATOM   99   C  C   . VAL A 1 26  ? -7.88462  3.92158   -10.99991 1.000 39.48624 ? 18  VAL A C   1 
ATOM   100  O  O   . VAL A 1 26  ? -7.04245  4.76898   -11.32772 1.000 41.13850 ? 18  VAL A O   1 
ATOM   101  C  CB  . VAL A 1 26  ? -7.82148  1.57308   -11.92295 1.000 44.24128 ? 18  VAL A CB  1 
ATOM   102  C  CG1 . VAL A 1 26  ? -7.32182  2.19673   -13.24059 1.000 47.69867 ? 18  VAL A CG1 1 
ATOM   103  C  CG2 . VAL A 1 26  ? -7.23950  0.20059   -11.73085 1.000 44.61903 ? 18  VAL A CG2 1 
ATOM   104  N  N   . GLN A 1 27  ? -9.18093  4.22790   -10.89022 1.000 40.62788 ? 19  GLN A N   1 
ATOM   105  C  CA  . GLN A 1 27  ? -9.64517  5.56400   -11.25075 1.000 42.24207 ? 19  GLN A CA  1 
ATOM   106  C  C   . GLN A 1 27  ? -9.20995  6.61653   -10.23739 1.000 40.47893 ? 19  GLN A C   1 
ATOM   107  O  O   . GLN A 1 27  ? -8.87872  7.74346   -10.61865 1.000 36.98721 ? 19  GLN A O   1 
ATOM   108  C  CB  . GLN A 1 27  ? -11.17086 5.58151   -11.41577 1.000 45.41435 ? 19  GLN A CB  1 
ATOM   109  C  CG  . GLN A 1 27  ? -11.63377 5.01965   -12.76480 1.000 47.16102 ? 19  GLN A CG  1 
ATOM   110  C  CD  . GLN A 1 27  ? -13.12548 4.75655   -12.82058 1.000 51.00339 ? 19  GLN A CD  1 
ATOM   111  O  OE1 . GLN A 1 27  ? -13.90444 5.32484   -12.04478 1.000 50.36069 ? 19  GLN A OE1 1 
ATOM   112  N  NE2 . GLN A 1 27  ? -13.53883 3.90443   -13.75498 1.000 51.28279 ? 19  GLN A NE2 1 
ATOM   113  N  N   . SER A 1 28  ? -9.21567  6.29386   -8.94445  1.000 36.21102 ? 20  SER A N   1 
ATOM   114  C  CA  . SER A 1 28  ? -8.73234  7.27894   -7.98580  1.000 34.68601 ? 20  SER A CA  1 
ATOM   115  C  C   . SER A 1 28  ? -7.23286  7.46704   -8.13099  1.000 37.55931 ? 20  SER A C   1 
ATOM   116  O  O   . SER A 1 28  ? -6.72657  8.58735   -8.01967  1.000 37.39723 ? 20  SER A O   1 
ATOM   117  C  CB  . SER A 1 28  ? -9.08203  6.87392   -6.54886  1.000 36.75284 ? 20  SER A CB  1 
ATOM   118  O  OG  . SER A 1 28  ? -8.57364  5.57827   -6.27074  1.000 34.60723 ? 20  SER A OG  1 
ATOM   119  N  N   . TRP A 1 29  ? -6.49814  6.39200   -8.39001  1.000 35.76832 ? 21  TRP A N   1 
ATOM   120  C  CA  . TRP A 1 29  ? -5.05688  6.56549   -8.54471  1.000 39.92353 ? 21  TRP A CA  1 
ATOM   121  C  C   . TRP A 1 29  ? -4.74596  7.44680   -9.76044  1.000 40.47081 ? 21  TRP A C   1 
ATOM   122  O  O   . TRP A 1 29  ? -3.86729  8.31979   -9.70068  1.000 41.62735 ? 21  TRP A O   1 
ATOM   123  C  CB  . TRP A 1 29  ? -4.35763  5.19475   -8.61164  1.000 40.19899 ? 21  TRP A CB  1 
ATOM   124  C  CG  . TRP A 1 29  ? -2.88897  5.36783   -8.82680  1.000 43.78514 ? 21  TRP A CG  1 
ATOM   125  C  CD1 . TRP A 1 29  ? -2.14422  4.87421   -9.86390  1.000 48.38434 ? 21  TRP A CD1 1 
ATOM   126  C  CD2 . TRP A 1 29  ? -1.99932  6.13861   -8.01905  1.000 40.79279 ? 21  TRP A CD2 1 
ATOM   127  N  NE1 . TRP A 1 29  ? -0.83571  5.27264   -9.73287  1.000 49.81210 ? 21  TRP A NE1 1 
ATOM   128  C  CE2 . TRP A 1 29  ? -0.72549  6.06397   -8.61453  1.000 47.69195 ? 21  TRP A CE2 1 
ATOM   129  C  CE3 . TRP A 1 29  ? -2.15526  6.89235   -6.84339  1.000 43.14050 ? 21  TRP A CE3 1 
ATOM   130  C  CZ2 . TRP A 1 29  ? 0.39031   6.70162   -8.07285  1.000 47.27551 ? 21  TRP A CZ2 1 
ATOM   131  C  CZ3 . TRP A 1 29  ? -1.03926  7.54062   -6.31149  1.000 42.06954 ? 21  TRP A CZ3 1 
ATOM   132  C  CH2 . TRP A 1 29  ? 0.21071   7.43793   -6.92751  1.000 48.78730 ? 21  TRP A CH2 1 
ATOM   133  N  N   . ASN A 1 30  ? -5.51683  7.30097   -10.84114 1.000 40.30520 ? 22  ASN A N   1 
ATOM   134  C  CA  . ASN A 1 30  ? -5.27485  8.11696   -12.03162 1.000 43.45483 ? 22  ASN A CA  1 
ATOM   135  C  C   . ASN A 1 30  ? -5.45602  9.59776   -11.73054 1.000 43.82912 ? 22  ASN A C   1 
ATOM   136  O  O   . ASN A 1 30  ? -4.69075  10.43109  -12.21879 1.000 46.89987 ? 22  ASN A O   1 
ATOM   137  C  CB  . ASN A 1 30  ? -6.18547  7.66156   -13.17830 1.000 41.21878 ? 22  ASN A CB  1 
ATOM   138  C  CG  . ASN A 1 30  ? -5.72441  6.34145   -13.78672 1.000 47.51669 ? 22  ASN A CG  1 
ATOM   139  O  OD1 . ASN A 1 30  ? -4.54521  5.97211   -13.67694 1.000 52.82163 ? 22  ASN A OD1 1 
ATOM   140  N  ND2 . ASN A 1 30  ? -6.64642  5.61911   -14.43169 1.000 50.40152 ? 22  ASN A ND2 1 
ATOM   141  N  N   . VAL A 1 31  ? -6.42391  9.93743   -10.88583 1.000 39.99624 ? 23  VAL A N   1 
ATOM   142  C  CA  . VAL A 1 31  ? -6.60978  11.32064  -10.44866 1.000 41.39106 ? 23  VAL A CA  1 
ATOM   143  C  C   . VAL A 1 31  ? -5.48515  11.75467  -9.50940  1.000 41.61254 ? 23  VAL A C   1 
ATOM   144  O  O   . VAL A 1 31  ? -4.96020  12.87199  -9.60457  1.000 42.78941 ? 23  VAL A O   1 
ATOM   145  C  CB  . VAL A 1 31  ? -7.98226  11.46936  -9.76678  1.000 41.81176 ? 23  VAL A CB  1 
ATOM   146  C  CG1 . VAL A 1 31  ? -8.08217  12.79111  -9.06277  1.000 41.70281 ? 23  VAL A CG1 1 
ATOM   147  C  CG2 . VAL A 1 31  ? -9.13006  11.26932  -10.76550 1.000 42.94034 ? 23  VAL A CG2 1 
ATOM   148  N  N   . MET A 1 32  ? -5.13296  10.90472  -8.54483  1.000 35.80690 ? 24  MET A N   1 
ATOM   149  C  CA  . MET A 1 32  ? -4.14572  11.30835  -7.56380  1.000 37.87968 ? 24  MET A CA  1 
ATOM   150  C  C   . MET A 1 32  ? -2.74978  11.41447  -8.16463  1.000 39.12685 ? 24  MET A C   1 
ATOM   151  O  O   . MET A 1 32  ? -1.91182  12.15701  -7.63594  1.000 40.57453 ? 24  MET A O   1 
ATOM   152  C  CB  . MET A 1 32  ? -4.14637  10.30631  -6.41810  1.000 38.28479 ? 24  MET A CB  1 
ATOM   153  C  CG  . MET A 1 32  ? -5.44058  10.33376  -5.62728  1.000 37.14027 ? 24  MET A CG  1 
ATOM   154  S  SD  . MET A 1 32  ? -5.29349  9.23015   -4.23721  1.000 40.51901 ? 24  MET A SD  1 
ATOM   155  C  CE  . MET A 1 32  ? -5.18557  7.62143   -5.00736  1.000 37.37954 ? 24  MET A CE  1 
ATOM   156  N  N   . LYS A 1 33  ? -2.50013  10.67262  -9.24415  1.000 39.92933 ? 25  LYS A N   1 
ATOM   157  C  CA  . LYS A 1 33  ? -1.20767  10.65765  -9.93045  1.000 44.62078 ? 25  LYS A CA  1 
ATOM   158  C  C   . LYS A 1 33  ? -0.75518  12.04648  -10.34886 1.000 43.36099 ? 25  LYS A C   1 
ATOM   159  O  O   . LYS A 1 33  ? 0.45051   12.29488  -10.44372 1.000 42.09029 ? 25  LYS A O   1 
ATOM   160  C  CB  . LYS A 1 33  ? -1.29879  9.80126   -11.19023 1.000 44.08851 ? 25  LYS A CB  1 
ATOM   161  C  CG  . LYS A 1 33  ? -0.76555  8.42286   -11.06671 1.000 50.84042 ? 25  LYS A CG  1 
ATOM   162  C  CD  . LYS A 1 33  ? -1.36896  7.53830   -12.15316 1.000 51.82992 ? 25  LYS A CD  1 
ATOM   163  C  CE  . LYS A 1 33  ? -1.23956  8.16870   -13.52717 1.000 55.21862 ? 25  LYS A CE  1 
ATOM   164  N  NZ  . LYS A 1 33  ? -2.06987  7.43815   -14.53670 1.000 59.62457 ? 25  LYS A NZ  1 
ATOM   165  N  N   . LYS A 1 34  ? -1.70092  12.93902  -10.65733 1.000 41.58790 ? 26  LYS A N   1 
ATOM   166  C  CA  . LYS A 1 34  ? -1.34226  14.29313  -11.05715 1.000 44.81904 ? 26  LYS A CA  1 
ATOM   167  C  C   . LYS A 1 34  ? -0.46268  14.96441  -10.01915 1.000 46.31729 ? 26  LYS A C   1 
ATOM   168  O  O   . LYS A 1 34  ? 0.36494   15.81295  -10.36405 1.000 43.98017 ? 26  LYS A O   1 
ATOM   169  C  CB  . LYS A 1 34  ? -2.59485  15.13693  -11.26963 1.000 43.82654 ? 26  LYS A CB  1 
ATOM   170  C  CG  . LYS A 1 34  ? -3.57572  14.62753  -12.32041 1.000 46.63758 ? 26  LYS A CG  1 
ATOM   171  C  CD  . LYS A 1 34  ? -4.71593  15.62316  -12.39074 1.000 48.80415 ? 26  LYS A CD  1 
ATOM   172  C  CE  . LYS A 1 34  ? -5.85429  15.17420  -13.28206 1.000 49.11310 ? 26  LYS A CE  1 
ATOM   173  N  NZ  . LYS A 1 34  ? -5.36160  14.77939  -14.61990 1.000 49.88736 ? 26  LYS A NZ  1 
ATOM   174  N  N   . ASN A 1 35  ? -0.61103  14.58458  -8.74732  1.000 42.23004 ? 27  ASN A N   1 
ATOM   175  C  CA  . ASN A 1 35  ? 0.09377   15.22287  -7.64576  1.000 40.95515 ? 27  ASN A CA  1 
ATOM   176  C  C   . ASN A 1 35  ? 0.82875   14.18327  -6.81490  1.000 39.51490 ? 27  ASN A C   1 
ATOM   177  O  O   . ASN A 1 35  ? 0.86396   14.27084  -5.59362  1.000 37.82725 ? 27  ASN A O   1 
ATOM   178  C  CB  . ASN A 1 35  ? -0.87830  16.02688  -6.77893  1.000 42.93242 ? 27  ASN A CB  1 
ATOM   179  C  CG  . ASN A 1 35  ? -1.66798  17.02864  -7.58938  1.000 48.68993 ? 27  ASN A CG  1 
ATOM   180  O  OD1 . ASN A 1 35  ? -1.14395  18.08768  -7.93700  1.000 45.62584 ? 27  ASN A OD1 1 
ATOM   181  N  ND2 . ASN A 1 35  ? -2.93029  16.70227  -7.90472  1.000 42.72801 ? 27  ASN A ND2 1 
ATOM   182  N  N   . SER A 1 36  ? 1.45429   13.21262  -7.48233  1.000 42.45324 ? 28  SER A N   1 
ATOM   183  C  CA  . SER A 1 36  ? 1.97864   12.04826  -6.77836  1.000 43.00765 ? 28  SER A CA  1 
ATOM   184  C  C   . SER A 1 36  ? 3.08006   12.43241  -5.80058  1.000 42.40414 ? 28  SER A C   1 
ATOM   185  O  O   . SER A 1 36  ? 3.14546   11.88836  -4.69523  1.000 38.86612 ? 28  SER A O   1 
ATOM   186  C  CB  . SER A 1 36  ? 2.47490   11.01298  -7.77619  1.000 45.33451 ? 28  SER A CB  1 
ATOM   187  O  OG  . SER A 1 36  ? 3.56955   11.54243  -8.49705  1.000 46.46481 ? 28  SER A OG  1 
ATOM   188  N  N   . ALA A 1 37  ? 3.94399   13.38341  -6.16679  1.000 42.69438 ? 29  ALA A N   1 
ATOM   189  C  CA  . ALA A 1 37  ? 5.00160   13.77886  -5.23602  1.000 42.93406 ? 29  ALA A CA  1 
ATOM   190  C  C   . ALA A 1 37  ? 4.40834   14.40992  -3.97699  1.000 41.70933 ? 29  ALA A C   1 
ATOM   191  O  O   . ALA A 1 37  ? 4.78232   14.05631  -2.85272  1.000 39.31730 ? 29  ALA A O   1 
ATOM   192  C  CB  . ALA A 1 37  ? 5.98041   14.74293  -5.92075  1.000 47.07215 ? 29  ALA A CB  1 
ATOM   193  N  N   . GLU A 1 38  ? 3.48805   15.36287  -4.14943  1.000 39.96587 ? 30  GLU A N   1 
ATOM   194  C  CA  . GLU A 1 38  ? 2.81784   15.98323  -3.00630  1.000 41.48607 ? 30  GLU A CA  1 
ATOM   195  C  C   . GLU A 1 38  ? 2.03516   14.95181  -2.17547  1.000 41.83744 ? 30  GLU A C   1 
ATOM   196  O  O   . GLU A 1 38  ? 2.04237   14.99275  -0.93036  1.000 36.68664 ? 30  GLU A O   1 
ATOM   197  C  CB  . GLU A 1 38  ? 1.89787   17.09087  -3.51408  1.000 44.47822 ? 30  GLU A CB  1 
ATOM   198  C  CG  . GLU A 1 38  ? 1.24625   17.91906  -2.41679  1.000 50.85111 ? 30  GLU A CG  1 
ATOM   199  C  CD  . GLU A 1 38  ? 0.10800   18.80751  -2.93440  1.000 57.00677 ? 30  GLU A CD  1 
ATOM   200  O  OE1 . GLU A 1 38  ? -0.42885  18.53520  -4.03254  1.000 59.33918 ? 30  GLU A OE1 1 
ATOM   201  O  OE2 . GLU A 1 38  ? -0.25915  19.77421  -2.22908  1.000 59.86267 ? 30  GLU A OE2 1 
ATOM   202  N  N   . LEU A 1 39  ? 1.35270   14.01883  -2.84682  1.000 40.92914 ? 31  LEU A N   1 
ATOM   203  C  CA  . LEU A 1 39  ? 0.58658   13.00524  -2.12104  1.000 38.76791 ? 31  LEU A CA  1 
ATOM   204  C  C   . LEU A 1 39  ? 1.50427   12.09511  -1.32758  1.000 37.72204 ? 31  LEU A C   1 
ATOM   205  O  O   . LEU A 1 39  ? 1.15755   11.66745  -0.21591  1.000 38.62878 ? 31  LEU A O   1 
ATOM   206  C  CB  . LEU A 1 39  ? -0.25257  12.17278  -3.08671  1.000 38.23843 ? 31  LEU A CB  1 
ATOM   207  C  CG  . LEU A 1 39  ? -1.45219  12.92281  -3.68639  1.000 44.70530 ? 31  LEU A CG  1 
ATOM   208  C  CD1 . LEU A 1 39  ? -2.38108  11.91612  -4.27743  1.000 47.13693 ? 31  LEU A CD1 1 
ATOM   209  C  CD2 . LEU A 1 39  ? -2.18169  13.75040  -2.63486  1.000 45.67886 ? 31  LEU A CD2 1 
ATOM   210  N  N   . GLY A 1 40  ? 2.65966   11.75364  -1.89860  1.000 36.65133 ? 32  GLY A N   1 
ATOM   211  C  CA  . GLY A 1 40  ? 3.62101   10.93745  -1.17593  1.000 36.09345 ? 32  GLY A CA  1 
ATOM   212  C  C   . GLY A 1 40  ? 4.12174   11.60805  0.08780   1.000 38.75795 ? 32  GLY A C   1 
ATOM   213  O  O   . GLY A 1 40  ? 4.34420   10.94939  1.10856   1.000 34.56980 ? 32  GLY A O   1 
ATOM   214  N  N   . LEU A 1 41  ? 4.35468   12.91962  0.02262   1.000 38.37503 ? 33  LEU A N   1 
ATOM   215  C  CA  . LEU A 1 41  ? 4.74743   13.68002  1.20610   1.000 37.62369 ? 33  LEU A CA  1 
ATOM   216  C  C   . LEU A 1 41  ? 3.62032   13.71545  2.23410   1.000 37.44770 ? 33  LEU A C   1 
ATOM   217  O  O   . LEU A 1 41  ? 3.86318   13.60181  3.44443   1.000 36.74535 ? 33  LEU A O   1 
ATOM   218  C  CB  . LEU A 1 41  ? 5.12061   15.11232  0.80180   1.000 41.29490 ? 33  LEU A CB  1 
ATOM   219  C  CG  . LEU A 1 41  ? 6.59328   15.40994  0.47993   1.000 47.12887 ? 33  LEU A CG  1 
ATOM   220  C  CD1 . LEU A 1 41  ? 7.22740   14.25085  -0.26736  1.000 52.76435 ? 33  LEU A CD1 1 
ATOM   221  C  CD2 . LEU A 1 41  ? 6.72090   16.69975  -0.32419  1.000 53.26297 ? 33  LEU A CD2 1 
ATOM   222  N  N   . LYS A 1 42  ? 2.38464   13.90924  1.77423   1.000 33.86806 ? 34  LYS A N   1 
ATOM   223  C  CA  . LYS A 1 42  ? 1.25004   13.91558  2.68914   1.000 35.28480 ? 34  LYS A CA  1 
ATOM   224  C  C   . LYS A 1 42  ? 1.10609   12.57002  3.39782   1.000 33.79488 ? 34  LYS A C   1 
ATOM   225  O  O   . LYS A 1 42  ? 0.77646   12.52293  4.58944   1.000 32.84124 ? 34  LYS A O   1 
ATOM   226  C  CB  . LYS A 1 42  ? -0.02791  14.27007  1.92721   1.000 36.75550 ? 34  LYS A CB  1 
ATOM   227  C  CG  . LYS A 1 42  ? -0.06841  15.75380  1.47703   1.000 40.47079 ? 34  LYS A CG  1 
ATOM   228  C  CD  . LYS A 1 42  ? -1.41613  16.08580  0.81454   1.000 45.47174 ? 34  LYS A CD  1 
ATOM   229  C  CE  . LYS A 1 42  ? -1.45662  17.54860  0.32369   1.000 48.46793 ? 34  LYS A CE  1 
ATOM   230  N  NZ  . LYS A 1 42  ? -2.58343  17.81379  -0.62035  1.000 51.08859 ? 34  LYS A NZ  1 
ATOM   231  N  N   . LEU A 1 43  ? 1.33799   11.47417  2.67616   1.000 31.94999 ? 35  LEU A N   1 
ATOM   232  C  CA  . LEU A 1 43  ? 1.24511   10.14782  3.28397   1.000 32.23454 ? 35  LEU A CA  1 
ATOM   233  C  C   . LEU A 1 43  ? 2.24728   10.01572  4.41165   1.000 30.27108 ? 35  LEU A C   1 
ATOM   234  O  O   . LEU A 1 43  ? 1.89797   9.64580   5.53766   1.000 30.36134 ? 35  LEU A O   1 
ATOM   235  C  CB  . LEU A 1 43  ? 1.49005   9.07520   2.23606   1.000 32.76601 ? 35  LEU A CB  1 
ATOM   236  C  CG  . LEU A 1 43  ? 1.67770   7.66058   2.76606   1.000 32.10612 ? 35  LEU A CG  1 
ATOM   237  C  CD1 . LEU A 1 43  ? 0.32081   7.17392   3.32293   1.000 30.83475 ? 35  LEU A CD1 1 
ATOM   238  C  CD2 . LEU A 1 43  ? 2.18625   6.75905   1.64118   1.000 33.70330 ? 35  LEU A CD2 1 
ATOM   239  N  N   . PHE A 1 44  ? 3.49712   10.38639  4.15067   1.000 29.96958 ? 36  PHE A N   1 
ATOM   240  C  CA  . PHE A 1 44  ? 4.50086   10.23599  5.19051   1.000 32.13092 ? 36  PHE A CA  1 
ATOM   241  C  C   . PHE A 1 44  ? 4.29366   11.22506  6.31681   1.000 32.90547 ? 36  PHE A C   1 
ATOM   242  O  O   . PHE A 1 44  ? 4.59201   10.90589  7.47747   1.000 32.98435 ? 36  PHE A O   1 
ATOM   243  C  CB  . PHE A 1 44  ? 5.89405   10.38713  4.59418   1.000 30.69656 ? 36  PHE A CB  1 
ATOM   244  C  CG  . PHE A 1 44  ? 6.52591   9.09101   4.29192   1.000 32.33785 ? 36  PHE A CG  1 
ATOM   245  C  CD1 . PHE A 1 44  ? 6.78886   8.18208   5.31673   1.000 34.82025 ? 36  PHE A CD1 1 
ATOM   246  C  CD2 . PHE A 1 44  ? 6.81699   8.73620   2.99456   1.000 35.32974 ? 36  PHE A CD2 1 
ATOM   247  C  CE1 . PHE A 1 44  ? 7.36839   6.95793   5.05231   1.000 33.75780 ? 36  PHE A CE1 1 
ATOM   248  C  CE2 . PHE A 1 44  ? 7.40857   7.50420   2.71953   1.000 35.04777 ? 36  PHE A CE2 1 
ATOM   249  C  CZ  . PHE A 1 44  ? 7.66063   6.61025   3.75206   1.000 36.21946 ? 36  PHE A CZ  1 
ATOM   250  N  N   . LEU A 1 45  ? 3.83694   12.43290  6.00450   1.000 33.02642 ? 37  LEU A N   1 
ATOM   251  C  CA  . LEU A 1 45  ? 3.50898   13.36475  7.07831   1.000 36.13997 ? 37  LEU A CA  1 
ATOM   252  C  C   . LEU A 1 45  ? 2.46826   12.76542  8.01614   1.000 36.55696 ? 37  LEU A C   1 
ATOM   253  O  O   . LEU A 1 45  ? 2.58587   12.88361  9.24382   1.000 30.89758 ? 37  LEU A O   1 
ATOM   254  C  CB  . LEU A 1 45  ? 2.98560   14.66824  6.50050   1.000 38.76442 ? 37  LEU A CB  1 
ATOM   255  C  CG  . LEU A 1 45  ? 4.04272   15.58937  5.89873   1.000 43.64437 ? 37  LEU A CG  1 
ATOM   256  C  CD1 . LEU A 1 45  ? 3.31874   16.82966  5.37323   1.000 45.03324 ? 37  LEU A CD1 1 
ATOM   257  C  CD2 . LEU A 1 45  ? 5.05701   15.93366  6.95250   1.000 43.86333 ? 37  LEU A CD2 1 
ATOM   258  N  N   . LYS A 1 46  ? 1.43153   12.12584  7.45087   1.000 32.82735 ? 38  LYS A N   1 
ATOM   259  C  CA  . LYS A 1 46  ? 0.44329   11.46025  8.30485   1.000 33.74021 ? 38  LYS A CA  1 
ATOM   260  C  C   . LYS A 1 46  ? 1.03429   10.27316  9.06161   1.000 30.99036 ? 38  LYS A C   1 
ATOM   261  O  O   . LYS A 1 46  ? 0.76999   10.11029  10.26492  1.000 29.63734 ? 38  LYS A O   1 
ATOM   262  C  CB  . LYS A 1 46  ? -0.75835  11.01535  7.47442   1.000 31.91272 ? 38  LYS A CB  1 
ATOM   263  C  CG  . LYS A 1 46  ? -1.87429  10.43983  8.33927   1.000 33.18149 ? 38  LYS A CG  1 
ATOM   264  C  CD  . LYS A 1 46  ? -2.34166  11.45231  9.43324   1.000 36.98910 ? 38  LYS A CD  1 
ATOM   265  C  CE  . LYS A 1 46  ? -2.92771  12.74183  8.79857   1.000 42.89274 ? 38  LYS A CE  1 
ATOM   266  N  NZ  . LYS A 1 46  ? -3.79064  13.51960  9.77534   1.000 43.58837 ? 38  LYS A NZ  1 
ATOM   267  N  N   . ILE A 1 47  ? 1.80735   9.40273   8.38558   1.000 28.76540 ? 39  ILE A N   1 
ATOM   268  C  CA  . ILE A 1 47  ? 2.45114   8.28214   9.09562   1.000 28.66119 ? 39  ILE A CA  1 
ATOM   269  C  C   . ILE A 1 47  ? 3.27256   8.78957   10.27491  1.000 30.20456 ? 39  ILE A C   1 
ATOM   270  O  O   . ILE A 1 47  ? 3.22091   8.23237   11.38218  1.000 29.05577 ? 39  ILE A O   1 
ATOM   271  C  CB  . ILE A 1 47  ? 3.33230   7.45133   8.14189   1.000 29.10155 ? 39  ILE A CB  1 
ATOM   272  C  CG1 . ILE A 1 47  ? 2.44511   6.70079   7.13142   1.000 27.53981 ? 39  ILE A CG1 1 
ATOM   273  C  CG2 . ILE A 1 47  ? 4.17051   6.44094   8.92857   1.000 31.56361 ? 39  ILE A CG2 1 
ATOM   274  C  CD1 . ILE A 1 47  ? 3.24490   6.12821   5.95431   1.000 25.23776 ? 39  ILE A CD1 1 
ATOM   275  N  N   . PHE A 1 48  ? 4.05794   9.85144   10.04924  1.000 32.16655 ? 40  PHE A N   1 
ATOM   276  C  CA  . PHE A 1 48  ? 4.99473   10.32401  11.07085  1.000 32.44638 ? 40  PHE A CA  1 
ATOM   277  C  C   . PHE A 1 48  ? 4.31398   11.15669  12.13784  1.000 31.85080 ? 40  PHE A C   1 
ATOM   278  O  O   . PHE A 1 48  ? 4.85093   11.28522  13.25643  1.000 32.84020 ? 40  PHE A O   1 
ATOM   279  C  CB  . PHE A 1 48  ? 6.12673   11.14666  10.41601  1.000 34.53727 ? 40  PHE A CB  1 
ATOM   280  C  CG  . PHE A 1 48  ? 7.07799   10.31976  9.57946   1.000 34.17953 ? 40  PHE A CG  1 
ATOM   281  C  CD1 . PHE A 1 48  ? 7.25646   8.97351   9.84254   1.000 35.33456 ? 40  PHE A CD1 1 
ATOM   282  C  CD2 . PHE A 1 48  ? 7.78534   10.89783  8.53820   1.000 38.00906 ? 40  PHE A CD2 1 
ATOM   283  C  CE1 . PHE A 1 48  ? 8.14373   8.20664   9.07659   1.000 35.53592 ? 40  PHE A CE1 1 
ATOM   284  C  CE2 . PHE A 1 48  ? 8.68033   10.14139  7.75753   1.000 35.71463 ? 40  PHE A CE2 1 
ATOM   285  C  CZ  . PHE A 1 48  ? 8.85427   8.80170   8.02590   1.000 38.96596 ? 40  PHE A CZ  1 
ATOM   286  N  N   . GLU A 1 49  ? 3.14190   11.70811  11.82527  1.000 30.14823 ? 41  GLU A N   1 
ATOM   287  C  CA  . GLU A 1 49  ? 2.31591   12.35703  12.83474  1.000 31.93014 ? 41  GLU A CA  1 
ATOM   288  C  C   . GLU A 1 49  ? 1.80576   11.32583  13.83405  1.000 34.14793 ? 41  GLU A C   1 
ATOM   289  O  O   . GLU A 1 49  ? 1.89474   11.52676  15.05439  1.000 30.78594 ? 41  GLU A O   1 
ATOM   290  C  CB  . GLU A 1 49  ? 1.14425   13.07141  12.16917  1.000 34.31003 ? 41  GLU A CB  1 
ATOM   291  C  CG  . GLU A 1 49  ? 0.22096   13.84026  13.10244  1.000 33.95520 ? 41  GLU A CG  1 
ATOM   292  C  CD  . GLU A 1 49  ? -1.02807  14.38515  12.39258  1.000 37.90276 ? 41  GLU A CD  1 
ATOM   293  O  OE1 . GLU A 1 49  ? -1.30829  14.07112  11.21306  1.000 40.18800 ? 41  GLU A OE1 1 
ATOM   294  O  OE2 . GLU A 1 49  ? -1.75759  15.13247  13.02327  1.000 39.27153 ? 41  GLU A OE2 1 
ATOM   295  N  N   . ILE A 1 50  ? 1.31402   10.19333  13.31948  1.000 30.67935 ? 42  ILE A N   1 
ATOM   296  C  CA  . ILE A 1 50  ? 0.78563   9.12674   14.17040  1.000 29.64291 ? 42  ILE A CA  1 
ATOM   297  C  C   . ILE A 1 50  ? 1.89541   8.42195   14.95112  1.000 30.96735 ? 42  ILE A C   1 
ATOM   298  O  O   . ILE A 1 50  ? 1.77897   8.21747   16.17286  1.000 30.82946 ? 42  ILE A O   1 
ATOM   299  C  CB  . ILE A 1 50  ? -0.01633  8.13952   13.31445  1.000 30.48059 ? 42  ILE A CB  1 
ATOM   300  C  CG1 . ILE A 1 50  ? -1.21156  8.88306   12.68038  1.000 29.02125 ? 42  ILE A CG1 1 
ATOM   301  C  CG2 . ILE A 1 50  ? -0.40064  6.89284   14.16253  1.000 30.58139 ? 42  ILE A CG2 1 
ATOM   302  C  CD1 . ILE A 1 50  ? -1.87775  8.07411   11.53211  1.000 29.88569 ? 42  ILE A CD1 1 
ATOM   303  N  N   . ALA A 1 51  ? 2.96133   7.99673   14.26089  1.000 31.52141 ? 43  ALA A N   1 
ATOM   304  C  CA  . ALA A 1 51  ? 4.05727   7.23965   14.85966  1.000 31.33104 ? 43  ALA A CA  1 
ATOM   305  C  C   . ALA A 1 51  ? 5.38602   7.86214   14.44614  1.000 32.19291 ? 43  ALA A C   1 
ATOM   306  O  O   . ALA A 1 51  ? 6.04935   7.37101   13.53482  1.000 33.16649 ? 43  ALA A O   1 
ATOM   307  C  CB  . ALA A 1 51  ? 4.02792   5.76593   14.44307  1.000 31.10457 ? 43  ALA A CB  1 
ATOM   308  N  N   . PRO A 1 52  ? 5.79811   8.94111   15.11787  1.000 30.88903 ? 44  PRO A N   1 
ATOM   309  C  CA  . PRO A 1 52  ? 7.09655   9.56712   14.78366  1.000 33.91138 ? 44  PRO A CA  1 
ATOM   310  C  C   . PRO A 1 52  ? 8.30022   8.65515   14.92485  1.000 36.25283 ? 44  PRO A C   1 
ATOM   311  O  O   . PRO A 1 52  ? 9.32860   8.89086   14.25702  1.000 35.45014 ? 44  PRO A O   1 
ATOM   312  C  CB  . PRO A 1 52  ? 7.17322   10.76541  15.75160  1.000 33.78918 ? 44  PRO A CB  1 
ATOM   313  C  CG  . PRO A 1 52  ? 5.98123   10.66045  16.67177  1.000 33.18629 ? 44  PRO A CG  1 
ATOM   314  C  CD  . PRO A 1 52  ? 4.96678   9.78761   15.98207  1.000 30.91254 ? 44  PRO A CD  1 
ATOM   315  N  N   . THR A 1 53  ? 8.20402   7.61127   15.73978  1.000 32.27265 ? 45  THR A N   1 
ATOM   316  C  CA  . THR A 1 53  ? 9.29562   6.66258   15.87046  1.000 34.93315 ? 45  THR A CA  1 
ATOM   317  C  C   . THR A 1 53  ? 9.61677   5.99549   14.54313  1.000 39.35505 ? 45  THR A C   1 
ATOM   318  O  O   . THR A 1 53  ? 10.78365  5.67445   14.28457  1.000 38.70126 ? 45  THR A O   1 
ATOM   319  C  CB  . THR A 1 53  ? 8.96112   5.63795   16.96142  1.000 37.84095 ? 45  THR A CB  1 
ATOM   320  O  OG1 . THR A 1 53  ? 9.16690   6.25730   18.23331  1.000 37.76609 ? 45  THR A OG1 1 
ATOM   321  C  CG2 . THR A 1 53  ? 9.84293   4.42042   16.87679  1.000 35.60069 ? 45  THR A CG2 1 
ATOM   322  N  N   . ALA A 1 54  ? 8.62105   5.84600   13.66093  1.000 33.40802 ? 46  ALA A N   1 
ATOM   323  C  CA  . ALA A 1 54  ? 8.88718   5.27805   12.34373  1.000 37.09370 ? 46  ALA A CA  1 
ATOM   324  C  C   . ALA A 1 54  ? 9.86346   6.12451   11.53028  1.000 38.72696 ? 46  ALA A C   1 
ATOM   325  O  O   . ALA A 1 54  ? 10.50233  5.60641   10.60863  1.000 40.78517 ? 46  ALA A O   1 
ATOM   326  C  CB  . ALA A 1 54  ? 7.57098   5.13131   11.56548  1.000 35.75785 ? 46  ALA A CB  1 
ATOM   327  N  N   . LYS A 1 55  ? 9.96370   7.41899   11.83289  1.000 38.63934 ? 47  LYS A N   1 
ATOM   328  C  CA  . LYS A 1 55  ? 10.89749  8.29834   11.14058  1.000 40.91534 ? 47  LYS A CA  1 
ATOM   329  C  C   . LYS A 1 55  ? 12.32787  7.75989   11.18632  1.000 42.47487 ? 47  LYS A C   1 
ATOM   330  O  O   . LYS A 1 55  ? 13.09853  7.94374   10.23223  1.000 41.39158 ? 47  LYS A O   1 
ATOM   331  C  CB  . LYS A 1 55  ? 10.81027  9.69278   11.76654  1.000 40.99676 ? 47  LYS A CB  1 
ATOM   332  C  CG  . LYS A 1 55  ? 10.66864  10.83809  10.81898  1.000 49.51026 ? 47  LYS A CG  1 
ATOM   333  C  CD  . LYS A 1 55  ? 10.70953  12.16434  11.56454  1.000 50.94209 ? 47  LYS A CD  1 
ATOM   334  C  CE  . LYS A 1 55  ? 9.75894   12.19691  12.76357  1.000 52.35554 ? 47  LYS A CE  1 
ATOM   335  N  NZ  . LYS A 1 55  ? 9.60577   13.58874  13.30708  1.000 59.74260 ? 47  LYS A NZ  1 
ATOM   336  N  N   . LYS A 1 56  ? 12.68244  7.05313   12.25352  1.000 39.99921 ? 48  LYS A N   1 
ATOM   337  C  CA  . LYS A 1 56  ? 14.04716  6.55671   12.42399  1.000 42.53209 ? 48  LYS A CA  1 
ATOM   338  C  C   . LYS A 1 56  ? 14.39974  5.46440   11.42008  1.000 45.55438 ? 48  LYS A C   1 
ATOM   339  O  O   . LYS A 1 56  ? 15.57814  5.28596   11.08612  1.000 44.24127 ? 48  LYS A O   1 
ATOM   340  C  CB  . LYS A 1 56  ? 14.21809  6.03052   13.84748  1.000 46.29615 ? 48  LYS A CB  1 
ATOM   341  C  CG  . LYS A 1 56  ? 14.18233  7.12078   14.90305  1.000 48.18548 ? 48  LYS A CG  1 
ATOM   342  C  CD  . LYS A 1 56  ? 14.18668  6.53043   16.30437  1.000 50.99453 ? 48  LYS A CD  1 
ATOM   343  C  CE  . LYS A 1 56  ? 13.96369  7.63602   17.32923  1.000 55.50902 ? 48  LYS A CE  1 
ATOM   344  N  NZ  . LYS A 1 56  ? 13.77768  7.09205   18.69886  1.000 53.35462 ? 48  LYS A NZ  1 
ATOM   345  N  N   . MET A 1 57  ? 13.40344  4.71796   10.93809  1.000 43.37140 ? 49  MET A N   1 
ATOM   346  C  CA  . MET A 1 57  ? 13.64139  3.71963   9.90223   1.000 43.15176 ? 49  MET A CA  1 
ATOM   347  C  C   . MET A 1 57  ? 14.13914  4.33286   8.61161   1.000 45.16276 ? 49  MET A C   1 
ATOM   348  O  O   . MET A 1 57  ? 14.77525  3.64214   7.80451   1.000 46.65727 ? 49  MET A O   1 
ATOM   349  C  CB  . MET A 1 57  ? 12.35502  2.97202   9.58971   1.000 44.01777 ? 49  MET A CB  1 
ATOM   350  C  CG  . MET A 1 57  ? 12.15172  1.78215   10.40323  1.000 44.13232 ? 49  MET A CG  1 
ATOM   351  S  SD  . MET A 1 57  ? 10.38987  1.46810   10.29778  1.000 51.15943 ? 49  MET A SD  1 
ATOM   352  C  CE  . MET A 1 57  ? 10.32914  0.02669   11.27269  1.000 37.62537 ? 49  MET A CE  1 
ATOM   353  N  N   . PHE A 1 58  ? 13.81077  5.59753   8.35894   1.000 44.45741 ? 50  PHE A N   1 
ATOM   354  C  CA  . PHE A 1 58  ? 14.12070  6.21963   7.08449   1.000 44.57358 ? 50  PHE A CA  1 
ATOM   355  C  C   . PHE A 1 58  ? 15.22177  7.27153   7.19409   1.000 49.63915 ? 50  PHE A C   1 
ATOM   356  O  O   . PHE A 1 58  ? 15.34213  8.12862   6.31193   1.000 53.65350 ? 50  PHE A O   1 
ATOM   357  C  CB  . PHE A 1 58  ? 12.86388  6.84917   6.48872   1.000 44.06704 ? 50  PHE A CB  1 
ATOM   358  C  CG  . PHE A 1 58  ? 11.77845  5.85693   6.14562   1.000 43.03321 ? 50  PHE A CG  1 
ATOM   359  C  CD1 . PHE A 1 58  ? 11.75109  5.23987   4.89138   1.000 41.67706 ? 50  PHE A CD1 1 
ATOM   360  C  CD2 . PHE A 1 58  ? 10.76973  5.56405   7.06378   1.000 41.55911 ? 50  PHE A CD2 1 
ATOM   361  C  CE1 . PHE A 1 58  ? 10.72035  4.32589   4.57067   1.000 38.42575 ? 50  PHE A CE1 1 
ATOM   362  C  CE2 . PHE A 1 58  ? 9.73759   4.67364   6.74664   1.000 39.02363 ? 50  PHE A CE2 1 
ATOM   363  C  CZ  . PHE A 1 58  ? 9.72612   4.05351   5.49702   1.000 38.09716 ? 50  PHE A CZ  1 
ATOM   364  N  N   . SER A 1 59  ? 16.00568  7.24172   8.26182   1.000 50.08153 ? 51  SER A N   1 
ATOM   365  C  CA  . SER A 1 59  ? 17.13065  8.15924   8.43870   1.000 53.41100 ? 51  SER A CA  1 
ATOM   366  C  C   . SER A 1 59  ? 18.11419  8.05348   7.28192   1.000 59.35851 ? 51  SER A C   1 
ATOM   367  O  O   . SER A 1 59  ? 18.76831  7.02958   7.12681   1.000 63.73622 ? 51  SER A O   1 
ATOM   368  C  CB  . SER A 1 59  ? 17.86068  7.85973   9.74894   1.000 58.20263 ? 51  SER A CB  1 
ATOM   369  O  OG  . SER A 1 59  ? 16.93723  7.69230   10.81874  1.000 58.22931 ? 51  SER A OG  1 
ATOM   370  N  N   . ASN A 1 71  ? 13.75575  14.33988  0.66474   1.000 65.38581 ? 63  ASN A N   1 
ATOM   371  C  CA  . ASN A 1 71  ? 14.29796  12.99483  0.79454   1.000 60.41611 ? 63  ASN A CA  1 
ATOM   372  C  C   . ASN A 1 71  ? 13.78183  12.13040  -0.37276  1.000 62.57856 ? 63  ASN A C   1 
ATOM   373  O  O   . ASN A 1 71  ? 12.56216  11.97416  -0.57700  1.000 58.12921 ? 63  ASN A O   1 
ATOM   374  C  CB  . ASN A 1 71  ? 13.92465  12.41915  2.16768   1.000 59.79639 ? 63  ASN A CB  1 
ATOM   375  C  CG  . ASN A 1 71  ? 14.37132  10.97294  2.36065   1.000 57.57933 ? 63  ASN A CG  1 
ATOM   376  O  OD1 . ASN A 1 71  ? 14.15419  10.11444  1.50855   1.000 58.56555 ? 63  ASN A OD1 1 
ATOM   377  N  ND2 . ASN A 1 71  ? 15.01192  10.70201  3.49767   1.000 65.84829 ? 63  ASN A ND2 1 
ATOM   378  N  N   . GLN A 1 72  ? 14.70897  11.57816  -1.15811  1.000 59.77008 ? 64  GLN A N   1 
ATOM   379  C  CA  . GLN A 1 72  ? 14.31064  10.80589  -2.33043  1.000 58.54558 ? 64  GLN A CA  1 
ATOM   380  C  C   . GLN A 1 72  ? 13.92489  9.36898   -2.00168  1.000 54.06370 ? 64  GLN A C   1 
ATOM   381  O  O   . GLN A 1 72  ? 13.17468  8.75087   -2.77025  1.000 52.24504 ? 64  GLN A O   1 
ATOM   382  C  CB  . GLN A 1 72  ? 15.42767  10.80613  -3.37557  1.000 62.86622 ? 64  GLN A CB  1 
ATOM   383  C  CG  . GLN A 1 72  ? 15.66441  12.16515  -4.02377  1.000 65.04371 ? 64  GLN A CG  1 
ATOM   384  C  CD  . GLN A 1 72  ? 14.38685  12.76691  -4.59150  1.000 66.13128 ? 64  GLN A CD  1 
ATOM   385  O  OE1 . GLN A 1 72  ? 13.87853  13.77358  -4.08665  1.000 65.28771 ? 64  GLN A OE1 1 
ATOM   386  N  NE2 . GLN A 1 72  ? 13.85389  12.14247  -5.64333  1.000 68.23864 ? 64  GLN A NE2 1 
ATOM   387  N  N   . LYS A 1 73  ? 14.41240  8.81658   -0.89087  1.000 53.14745 ? 65  LYS A N   1 
ATOM   388  C  CA  . LYS A 1 73  ? 13.95783  7.48629   -0.50774  1.000 52.92777 ? 65  LYS A CA  1 
ATOM   389  C  C   . LYS A 1 73  ? 12.51366  7.52837   -0.03529  1.000 46.45893 ? 65  LYS A C   1 
ATOM   390  O  O   . LYS A 1 73  ? 11.74827  6.60492   -0.31710  1.000 43.19129 ? 65  LYS A O   1 
ATOM   391  C  CB  . LYS A 1 73  ? 14.86369  6.88715   0.56102   1.000 52.10829 ? 65  LYS A CB  1 
ATOM   392  C  CG  . LYS A 1 73  ? 16.34047  6.95896   0.21032   1.000 56.47461 ? 65  LYS A CG  1 
ATOM   393  C  CD  . LYS A 1 73  ? 17.02996  5.61568   0.32366   1.000 59.24793 ? 65  LYS A CD  1 
ATOM   394  C  CE  . LYS A 1 73  ? 18.49494  5.74224   -0.11653  1.000 57.64704 ? 65  LYS A CE  1 
ATOM   395  N  NZ  . LYS A 1 73  ? 19.19694  4.43187   -0.22206  1.000 61.94027 ? 65  LYS A NZ  1 
ATOM   396  N  N   . LEU A 1 74  ? 12.12534  8.58981   0.67917   1.000 47.90235 ? 66  LEU A N   1 
ATOM   397  C  CA  . LEU A 1 74  ? 10.72778  8.72335   1.10252   1.000 46.35923 ? 66  LEU A CA  1 
ATOM   398  C  C   . LEU A 1 74  ? 9.80210   8.86656   -0.10054  1.000 46.74686 ? 66  LEU A C   1 
ATOM   399  O  O   . LEU A 1 74  ? 8.68921   8.32228   -0.11201  1.000 41.27562 ? 66  LEU A O   1 
ATOM   400  C  CB  . LEU A 1 74  ? 10.55282  9.92491   2.03233   1.000 47.94855 ? 66  LEU A CB  1 
ATOM   401  C  CG  . LEU A 1 74  ? 11.04511  9.93610   3.48545   1.000 44.95623 ? 66  LEU A CG  1 
ATOM   402  C  CD1 . LEU A 1 74  ? 10.49220  11.15871  4.19472   1.000 46.09676 ? 66  LEU A CD1 1 
ATOM   403  C  CD2 . LEU A 1 74  ? 10.65693  8.68614   4.22498   1.000 44.92346 ? 66  LEU A CD2 1 
ATOM   404  N  N   . LYS A 1 75  ? 10.24254  9.60376   -1.12397  1.000 46.42118 ? 67  LYS A N   1 
ATOM   405  C  CA  . LYS A 1 75  ? 9.43645   9.75404   -2.33018  1.000 47.83557 ? 67  LYS A CA  1 
ATOM   406  C  C   . LYS A 1 75  ? 9.22490   8.41684   -3.01610  1.000 40.76260 ? 67  LYS A C   1 
ATOM   407  O  O   . LYS A 1 75  ? 8.10145   8.08122   -3.40948  1.000 41.76714 ? 67  LYS A O   1 
ATOM   408  C  CB  . LYS A 1 75  ? 10.11109  10.72734  -3.30303  1.000 50.32197 ? 67  LYS A CB  1 
ATOM   409  C  CG  . LYS A 1 75  ? 10.19503  12.15581  -2.82099  1.000 58.57302 ? 67  LYS A CG  1 
ATOM   410  C  CD  . LYS A 1 75  ? 9.35099   13.11350  -3.67210  1.000 57.69000 ? 67  LYS A CD  1 
ATOM   411  C  CE  . LYS A 1 75  ? 9.77758   14.55735  -3.42970  1.000 63.04588 ? 67  LYS A CE  1 
ATOM   412  N  NZ  . LYS A 1 75  ? 11.13578  14.84277  -4.03477  1.000 68.99889 ? 67  LYS A NZ  1 
ATOM   413  N  N   . GLY A 1 76  ? 10.30822  7.66762   -3.22306  1.000 42.41461 ? 68  GLY A N   1 
ATOM   414  C  CA  . GLY A 1 76  ? 10.18425  6.36147   -3.84744  1.000 38.93098 ? 68  GLY A CA  1 
ATOM   415  C  C   . GLY A 1 76  ? 9.34583   5.40668   -3.01895  1.000 40.14342 ? 68  GLY A C   1 
ATOM   416  O  O   . GLY A 1 76  ? 8.57021   4.61354   -3.56194  1.000 37.68046 ? 68  GLY A O   1 
ATOM   417  N  N   . HIS A 1 77  ? 9.47898   5.47065   -1.69405  1.000 36.27901 ? 69  HIS A N   1 
ATOM   418  C  CA  . HIS A 1 77  ? 8.74232   4.51983   -0.86667  1.000 35.21839 ? 69  HIS A CA  1 
ATOM   419  C  C   . HIS A 1 77  ? 7.24134   4.79120   -0.90450  1.000 33.68702 ? 69  HIS A C   1 
ATOM   420  O  O   . HIS A 1 77  ? 6.43817   3.86025   -1.03690  1.000 35.10936 ? 69  HIS A O   1 
ATOM   421  C  CB  . HIS A 1 77  ? 9.23325   4.53291   0.57378   1.000 34.76975 ? 69  HIS A CB  1 
ATOM   422  C  CG  . HIS A 1 77  ? 8.70018   3.37070   1.35009   1.000 32.79507 ? 69  HIS A CG  1 
ATOM   423  N  ND1 . HIS A 1 77  ? 7.46720   3.39369   1.96490   1.000 31.31727 ? 69  HIS A ND1 1 
ATOM   424  C  CD2 . HIS A 1 77  ? 9.17939   2.12277   1.49744   1.000 32.74569 ? 69  HIS A CD2 1 
ATOM   425  C  CE1 . HIS A 1 77  ? 7.23774   2.21867   2.52507   1.000 33.38750 ? 69  HIS A CE1 1 
ATOM   426  N  NE2 . HIS A 1 77  ? 8.26053   1.42807   2.24123   1.000 34.91809 ? 69  HIS A NE2 1 
ATOM   427  N  N   . ALA A 1 78  ? 6.83931   6.05606   -0.79277  1.000 32.78493 ? 70  ALA A N   1 
ATOM   428  C  CA  . ALA A 1 78  ? 5.41950   6.38296   -0.90838  1.000 36.18135 ? 70  ALA A CA  1 
ATOM   429  C  C   . ALA A 1 78  ? 4.85422   5.96392   -2.26365  1.000 37.75758 ? 70  ALA A C   1 
ATOM   430  O  O   . ALA A 1 78  ? 3.72415   5.45683   -2.34844  1.000 33.61811 ? 70  ALA A O   1 
ATOM   431  C  CB  . ALA A 1 78  ? 5.21186   7.88391   -0.69110  1.000 35.81537 ? 70  ALA A CB  1 
ATOM   432  N  N   . MET A 1 79  ? 5.61500   6.18633   -3.34060  1.000 37.57520 ? 71  MET A N   1 
ATOM   433  C  CA  . MET A 1 79  ? 5.15984   5.75958   -4.66203  1.000 37.92456 ? 71  MET A CA  1 
ATOM   434  C  C   . MET A 1 79  ? 5.01524   4.24963   -4.72224  1.000 34.09576 ? 71  MET A C   1 
ATOM   435  O  O   . MET A 1 79  ? 4.04827   3.73568   -5.30944  1.000 38.06371 ? 71  MET A O   1 
ATOM   436  C  CB  . MET A 1 79  ? 6.12436   6.24513   -5.76360  1.000 41.17059 ? 71  MET A CB  1 
ATOM   437  C  CG  . MET A 1 79  ? 5.65584   7.51125   -6.44381  1.000 49.01923 ? 71  MET A CG  1 
ATOM   438  S  SD  . MET A 1 79  ? 4.31318   7.24633   -7.61878  1.000 57.18761 ? 71  MET A SD  1 
ATOM   439  C  CE  . MET A 1 79  ? 5.26874   6.93195   -9.10994  1.000 57.06662 ? 71  MET A CE  1 
ATOM   440  N  N   . SER A 1 80  ? 5.95478   3.51567   -4.11936  1.000 36.43162 ? 72  SER A N   1 
ATOM   441  C  CA  . SER A 1 80  ? 5.80716   2.06319   -4.08743  1.000 36.16593 ? 72  SER A CA  1 
ATOM   442  C  C   . SER A 1 80  ? 4.51922   1.67111   -3.38556  1.000 34.44005 ? 72  SER A C   1 
ATOM   443  O  O   . SER A 1 80  ? 3.79584   0.78181   -3.85427  1.000 33.90133 ? 72  SER A O   1 
ATOM   444  C  CB  . SER A 1 80  ? 7.00360   1.38115   -3.41984  1.000 37.34376 ? 72  SER A CB  1 
ATOM   445  O  OG  . SER A 1 80  ? 8.17926   1.65290   -4.15790  1.000 40.04042 ? 72  SER A OG  1 
ATOM   446  N  N   . VAL A 1 81  ? 4.21187   2.31168   -2.26073  1.000 32.90255 ? 73  VAL A N   1 
ATOM   447  C  CA  . VAL A 1 81  ? 3.00060   1.92667   -1.53471  1.000 30.40812 ? 73  VAL A CA  1 
ATOM   448  C  C   . VAL A 1 81  ? 1.77788   2.12125   -2.41739  1.000 36.05077 ? 73  VAL A C   1 
ATOM   449  O  O   . VAL A 1 81  ? 0.92974   1.23151   -2.53100  1.000 34.26992 ? 73  VAL A O   1 
ATOM   450  C  CB  . VAL A 1 81  ? 2.89590   2.68860   -0.20251  1.000 31.99564 ? 73  VAL A CB  1 
ATOM   451  C  CG1 . VAL A 1 81  ? 1.52518   2.44709   0.43517   1.000 31.71344 ? 73  VAL A CG1 1 
ATOM   452  C  CG2 . VAL A 1 81  ? 4.00688   2.18294   0.75044   1.000 30.04175 ? 73  VAL A CG2 1 
ATOM   453  N  N   . PHE A 1 82  ? 1.69444   3.26801   -3.10293  1.000 33.16163 ? 74  PHE A N   1 
ATOM   454  C  CA  . PHE A 1 82  ? 0.53563   3.52861   -3.95289  1.000 36.73460 ? 74  PHE A CA  1 
ATOM   455  C  C   . PHE A 1 82  ? 0.48839   2.58206   -5.15367  1.000 38.67602 ? 74  PHE A C   1 
ATOM   456  O  O   . PHE A 1 82  ? -0.54265  1.94623   -5.43307  1.000 37.86527 ? 74  PHE A O   1 
ATOM   457  C  CB  . PHE A 1 82  ? 0.57353   4.98229   -4.43429  1.000 36.89105 ? 74  PHE A CB  1 
ATOM   458  C  CG  . PHE A 1 82  ? 0.04853   5.96986   -3.43783  1.000 37.13460 ? 74  PHE A CG  1 
ATOM   459  C  CD1 . PHE A 1 82  ? -1.29719  6.02761   -3.15324  1.000 38.79339 ? 74  PHE A CD1 1 
ATOM   460  C  CD2 . PHE A 1 82  ? 0.89224   6.86200   -2.82181  1.000 39.73635 ? 74  PHE A CD2 1 
ATOM   461  C  CE1 . PHE A 1 82  ? -1.80458  6.96546   -2.26897  1.000 39.29500 ? 74  PHE A CE1 1 
ATOM   462  C  CE2 . PHE A 1 82  ? 0.39875   7.80579   -1.91070  1.000 40.59732 ? 74  PHE A CE2 1 
ATOM   463  C  CZ  . PHE A 1 82  ? -0.96171  7.84117   -1.63171  1.000 39.65494 ? 74  PHE A CZ  1 
ATOM   464  N  N   . VAL A 1 83  ? 1.58631   2.50113   -5.90049  1.000 35.77597 ? 75  VAL A N   1 
ATOM   465  C  CA  . VAL A 1 83  ? 1.57209   1.75459   -7.15563  1.000 37.99357 ? 75  VAL A CA  1 
ATOM   466  C  C   . VAL A 1 83  ? 1.49509   0.25329   -6.89763  1.000 35.35547 ? 75  VAL A C   1 
ATOM   467  O  O   . VAL A 1 83  ? 0.80218   -0.47141  -7.61664  1.000 38.67472 ? 75  VAL A O   1 
ATOM   468  C  CB  . VAL A 1 83  ? 2.79720   2.15539   -8.00638  1.000 41.40657 ? 75  VAL A CB  1 
ATOM   469  C  CG1 . VAL A 1 83  ? 2.85884   1.34567   -9.29342  1.000 46.23708 ? 75  VAL A CG1 1 
ATOM   470  C  CG2 . VAL A 1 83  ? 2.70373   3.64825   -8.33224  1.000 41.86155 ? 75  VAL A CG2 1 
ATOM   471  N  N   . MET A 1 84  ? 2.15864   -0.24017  -5.84910  1.000 35.34592 ? 76  MET A N   1 
ATOM   472  C  CA  . MET A 1 84  ? 2.10119   -1.67436  -5.57130  1.000 36.58164 ? 76  MET A CA  1 
ATOM   473  C  C   . MET A 1 84  ? 0.72858   -2.08796  -5.05989  1.000 36.97370 ? 76  MET A C   1 
ATOM   474  O  O   . MET A 1 84  ? 0.26459   -3.19955  -5.34302  1.000 36.46080 ? 76  MET A O   1 
ATOM   475  C  CB  . MET A 1 84  ? 3.18299   -2.09118  -4.56668  1.000 36.43212 ? 76  MET A CB  1 
ATOM   476  C  CG  . MET A 1 84  ? 4.61615   -1.98680  -5.09646  1.000 42.86283 ? 76  MET A CG  1 
ATOM   477  S  SD  . MET A 1 84  ? 4.97496   -3.44456  -6.09272  1.000 44.14995 ? 76  MET A SD  1 
ATOM   478  C  CE  . MET A 1 84  ? 5.44954   -4.71972  -4.95482  1.000 37.98558 ? 76  MET A CE  1 
ATOM   479  N  N   . THR A 1 85  ? 0.07693   -1.22680  -4.26915  1.000 35.53638 ? 77  THR A N   1 
ATOM   480  C  CA  . THR A 1 85  ? -1.30105  -1.51775  -3.88718  1.000 34.14977 ? 77  THR A CA  1 
ATOM   481  C  C   . THR A 1 85  ? -2.22379  -1.48280  -5.10530  1.000 36.63479 ? 77  THR A C   1 
ATOM   482  O  O   . THR A 1 85  ? -3.10391  -2.34184  -5.25611  1.000 34.69541 ? 77  THR A O   1 
ATOM   483  C  CB  . THR A 1 85  ? -1.74935  -0.53131  -2.79955  1.000 35.58070 ? 77  THR A CB  1 
ATOM   484  O  OG1 . THR A 1 85  ? -0.87127  -0.67900  -1.67540  1.000 32.18357 ? 77  THR A OG1 1 
ATOM   485  C  CG2 . THR A 1 85  ? -3.20126  -0.83701  -2.30906  1.000 34.47265 ? 77  THR A CG2 1 
ATOM   486  N  N   . CYS A 1 86  ? -2.06360  -0.48271  -5.97687  1.000 33.32416 ? 78  CYS A N   1 
ATOM   487  C  CA  . CYS A 1 86  ? -2.84835  -0.48130  -7.21103  1.000 34.49973 ? 78  CYS A CA  1 
ATOM   488  C  C   . CYS A 1 86  ? -2.67813  -1.79386  -7.97310  1.000 37.98165 ? 78  CYS A C   1 
ATOM   489  O  O   . CYS A 1 86  ? -3.66099  -2.39103  -8.43094  1.000 38.25551 ? 78  CYS A O   1 
ATOM   490  C  CB  . CYS A 1 86  ? -2.45222  0.70311   -8.10049  1.000 37.27908 ? 78  CYS A CB  1 
ATOM   491  S  SG  . CYS A 1 86  ? -3.53115  0.94295   -9.60913  1.000 45.03255 ? 78  CYS A SG  1 
ATOM   492  N  N   . LYS A 1 87  ? -1.43356  -2.23547  -8.17035  1.000 35.42741 ? 79  LYS A N   1 
ATOM   493  C  CA  . LYS A 1 87  ? -1.22478  -3.48345  -8.90553  1.000 36.42296 ? 79  LYS A CA  1 
ATOM   494  C  C   . LYS A 1 87  ? -1.79907  -4.69106  -8.16895  1.000 40.26016 ? 79  LYS A C   1 
ATOM   495  O  O   . LYS A 1 87  ? -2.25151  -5.65445  -8.81016  1.000 40.24806 ? 79  LYS A O   1 
ATOM   496  C  CB  . LYS A 1 87  ? 0.26773   -3.69384  -9.20224  1.000 41.28707 ? 79  LYS A CB  1 
ATOM   497  C  CG  . LYS A 1 87  ? 0.78472   -2.62020  -10.17465 1.000 42.25847 ? 79  LYS A CG  1 
ATOM   498  C  CD  . LYS A 1 87  ? 2.23109   -2.84216  -10.58956 1.000 50.98888 ? 79  LYS A CD  1 
ATOM   499  C  CE  . LYS A 1 87  ? 2.65230   -1.75999  -11.60975 1.000 49.24333 ? 79  LYS A CE  1 
ATOM   500  N  NZ  . LYS A 1 87  ? 4.09807   -1.83794  -11.84314 1.000 56.12244 ? 79  LYS A NZ  1 
ATOM   501  N  N   . SER A 1 88  ? -1.78478  -4.67603  -6.83513  1.000 37.55636 ? 80  SER A N   1 
ATOM   502  C  CA  . SER A 1 88  ? -2.43148  -5.75745  -6.08554  1.000 38.95637 ? 80  SER A CA  1 
ATOM   503  C  C   . SER A 1 88  ? -3.93460  -5.79984  -6.36053  1.000 38.71171 ? 80  SER A C   1 
ATOM   504  O  O   . SER A 1 88  ? -4.51401  -6.88450  -6.50833  1.000 40.46920 ? 80  SER A O   1 
ATOM   505  C  CB  . SER A 1 88  ? -2.12725  -5.59362  -4.59550  1.000 37.18870 ? 80  SER A CB  1 
ATOM   506  O  OG  . SER A 1 88  ? -2.94012  -6.40153  -3.76093  1.000 42.68228 ? 80  SER A OG  1 
ATOM   507  N  N   . ALA A 1 89  ? -4.58594  -4.63370  -6.43837  1.000 38.02330 ? 81  ALA A N   1 
ATOM   508  C  CA  . ALA A 1 89  ? -6.00853  -4.59120  -6.78181  1.000 39.86810 ? 81  ALA A CA  1 
ATOM   509  C  C   . ALA A 1 89  ? -6.28029  -5.19993  -8.16104  1.000 43.69827 ? 81  ALA A C   1 
ATOM   510  O  O   . ALA A 1 89  ? -7.28829  -5.89588  -8.35661  1.000 41.48489 ? 81  ALA A O   1 
ATOM   511  C  CB  . ALA A 1 89  ? -6.51877  -3.15111  -6.73105  1.000 34.66743 ? 81  ALA A CB  1 
ATOM   512  N  N   . ALA A 1 90  ? -5.41273  -4.91677  -9.13819  1.000 42.38263 ? 82  ALA A N   1 
ATOM   513  C  CA  . ALA A 1 90  ? -5.57133  -5.49912  -10.47225 1.000 45.48725 ? 82  ALA A CA  1 
ATOM   514  C  C   . ALA A 1 90  ? -5.41501  -7.01945  -10.43468 1.000 45.74833 ? 82  ALA A C   1 
ATOM   515  O  O   . ALA A 1 90  ? -6.15391  -7.74705  -11.11399 1.000 45.42052 ? 82  ALA A O   1 
ATOM   516  C  CB  . ALA A 1 90  ? -4.55413  -4.87859  -11.43654 1.000 44.93736 ? 82  ALA A CB  1 
ATOM   517  N  N   . GLN A 1 91  ? -4.46621  -7.52021  -9.63876  1.000 43.48609 ? 83  GLN A N   1 
ATOM   518  C  CA  . GLN A 1 91  ? -4.26383  -8.96577  -9.54061  1.000 43.82749 ? 83  GLN A CA  1 
ATOM   519  C  C   . GLN A 1 91  ? -5.39920  -9.64745  -8.78843  1.000 47.19024 ? 83  GLN A C   1 
ATOM   520  O  O   . GLN A 1 91  ? -5.81387  -10.75657 -9.15221  1.000 49.98233 ? 83  GLN A O   1 
ATOM   521  C  CB  . GLN A 1 91  ? -2.92307  -9.25722  -8.88151  1.000 46.06333 ? 83  GLN A CB  1 
ATOM   522  C  CG  . GLN A 1 91  ? -1.77076  -8.67774  -9.68182  1.000 44.29063 ? 83  GLN A CG  1 
ATOM   523  C  CD  . GLN A 1 91  ? -0.47393  -8.59776  -8.90473  1.000 46.70818 ? 83  GLN A CD  1 
ATOM   524  O  OE1 . GLN A 1 91  ? -0.31204  -9.23718  -7.86679  1.000 45.85492 ? 83  GLN A OE1 1 
ATOM   525  N  NE2 . GLN A 1 91  ? 0.47096   -7.81239  -9.42035  1.000 49.20702 ? 83  GLN A NE2 1 
ATOM   526  N  N   . LEU A 1 92  ? -5.91661  -9.01539  -7.73544  1.000 42.66435 ? 84  LEU A N   1 
ATOM   527  C  CA  . LEU A 1 92  ? -7.09579  -9.56267  -7.07673  1.000 44.45117 ? 84  LEU A CA  1 
ATOM   528  C  C   . LEU A 1 92  ? -8.27160  -9.66027  -8.04484  1.000 45.53570 ? 84  LEU A C   1 
ATOM   529  O  O   . LEU A 1 92  ? -9.00568  -10.65675 -8.03313  1.000 46.02368 ? 84  LEU A O   1 
ATOM   530  C  CB  . LEU A 1 92  ? -7.48659  -8.71346  -5.86733  1.000 42.53213 ? 84  LEU A CB  1 
ATOM   531  C  CG  . LEU A 1 92  ? -6.53468  -8.65230  -4.66769  1.000 42.61569 ? 84  LEU A CG  1 
ATOM   532  C  CD1 . LEU A 1 92  ? -7.26681  -8.00324  -3.50796  1.000 40.88162 ? 84  LEU A CD1 1 
ATOM   533  C  CD2 . LEU A 1 92  ? -6.02718  -10.01991 -4.28581  1.000 47.04420 ? 84  LEU A CD2 1 
ATOM   534  N  N   . ARG A 1 93  ? -8.49829  -8.62613  -8.86356  1.000 42.91192 ? 85  ARG A N   1 
ATOM   535  C  CA  . ARG A 1 93  ? -9.59571  -8.70934  -9.82967  1.000 45.74993 ? 85  ARG A CA  1 
ATOM   536  C  C   . ARG A 1 93  ? -9.33572  -9.82185  -10.82859 1.000 50.96800 ? 85  ARG A C   1 
ATOM   537  O  O   . ARG A 1 93  ? -10.20292 -10.66509 -11.07937 1.000 50.80352 ? 85  ARG A O   1 
ATOM   538  C  CB  . ARG A 1 93  ? -9.80315  -7.38229  -10.56083 1.000 47.92592 ? 85  ARG A CB  1 
ATOM   539  C  CG  . ARG A 1 93  ? -11.26116 -7.18074  -11.09144 1.000 47.34046 ? 85  ARG A CG  1 
ATOM   540  C  CD  . ARG A 1 93  ? -11.45615 -7.76450  -12.49965 1.000 52.95141 ? 85  ARG A CD  1 
ATOM   541  N  NE  . ARG A 1 93  ? -10.33727 -7.44847  -13.39279 1.000 54.45320 ? 85  ARG A NE  1 
ATOM   542  C  CZ  . ARG A 1 93  ? -9.97235  -8.19248  -14.44312 1.000 59.04166 ? 85  ARG A CZ  1 
ATOM   543  N  NH1 . ARG A 1 93  ? -10.64727 -9.30542  -14.73792 1.000 57.91698 ? 85  ARG A NH1 1 
ATOM   544  N  NH2 . ARG A 1 93  ? -8.92973  -7.83318  -15.20406 1.000 54.70167 ? 85  ARG A NH2 1 
ATOM   545  N  N   . LYS A 1 94  ? -8.12122  -9.86342  -11.37090 1.000 50.10089 ? 86  LYS A N   1 
ATOM   546  C  CA  . LYS A 1 94  ? -7.82007  -10.75139 -12.48628 1.000 53.26403 ? 86  LYS A CA  1 
ATOM   547  C  C   . LYS A 1 94  ? -7.65963  -12.19805 -12.04194 1.000 52.67474 ? 86  LYS A C   1 
ATOM   548  O  O   . LYS A 1 94  ? -8.10208  -13.11568 -12.74655 1.000 55.38513 ? 86  LYS A O   1 
ATOM   549  C  CB  . LYS A 1 94  ? -6.56195  -10.27244 -13.20385 1.000 54.04342 ? 86  LYS A CB  1 
ATOM   550  C  CG  . LYS A 1 94  ? -6.23291  -11.09167 -14.44522 1.000 59.57706 ? 86  LYS A CG  1 
ATOM   551  C  CD  . LYS A 1 94  ? -4.97486  -10.58500 -15.12404 1.000 60.45344 ? 86  LYS A CD  1 
ATOM   552  C  CE  . LYS A 1 94  ? -4.68512  -11.37217 -16.40474 1.000 67.69651 ? 86  LYS A CE  1 
ATOM   553  N  NZ  . LYS A 1 94  ? -4.65547  -10.47365 -17.60820 1.000 65.46968 ? 86  LYS A NZ  1 
ATOM   554  N  N   . ALA A 1 95  ? -7.03935  -12.42316 -10.88425 1.000 49.30071 ? 87  ALA A N   1 
ATOM   555  C  CA  . ALA A 1 95  ? -6.67337  -13.76239 -10.44514 1.000 52.10512 ? 87  ALA A CA  1 
ATOM   556  C  C   . ALA A 1 95  ? -7.25147  -14.17486 -9.09886  1.000 50.42086 ? 87  ALA A C   1 
ATOM   557  O  O   . ALA A 1 95  ? -7.02295  -15.31126 -8.67367  1.000 53.85236 ? 87  ALA A O   1 
ATOM   558  C  CB  . ALA A 1 95  ? -5.14360  -13.89189 -10.38498 1.000 54.03380 ? 87  ALA A CB  1 
ATOM   559  N  N   . GLY A 1 96  ? -7.97172  -13.29878 -8.39687  1.000 50.30020 ? 88  GLY A N   1 
ATOM   560  C  CA  . GLY A 1 96  ? -8.42158  -13.64074 -7.05827  1.000 48.33497 ? 88  GLY A CA  1 
ATOM   561  C  C   . GLY A 1 96  ? -7.33694  -13.68596 -6.00029  1.000 50.57832 ? 88  GLY A C   1 
ATOM   562  O  O   . GLY A 1 96  ? -7.64386  -13.96341 -4.83776  1.000 50.22973 ? 88  GLY A O   1 
ATOM   563  N  N   . LYS A 1 97  ? -6.08559  -13.40647 -6.36252  1.000 49.80965 ? 89  LYS A N   1 
ATOM   564  C  CA  . LYS A 1 97  ? -4.94764  -13.51288 -5.46348  1.000 49.50915 ? 89  LYS A CA  1 
ATOM   565  C  C   . LYS A 1 97  ? -3.86277  -12.56631 -5.95429  1.000 48.71720 ? 89  LYS A C   1 
ATOM   566  O  O   . LYS A 1 97  ? -3.86546  -12.13163 -7.10840  1.000 50.51253 ? 89  LYS A O   1 
ATOM   567  C  CB  . LYS A 1 97  ? -4.40207  -14.94881 -5.41915  1.000 52.34944 ? 89  LYS A CB  1 
ATOM   568  C  CG  . LYS A 1 97  ? -3.83782  -15.38033 -6.77204  1.000 55.59337 ? 89  LYS A CG  1 
ATOM   569  C  CD  . LYS A 1 97  ? -2.77675  -16.47136 -6.63820  1.000 60.25562 ? 89  LYS A CD  1 
ATOM   570  C  CE  . LYS A 1 97  ? -2.97392  -17.57098 -7.67605  1.000 59.79191 ? 89  LYS A CE  1 
ATOM   571  N  NZ  . LYS A 1 97  ? -2.40139  -18.87517 -7.20618  1.000 63.57828 ? 89  LYS A NZ  1 
ATOM   572  N  N   . VAL A 1 98  ? -2.92067  -12.25688 -5.07709  1.000 49.75995 ? 90  VAL A N   1 
ATOM   573  C  CA  . VAL A 1 98  ? -1.78336  -11.43549 -5.47633  1.000 47.71101 ? 90  VAL A CA  1 
ATOM   574  C  C   . VAL A 1 98  ? -0.77992  -12.30383 -6.23061  1.000 52.54192 ? 90  VAL A C   1 
ATOM   575  O  O   . VAL A 1 98  ? -0.49193  -13.44020 -5.83585  1.000 52.30461 ? 90  VAL A O   1 
ATOM   576  C  CB  . VAL A 1 98  ? -1.14738  -10.76647 -4.24690  1.000 48.14125 ? 90  VAL A CB  1 
ATOM   577  C  CG1 . VAL A 1 98  ? 0.31046   -10.41356 -4.52690  1.000 48.90794 ? 90  VAL A CG1 1 
ATOM   578  C  CG2 . VAL A 1 98  ? -1.93841  -9.51957  -3.87273  1.000 45.93818 ? 90  VAL A CG2 1 
ATOM   579  N  N   . THR A 1 99  ? -0.24730  -11.77800 -7.32950  1.000 49.93894 ? 91  THR A N   1 
ATOM   580  C  CA  . THR A 1 99  ? 0.60705   -12.56519 -8.20991  1.000 54.32952 ? 91  THR A CA  1 
ATOM   581  C  C   . THR A 1 99  ? 1.96452   -11.91123 -8.44609  1.000 52.82655 ? 91  THR A C   1 
ATOM   582  O  O   . THR A 1 99  ? 2.56960   -12.12466 -9.49640  1.000 57.24248 ? 91  THR A O   1 
ATOM   583  C  CB  . THR A 1 99  ? -0.09484  -12.82594 -9.54669  1.000 54.08107 ? 91  THR A CB  1 
ATOM   584  O  OG1 . THR A 1 99  ? -0.25087  -11.58767 -10.25120 1.000 56.54911 ? 91  THR A OG1 1 
ATOM   585  C  CG2 . THR A 1 99  ? -1.48983  -13.45285 -9.31926  1.000 53.69499 ? 91  THR A CG2 1 
ATOM   586  N  N   . PHE A 1 100 ? 2.46662   -11.12395 -7.48691  1.000 51.17749 ? 92  PHE A N   1 
ATOM   587  C  CA  . PHE A 1 100 ? 3.77741   -10.49792 -7.65652  1.000 54.19994 ? 92  PHE A CA  1 
ATOM   588  C  C   . PHE A 1 100 ? 4.87241   -11.55487 -7.75282  1.000 51.40487 ? 92  PHE A C   1 
ATOM   589  O  O   . PHE A 1 100 ? 4.82426   -12.57745 -7.06784  1.000 53.21469 ? 92  PHE A O   1 
ATOM   590  C  CB  . PHE A 1 100 ? 4.09041   -9.54329  -6.49661  1.000 50.60548 ? 92  PHE A CB  1 
ATOM   591  C  CG  . PHE A 1 100 ? 3.47872   -8.16787  -6.65425  1.000 46.29870 ? 92  PHE A CG  1 
ATOM   592  C  CD1 . PHE A 1 100 ? 3.86667   -7.33205  -7.69083  1.000 48.56473 ? 92  PHE A CD1 1 
ATOM   593  C  CD2 . PHE A 1 100 ? 2.49108   -7.73606  -5.78631  1.000 49.02842 ? 92  PHE A CD2 1 
ATOM   594  C  CE1 . PHE A 1 100 ? 3.29315   -6.07673  -7.84640  1.000 49.47061 ? 92  PHE A CE1 1 
ATOM   595  C  CE2 . PHE A 1 100 ? 1.90447   -6.47224  -5.93046  1.000 46.16824 ? 92  PHE A CE2 1 
ATOM   596  C  CZ  . PHE A 1 100 ? 2.31025   -5.64567  -6.95072  1.000 48.22762 ? 92  PHE A CZ  1 
ATOM   597  N  N   . GLY A 1 101 ? 5.87829   -11.28356 -8.59010  1.000 50.01323 ? 93  GLY A N   1 
ATOM   598  C  CA  . GLY A 1 101 ? 7.01875   -12.17862 -8.68641  1.000 51.71352 ? 93  GLY A CA  1 
ATOM   599  C  C   . GLY A 1 101 ? 7.70838   -12.36732 -7.34553  1.000 55.33257 ? 93  GLY A C   1 
ATOM   600  O  O   . GLY A 1 101 ? 7.67413   -11.49926 -6.47354  1.000 52.58438 ? 93  GLY A O   1 
ATOM   601  N  N   . GLU A 1 102 ? 8.35622   -13.52506 -7.19072  1.000 53.50601 ? 94  GLU A N   1 
ATOM   602  C  CA  . GLU A 1 102 ? 8.91838   -13.88928 -5.89708  1.000 56.06230 ? 94  GLU A CA  1 
ATOM   603  C  C   . GLU A 1 102 ? 10.11853  -13.02496 -5.52115  1.000 52.36206 ? 94  GLU A C   1 
ATOM   604  O  O   . GLU A 1 102 ? 10.34637  -12.76985 -4.32935  1.000 52.35246 ? 94  GLU A O   1 
ATOM   605  C  CB  . GLU A 1 102 ? 9.32183   -15.36385 -5.89760  1.000 58.28761 ? 94  GLU A CB  1 
ATOM   606  C  CG  . GLU A 1 102 ? 9.96863   -15.78001 -4.60620  1.000 64.21134 ? 94  GLU A CG  1 
ATOM   607  C  CD  . GLU A 1 102 ? 10.39205  -17.23949 -4.58331  1.000 69.15725 ? 94  GLU A CD  1 
ATOM   608  O  OE1 . GLU A 1 102 ? 9.71954   -18.06772 -5.24497  1.000 72.20761 ? 94  GLU A OE1 1 
ATOM   609  O  OE2 . GLU A 1 102 ? 11.38518  -17.55239 -3.88359  1.000 69.28297 ? 94  GLU A OE2 1 
ATOM   610  N  N   . SER A 1 103 ? 10.91557  -12.60274 -6.50386  1.000 51.56956 ? 95  SER A N   1 
ATOM   611  C  CA  . SER A 1 103 ? 12.05634  -11.73837 -6.21078  1.000 49.31563 ? 95  SER A CA  1 
ATOM   612  C  C   . SER A 1 103 ? 11.60494  -10.41327 -5.61205  1.000 47.62142 ? 95  SER A C   1 
ATOM   613  O  O   . SER A 1 103 ? 12.24704  -9.90992  -4.68500  1.000 45.91979 ? 95  SER A O   1 
ATOM   614  C  CB  . SER A 1 103 ? 12.87761  -11.47884 -7.47753  1.000 49.43448 ? 95  SER A CB  1 
ATOM   615  O  OG  . SER A 1 103 ? 13.55831  -12.65382 -7.89439  1.000 61.77777 ? 95  SER A OG  1 
ATOM   616  N  N   . SER A 1 104 ? 10.49463  -9.85386  -6.11232  1.000 49.62119 ? 96  SER A N   1 
ATOM   617  C  CA  . SER A 1 104 ? 9.97509   -8.60128  -5.56969  1.000 48.79296 ? 96  SER A CA  1 
ATOM   618  C  C   . SER A 1 104 ? 9.46272   -8.78956  -4.15305  1.000 49.00339 ? 96  SER A C   1 
ATOM   619  O  O   . SER A 1 104 ? 9.74765   -7.96724  -3.27171  1.000 47.14782 ? 96  SER A O   1 
ATOM   620  C  CB  . SER A 1 104 ? 8.86024   -8.05892  -6.45824  1.000 50.44314 ? 96  SER A CB  1 
ATOM   621  O  OG  . SER A 1 104 ? 9.32401   -7.85914  -7.77759  1.000 51.12916 ? 96  SER A OG  1 
ATOM   622  N  N   . LEU A 1 105 ? 8.69115   -9.85695  -3.91643  1.000 46.55927 ? 97  LEU A N   1 
ATOM   623  C  CA  . LEU A 1 105 ? 8.19846   -10.12686 -2.57007  1.000 46.90650 ? 97  LEU A CA  1 
ATOM   624  C  C   . LEU A 1 105 ? 9.34214   -10.38992 -1.61027  1.000 45.97791 ? 97  LEU A C   1 
ATOM   625  O  O   . LEU A 1 105 ? 9.31428   -9.93592  -0.46258  1.000 42.97423 ? 97  LEU A O   1 
ATOM   626  C  CB  . LEU A 1 105 ? 7.23979   -11.32265 -2.56913  1.000 47.13423 ? 97  LEU A CB  1 
ATOM   627  C  CG  . LEU A 1 105 ? 5.90634   -11.13184 -3.29435  1.000 50.51359 ? 97  LEU A CG  1 
ATOM   628  C  CD1 . LEU A 1 105 ? 5.13302   -12.45155 -3.34496  1.000 53.18915 ? 97  LEU A CD1 1 
ATOM   629  C  CD2 . LEU A 1 105 ? 5.05532   -10.01657 -2.66368  1.000 49.49128 ? 97  LEU A CD2 1 
ATOM   630  N  N   . LYS A 1 106 ? 10.34843  -11.13816 -2.06494  1.000 47.07280 ? 98  LYS A N   1 
ATOM   631  C  CA  . LYS A 1 106 ? 11.49145  -11.46376 -1.22720  1.000 47.03258 ? 98  LYS A CA  1 
ATOM   632  C  C   . LYS A 1 106 ? 12.29188  -10.22418 -0.87760  1.000 42.05410 ? 98  LYS A C   1 
ATOM   633  O  O   . LYS A 1 106 ? 12.75761  -10.07800 0.25860   1.000 42.82054 ? 98  LYS A O   1 
ATOM   634  C  CB  . LYS A 1 106 ? 12.39436  -12.46396 -1.93573  1.000 50.01143 ? 98  LYS A CB  1 
ATOM   635  C  CG  . LYS A 1 106 ? 13.34200  -13.16910 -0.98626  1.000 52.61738 ? 98  LYS A CG  1 
ATOM   636  C  CD  . LYS A 1 106 ? 14.07855  -14.28400 -1.69963  1.000 57.44445 ? 98  LYS A CD  1 
ATOM   637  C  CE  . LYS A 1 106 ? 15.31883  -14.68540 -0.91847  1.000 57.56306 ? 98  LYS A CE  1 
ATOM   638  N  NZ  . LYS A 1 106 ? 16.19039  -15.58842 -1.72059  1.000 59.18364 ? 98  LYS A NZ  1 
ATOM   639  N  N   . HIS A 1 107 ? 12.47226  -9.33156  -1.84636  1.000 42.46875 ? 99  HIS A N   1 
ATOM   640  C  CA  . HIS A 1 107 ? 13.17817  -8.08253  -1.57636  1.000 42.84081 ? 99  HIS A CA  1 
ATOM   641  C  C   . HIS A 1 107 ? 12.44291  -7.26296  -0.51637  1.000 40.60759 ? 99  HIS A C   1 
ATOM   642  O  O   . HIS A 1 107 ? 13.03200  -6.87115  0.49857   1.000 37.63627 ? 99  HIS A O   1 
ATOM   643  C  CB  . HIS A 1 107 ? 13.34944  -7.29045  -2.88073  1.000 39.86236 ? 99  HIS A CB  1 
ATOM   644  C  CG  . HIS A 1 107 ? 14.00026  -5.95594  -2.69359  1.000 37.77891 ? 99  HIS A CG  1 
ATOM   645  N  ND1 . HIS A 1 107 ? 15.29496  -5.81416  -2.25704  1.000 40.85832 ? 99  HIS A ND1 1 
ATOM   646  C  CD2 . HIS A 1 107 ? 13.50923  -4.70195  -2.82803  1.000 38.76391 ? 99  HIS A CD2 1 
ATOM   647  C  CE1 . HIS A 1 107 ? 15.58705  -4.52915  -2.15261  1.000 40.11406 ? 99  HIS A CE1 1 
ATOM   648  N  NE2 . HIS A 1 107 ? 14.51646  -3.83368  -2.48886  1.000 42.19591 ? 99  HIS A NE2 1 
ATOM   649  N  N   . MET A 1 108 ? 11.14133  -7.02549  -0.72066  1.000 38.11057 ? 100 MET A N   1 
ATOM   650  C  CA  . MET A 1 108 ? 10.37369  -6.22413  0.24080   1.000 38.18603 ? 100 MET A CA  1 
ATOM   651  C  C   . MET A 1 108 ? 10.39292  -6.86950  1.61924   1.000 39.59213 ? 100 MET A C   1 
ATOM   652  O  O   . MET A 1 108 ? 10.57643  -6.18761  2.63827   1.000 39.01692 ? 100 MET A O   1 
ATOM   653  C  CB  . MET A 1 108 ? 8.92725   -6.06289  -0.23692  1.000 39.16620 ? 100 MET A CB  1 
ATOM   654  C  CG  . MET A 1 108 ? 8.70948   -4.89592  -1.21252  1.000 39.84887 ? 100 MET A CG  1 
ATOM   655  S  SD  . MET A 1 108 ? 7.02016   -4.79767  -1.79231  1.000 39.86798 ? 100 MET A SD  1 
ATOM   656  C  CE  . MET A 1 108 ? 6.76244   -6.49971  -2.27134  1.000 44.15986 ? 100 MET A CE  1 
ATOM   657  N  N   . GLY A 1 109 ? 10.22261  -8.19239  1.66693   1.000 40.00475 ? 101 GLY A N   1 
ATOM   658  C  CA  . GLY A 1 109 ? 10.19913  -8.87428  2.95206   1.000 42.86711 ? 101 GLY A CA  1 
ATOM   659  C  C   . GLY A 1 109 ? 11.53347  -8.82531  3.67077   1.000 42.24054 ? 101 GLY A C   1 
ATOM   660  O  O   . GLY A 1 109 ? 11.58984  -8.58841  4.88542   1.000 35.99345 ? 101 GLY A O   1 
ATOM   661  N  N   . SER A 1 110 ? 12.62925  -9.04709  2.93499   1.000 41.76311 ? 102 SER A N   1 
ATOM   662  C  CA  . SER A 1 110 ? 13.93327  -9.00004  3.58042   1.000 37.96018 ? 102 SER A CA  1 
ATOM   663  C  C   . SER A 1 110 ? 14.27923  -7.60244  4.04187   1.000 34.33551 ? 102 SER A C   1 
ATOM   664  O  O   . SER A 1 110 ? 14.84188  -7.43548  5.12448   1.000 36.98340 ? 102 SER A O   1 
ATOM   665  C  CB  . SER A 1 110 ? 15.01485  -9.54302  2.64153   1.000 41.98897 ? 102 SER A CB  1 
ATOM   666  O  OG  . SER A 1 110 ? 14.54723  -10.75256 2.07938   1.000 42.85793 ? 102 SER A OG  1 
ATOM   667  N  N   . VAL A 1 111 ? 13.98721  -6.58875  3.22427   1.000 36.32129 ? 103 VAL A N   1 
ATOM   668  C  CA  . VAL A 1 111 ? 14.27698  -5.21144  3.61949   1.000 35.60642 ? 103 VAL A CA  1 
ATOM   669  C  C   . VAL A 1 111 ? 13.41786  -4.82170  4.81929   1.000 37.17098 ? 103 VAL A C   1 
ATOM   670  O  O   . VAL A 1 111 ? 13.90189  -4.23409  5.79496   1.000 35.42788 ? 103 VAL A O   1 
ATOM   671  C  CB  . VAL A 1 111 ? 14.07222  -4.26299  2.41786   1.000 35.77982 ? 103 VAL A CB  1 
ATOM   672  C  CG1 . VAL A 1 111 ? 14.08528  -2.81865  2.83071   1.000 39.11561 ? 103 VAL A CG1 1 
ATOM   673  C  CG2 . VAL A 1 111 ? 15.16512  -4.49688  1.34406   1.000 41.24925 ? 103 VAL A CG2 1 
ATOM   674  N  N   . HIS A 1 112 ? 12.12836  -5.15412  4.77733   1.000 35.97165 ? 104 HIS A N   1 
ATOM   675  C  CA  . HIS A 1 112 ? 11.27579  -4.81665  5.91968   1.000 34.92339 ? 104 HIS A CA  1 
ATOM   676  C  C   . HIS A 1 112 ? 11.75148  -5.49964  7.19916   1.000 37.34970 ? 104 HIS A C   1 
ATOM   677  O  O   . HIS A 1 112 ? 11.83795  -4.85895  8.25078   1.000 37.01894 ? 104 HIS A O   1 
ATOM   678  C  CB  . HIS A 1 112 ? 9.82965   -5.15999  5.58912   1.000 32.54397 ? 104 HIS A CB  1 
ATOM   679  C  CG  . HIS A 1 112 ? 9.25611   -4.21486  4.58406   1.000 31.17029 ? 104 HIS A CG  1 
ATOM   680  N  ND1 . HIS A 1 112 ? 8.20336   -4.53138  3.75767   1.000 37.04650 ? 104 HIS A ND1 1 
ATOM   681  C  CD2 . HIS A 1 112 ? 9.60261   -2.94758  4.28254   1.000 32.51554 ? 104 HIS A CD2 1 
ATOM   682  C  CE1 . HIS A 1 112 ? 7.92404   -3.49989  2.98570   1.000 37.83757 ? 104 HIS A CE1 1 
ATOM   683  N  NE2 . HIS A 1 112 ? 8.76093   -2.52586  3.28181   1.000 33.43473 ? 104 HIS A NE2 1 
ATOM   684  N  N   . LEU A 1 113 ? 12.09949  -6.78649  7.12175   1.000 38.63886 ? 105 LEU A N   1 
ATOM   685  C  CA  . LEU A 1 113 ? 12.66795  -7.47318  8.28177   1.000 40.20686 ? 105 LEU A CA  1 
ATOM   686  C  C   . LEU A 1 113 ? 13.92050  -6.76941  8.78504   1.000 41.44783 ? 105 LEU A C   1 
ATOM   687  O  O   . LEU A 1 113 ? 14.06517  -6.53182  9.99134   1.000 43.50308 ? 105 LEU A O   1 
ATOM   688  C  CB  . LEU A 1 113 ? 12.99065  -8.92260  7.91957   1.000 40.77279 ? 105 LEU A CB  1 
ATOM   689  C  CG  . LEU A 1 113 ? 13.52572  -9.83584  9.03292   1.000 46.21406 ? 105 LEU A CG  1 
ATOM   690  C  CD1 . LEU A 1 113 ? 12.42985  -10.09520 10.07652  1.000 48.79626 ? 105 LEU A CD1 1 
ATOM   691  C  CD2 . LEU A 1 113 ? 14.04502  -11.13196 8.45467   1.000 42.44937 ? 105 LEU A CD2 1 
ATOM   692  N  N   . LYS A 1 114 ? 14.82890  -6.41896  7.86816   1.000 40.53674 ? 106 LYS A N   1 
ATOM   693  C  CA  . LYS A 1 114 ? 16.07965  -5.76901  8.24850   1.000 42.42192 ? 106 LYS A CA  1 
ATOM   694  C  C   . LYS A 1 114 ? 15.82322  -4.48837  9.02862   1.000 44.58379 ? 106 LYS A C   1 
ATOM   695  O  O   . LYS A 1 114 ? 16.53055  -4.18462  9.99885   1.000 43.67796 ? 106 LYS A O   1 
ATOM   696  C  CB  . LYS A 1 114 ? 16.91405  -5.48896  6.99080   1.000 43.14359 ? 106 LYS A CB  1 
ATOM   697  C  CG  . LYS A 1 114 ? 17.89225  -4.33505  7.11738   1.000 46.35820 ? 106 LYS A CG  1 
ATOM   698  C  CD  . LYS A 1 114 ? 18.78039  -4.17784  5.88765   1.000 50.23168 ? 106 LYS A CD  1 
ATOM   699  C  CE  . LYS A 1 114 ? 19.75077  -3.01521  6.12547   1.000 51.76166 ? 106 LYS A CE  1 
ATOM   700  N  NZ  . LYS A 1 114 ? 20.60610  -2.74441  4.96299   1.000 54.54922 ? 106 LYS A NZ  1 
ATOM   701  N  N   . TYR A 1 115 ? 14.79017  -3.74162  8.64774   1.000 43.87701 ? 107 TYR A N   1 
ATOM   702  C  CA  . TYR A 1 115 ? 14.50426  -2.46287  9.27162   1.000 41.81847 ? 107 TYR A CA  1 
ATOM   703  C  C   . TYR A 1 115 ? 13.54102  -2.56966  10.44004  1.000 39.67298 ? 107 TYR A C   1 
ATOM   704  O  O   . TYR A 1 115 ? 13.20323  -1.54421  11.03191  1.000 42.92354 ? 107 TYR A O   1 
ATOM   705  C  CB  . TYR A 1 115 ? 13.97250  -1.48368  8.21810   1.000 39.64545 ? 107 TYR A CB  1 
ATOM   706  C  CG  . TYR A 1 115 ? 15.08415  -0.89637  7.37945   1.000 41.93800 ? 107 TYR A CG  1 
ATOM   707  C  CD1 . TYR A 1 115 ? 15.59146  -1.57749  6.27330   1.000 40.86473 ? 107 TYR A CD1 1 
ATOM   708  C  CD2 . TYR A 1 115 ? 15.65950  0.30966   7.72216   1.000 45.22494 ? 107 TYR A CD2 1 
ATOM   709  C  CE1 . TYR A 1 115 ? 16.61511  -1.05123  5.51257   1.000 44.61365 ? 107 TYR A CE1 1 
ATOM   710  C  CE2 . TYR A 1 115 ? 16.68704  0.84783   6.97286   1.000 48.42025 ? 107 TYR A CE2 1 
ATOM   711  C  CZ  . TYR A 1 115 ? 17.16454  0.15780   5.86992   1.000 49.44602 ? 107 TYR A CZ  1 
ATOM   712  O  OH  . TYR A 1 115 ? 18.18996  0.69079   5.13231   1.000 51.37776 ? 107 TYR A OH  1 
ATOM   713  N  N   . GLY A 1 116 ? 13.09345  -3.76834  10.79542  1.000 41.09990 ? 108 GLY A N   1 
ATOM   714  C  CA  . GLY A 1 116 ? 12.26757  -3.90125  11.97699  1.000 44.60181 ? 108 GLY A CA  1 
ATOM   715  C  C   . GLY A 1 116 ? 10.82975  -3.49018  11.78057  1.000 39.97776 ? 108 GLY A C   1 
ATOM   716  O  O   . GLY A 1 116 ? 10.19330  -3.02979  12.72981  1.000 42.51648 ? 108 GLY A O   1 
ATOM   717  N  N   . VAL A 1 117 ? 10.31404  -3.59995  10.55939  1.000 38.39902 ? 109 VAL A N   1 
ATOM   718  C  CA  . VAL A 1 117 ? 8.93247   -3.23702  10.25824  1.000 38.92414 ? 109 VAL A CA  1 
ATOM   719  C  C   . VAL A 1 117 ? 8.02480   -4.34017  10.79173  1.000 40.20032 ? 109 VAL A C   1 
ATOM   720  O  O   . VAL A 1 117 ? 8.17844   -5.50284  10.41503  1.000 39.37679 ? 109 VAL A O   1 
ATOM   721  C  CB  . VAL A 1 117 ? 8.73545   -3.04222  8.75070   1.000 34.93566 ? 109 VAL A CB  1 
ATOM   722  C  CG1 . VAL A 1 117 ? 7.29297   -2.72974  8.42406   1.000 33.60616 ? 109 VAL A CG1 1 
ATOM   723  C  CG2 . VAL A 1 117 ? 9.61400   -1.92707  8.24601   1.000 34.12976 ? 109 VAL A CG2 1 
ATOM   724  N  N   . VAL A 1 118 ? 7.06801   -3.98065  11.65672  1.000 36.50146 ? 110 VAL A N   1 
ATOM   725  C  CA  . VAL A 1 118 ? 6.17409   -4.98378  12.24414  1.000 36.56974 ? 110 VAL A CA  1 
ATOM   726  C  C   . VAL A 1 118 ? 4.73161   -4.61458  11.93654  1.000 36.87822 ? 110 VAL A C   1 
ATOM   727  O  O   . VAL A 1 118 ? 4.46521   -3.58245  11.30346  1.000 32.84441 ? 110 VAL A O   1 
ATOM   728  C  CB  . VAL A 1 118 ? 6.41115   -5.13390  13.75974  1.000 37.78501 ? 110 VAL A CB  1 
ATOM   729  C  CG1 . VAL A 1 118 ? 7.83868   -5.64174  14.01958  1.000 44.58856 ? 110 VAL A CG1 1 
ATOM   730  C  CG2 . VAL A 1 118 ? 6.20303   -3.79433  14.44901  1.000 38.74875 ? 110 VAL A CG2 1 
ATOM   731  N  N   . ASP A 1 119 ? 3.78668   -5.44920  12.39253  1.000 35.42435 ? 111 ASP A N   1 
ATOM   732  C  CA  . ASP A 1 119 ? 2.39925   -5.28270  11.97884  1.000 37.11535 ? 111 ASP A CA  1 
ATOM   733  C  C   . ASP A 1 119 ? 1.87622   -3.87573  12.25278  1.000 32.26605 ? 111 ASP A C   1 
ATOM   734  O  O   . ASP A 1 119 ? 1.12872   -3.33080  11.44699  1.000 30.66944 ? 111 ASP A O   1 
ATOM   735  C  CB  . ASP A 1 119 ? 1.50494   -6.30402  12.67551  1.000 34.54514 ? 111 ASP A CB  1 
ATOM   736  C  CG  . ASP A 1 119 ? 1.74509   -7.71191  12.17815  1.000 43.56489 ? 111 ASP A CG  1 
ATOM   737  O  OD1 . ASP A 1 119 ? 2.18689   -7.86704  11.01319  1.000 42.10147 ? 111 ASP A OD1 1 
ATOM   738  O  OD2 . ASP A 1 119 ? 1.49113   -8.66217  12.95087  1.000 43.00666 ? 111 ASP A OD2 1 
ATOM   739  N  N   . GLU A 1 120 ? 2.20806   -3.29189  13.40392  1.000 32.12618 ? 112 GLU A N   1 
ATOM   740  C  CA  . GLU A 1 120 ? 1.66558   -1.97485  13.71318  1.000 32.49502 ? 112 GLU A CA  1 
ATOM   741  C  C   . GLU A 1 120 ? 2.09445   -0.93013  12.68838  1.000 28.91236 ? 112 GLU A C   1 
ATOM   742  O  O   . GLU A 1 120 ? 1.36409   0.03660   12.43889  1.000 29.19755 ? 112 GLU A O   1 
ATOM   743  C  CB  . GLU A 1 120 ? 2.10763   -1.54141  15.11743  1.000 34.25158 ? 112 GLU A CB  1 
ATOM   744  C  CG  . GLU A 1 120 ? 1.35570   -2.25223  16.21146  1.000 36.56290 ? 112 GLU A CG  1 
ATOM   745  C  CD  . GLU A 1 120 ? 2.12989   -3.44147  16.76380  1.000 41.09755 ? 112 GLU A CD  1 
ATOM   746  O  OE1 . GLU A 1 120 ? 2.92137   -4.08750  16.00509  1.000 35.98540 ? 112 GLU A OE1 1 
ATOM   747  O  OE2 . GLU A 1 120 ? 1.94396   -3.72370  17.97223  1.000 39.65195 ? 112 GLU A OE2 1 
ATOM   748  N  N   . HIS A 1 121 ? 3.31780   -1.04763  12.15630  1.000 30.34436 ? 113 HIS A N   1 
ATOM   749  C  CA  . HIS A 1 121 ? 3.75301   -0.10747  11.12506  1.000 30.87235 ? 113 HIS A CA  1 
ATOM   750  C  C   . HIS A 1 121 ? 2.90510   -0.24457  9.87987   1.000 30.87587 ? 113 HIS A C   1 
ATOM   751  O  O   . HIS A 1 121 ? 2.54034   0.75961   9.25845   1.000 30.50834 ? 113 HIS A O   1 
ATOM   752  C  CB  . HIS A 1 121 ? 5.23805   -0.32089  10.76405  1.000 29.61210 ? 113 HIS A CB  1 
ATOM   753  C  CG  . HIS A 1 121 ? 6.16238   -0.14258  11.93228  1.000 35.04254 ? 113 HIS A CG  1 
ATOM   754  N  ND1 . HIS A 1 121 ? 6.95892   -1.15388  12.41902  1.000 36.92742 ? 113 HIS A ND1 1 
ATOM   755  C  CD2 . HIS A 1 121 ? 6.38471   0.92886   12.73635  1.000 36.73483 ? 113 HIS A CD2 1 
ATOM   756  C  CE1 . HIS A 1 121 ? 7.66296   -0.70424  13.44531  1.000 38.31357 ? 113 HIS A CE1 1 
ATOM   757  N  NE2 . HIS A 1 121 ? 7.32214   0.55166   13.66789  1.000 35.45329 ? 113 HIS A NE2 1 
ATOM   758  N  N   . PHE A 1 122 ? 2.60977   -1.47825  9.46660   1.000 27.92291 ? 114 PHE A N   1 
ATOM   759  C  CA  . PHE A 1 122 ? 1.73972   -1.63535  8.30377   1.000 28.78854 ? 114 PHE A CA  1 
ATOM   760  C  C   . PHE A 1 122 ? 0.34160   -1.09155  8.60478   1.000 28.73751 ? 114 PHE A C   1 
ATOM   761  O  O   . PHE A 1 122 ? -0.32323  -0.52313  7.73322   1.000 29.14920 ? 114 PHE A O   1 
ATOM   762  C  CB  . PHE A 1 122 ? 1.65318   -3.11185  7.91238   1.000 32.96594 ? 114 PHE A CB  1 
ATOM   763  C  CG  . PHE A 1 122 ? 2.87860   -3.63519  7.23523   1.000 31.73798 ? 114 PHE A CG  1 
ATOM   764  C  CD1 . PHE A 1 122 ? 3.11977   -3.35328  5.90656   1.000 34.14769 ? 114 PHE A CD1 1 
ATOM   765  C  CD2 . PHE A 1 122 ? 3.77723   -4.41951  7.92497   1.000 35.95280 ? 114 PHE A CD2 1 
ATOM   766  C  CE1 . PHE A 1 122 ? 4.24903   -3.85543  5.29320   1.000 34.76417 ? 114 PHE A CE1 1 
ATOM   767  C  CE2 . PHE A 1 122 ? 4.92206   -4.91186  7.29787   1.000 39.65301 ? 114 PHE A CE2 1 
ATOM   768  C  CZ  . PHE A 1 122 ? 5.13170   -4.61632  5.98186   1.000 35.24284 ? 114 PHE A CZ  1 
ATOM   769  N  N   . GLU A 1 123 ? -0.12781  -1.28416  9.83309   1.000 28.17495 ? 115 GLU A N   1 
ATOM   770  C  CA  . GLU A 1 123 ? -1.46539  -0.81181  10.20245  1.000 27.63842 ? 115 GLU A CA  1 
ATOM   771  C  C   . GLU A 1 123 ? -1.52813  0.70872   10.18953  1.000 26.48686 ? 115 GLU A C   1 
ATOM   772  O  O   . GLU A 1 123 ? -2.48583  1.28007   9.67679   1.000 28.12040 ? 115 GLU A O   1 
ATOM   773  C  CB  . GLU A 1 123 ? -1.84408  -1.36781  11.55461  1.000 29.07077 ? 115 GLU A CB  1 
ATOM   774  C  CG  . GLU A 1 123 ? -2.08813  -2.87110  11.45045  1.000 30.28000 ? 115 GLU A CG  1 
ATOM   775  C  CD  . GLU A 1 123 ? -2.06226  -3.58665  12.76152  1.000 32.71656 ? 115 GLU A CD  1 
ATOM   776  O  OE1 . GLU A 1 123 ? -2.01793  -2.94467  13.82677  1.000 31.57506 ? 115 GLU A OE1 1 
ATOM   777  O  OE2 . GLU A 1 123 ? -2.08334  -4.82747  12.71698  1.000 34.97202 ? 115 GLU A OE2 1 
ATOM   778  N  N   . VAL A 1 124 ? -0.52168  1.37552   10.75000  1.000 27.77784 ? 116 VAL A N   1 
ATOM   779  C  CA  . VAL A 1 124 ? -0.47159  2.83571   10.68314  1.000 27.90974 ? 116 VAL A CA  1 
ATOM   780  C  C   . VAL A 1 124 ? -0.37912  3.29604   9.23926   1.000 25.38295 ? 116 VAL A C   1 
ATOM   781  O  O   . VAL A 1 124 ? -1.02077  4.27005   8.83359   1.000 27.71758 ? 116 VAL A O   1 
ATOM   782  C  CB  . VAL A 1 124 ? 0.72419   3.36025   11.50450  1.000 28.70492 ? 116 VAL A CB  1 
ATOM   783  C  CG1 . VAL A 1 124 ? 0.99792   4.86460   11.19256  1.000 27.64089 ? 116 VAL A CG1 1 
ATOM   784  C  CG2 . VAL A 1 124 ? 0.50286   3.12250   13.02142  1.000 31.03567 ? 116 VAL A CG2 1 
ATOM   785  N  N   . THR A 1 125 ? 0.41173   2.59311   8.42435   1.000 25.79879 ? 117 THR A N   1 
ATOM   786  C  CA  . THR A 1 125 ? 0.55390   3.02327   7.04000   1.000 26.58604 ? 117 THR A CA  1 
ATOM   787  C  C   . THR A 1 125 ? -0.75759  2.88457   6.28900   1.000 26.38428 ? 117 THR A C   1 
ATOM   788  O  O   . THR A 1 125 ? -1.10045  3.73731   5.47321   1.000 27.09059 ? 117 THR A O   1 
ATOM   789  C  CB  . THR A 1 125 ? 1.66277   2.20972   6.37881   1.000 26.88815 ? 117 THR A CB  1 
ATOM   790  O  OG1 . THR A 1 125 ? 2.88570   2.59541   7.00074   1.000 26.41822 ? 117 THR A OG1 1 
ATOM   791  C  CG2 . THR A 1 125 ? 1.77970   2.49806   4.89002   1.000 29.58887 ? 117 THR A CG2 1 
ATOM   792  N  N   . ARG A 1 126 ? -1.45556  1.77088   6.48390   1.000 26.36843 ? 118 ARG A N   1 
ATOM   793  C  CA  . ARG A 1 126 ? -2.77877  1.61813   5.89821   1.000 26.54997 ? 118 ARG A CA  1 
ATOM   794  C  C   . ARG A 1 126 ? -3.70302  2.74092   6.34174   1.000 28.87933 ? 118 ARG A C   1 
ATOM   795  O  O   . ARG A 1 126 ? -4.42484  3.32394   5.53151   1.000 28.99884 ? 118 ARG A O   1 
ATOM   796  C  CB  . ARG A 1 126 ? -3.38740  0.26816   6.30293   1.000 27.49601 ? 118 ARG A CB  1 
ATOM   797  C  CG  . ARG A 1 126 ? -4.68546  -0.00305  5.54517   1.000 32.94693 ? 118 ARG A CG  1 
ATOM   798  C  CD  . ARG A 1 126 ? -5.32983  -1.34760  6.00082   1.000 33.84497 ? 118 ARG A CD  1 
ATOM   799  N  NE  . ARG A 1 126 ? -5.61517  -1.30429  7.42941   1.000 33.40006 ? 118 ARG A NE  1 
ATOM   800  C  CZ  . ARG A 1 126 ? -5.48793  -2.35441  8.24875   1.000 36.08720 ? 118 ARG A CZ  1 
ATOM   801  N  NH1 . ARG A 1 126 ? -5.12363  -3.55240  7.77550   1.000 31.48745 ? 118 ARG A NH1 1 
ATOM   802  N  NH2 . ARG A 1 126 ? -5.73039  -2.21442  9.54380   1.000 32.50136 ? 118 ARG A NH2 1 
ATOM   803  N  N   . PHE A 1 127 ? -3.72772  3.03049   7.64064   1.000 25.98355 ? 119 PHE A N   1 
ATOM   804  C  CA  . PHE A 1 127 ? -4.61623  4.08081   8.11248   1.000 26.66580 ? 119 PHE A CA  1 
ATOM   805  C  C   . PHE A 1 127 ? -4.29320  5.39887   7.42682   1.000 26.94642 ? 119 PHE A C   1 
ATOM   806  O  O   . PHE A 1 127 ? -5.18541  6.12714   6.97044   1.000 30.01382 ? 119 PHE A O   1 
ATOM   807  C  CB  . PHE A 1 127 ? -4.49380  4.21759   9.63164   1.000 24.76510 ? 119 PHE A CB  1 
ATOM   808  C  CG  . PHE A 1 127 ? -5.37739  5.28924   10.21439  1.000 29.35943 ? 119 PHE A CG  1 
ATOM   809  C  CD1 . PHE A 1 127 ? -6.68582  5.00612   10.56714  1.000 30.02767 ? 119 PHE A CD1 1 
ATOM   810  C  CD2 . PHE A 1 127 ? -4.87838  6.56944   10.43112  1.000 30.07199 ? 119 PHE A CD2 1 
ATOM   811  C  CE1 . PHE A 1 127 ? -7.49206  5.98682   11.12381  1.000 33.17681 ? 119 PHE A CE1 1 
ATOM   812  C  CE2 . PHE A 1 127 ? -5.66950  7.56181   10.98732  1.000 30.79895 ? 119 PHE A CE2 1 
ATOM   813  C  CZ  . PHE A 1 127 ? -6.99330  7.26316   11.32768  1.000 33.03447 ? 119 PHE A CZ  1 
ATOM   814  N  N   . ALA A 1 128 ? -3.00899  5.71806   7.35657   1.000 29.43972 ? 120 ALA A N   1 
ATOM   815  C  CA  . ALA A 1 128 ? -2.57288  6.97253   6.76690   1.000 27.96597 ? 120 ALA A CA  1 
ATOM   816  C  C   . ALA A 1 128 ? -2.84831  6.99047   5.27189   1.000 29.34987 ? 120 ALA A C   1 
ATOM   817  O  O   . ALA A 1 128 ? -3.18056  8.03669   4.71055   1.000 31.14267 ? 120 ALA A O   1 
ATOM   818  C  CB  . ALA A 1 128 ? -1.08080  7.15452   7.03723   1.000 26.64773 ? 120 ALA A CB  1 
ATOM   819  N  N   . LEU A 1 129 ? -2.66170  5.84908   4.61174   1.000 28.03661 ? 121 LEU A N   1 
ATOM   820  C  CA  . LEU A 1 129 ? -2.95747  5.75771   3.18049   1.000 28.16661 ? 121 LEU A CA  1 
ATOM   821  C  C   . LEU A 1 129 ? -4.42590  6.05134   2.91188   1.000 30.90726 ? 121 LEU A C   1 
ATOM   822  O  O   . LEU A 1 129 ? -4.78203  6.80498   1.99139   1.000 30.40513 ? 121 LEU A O   1 
ATOM   823  C  CB  . LEU A 1 129 ? -2.60395  4.35517   2.68108   1.000 28.37232 ? 121 LEU A CB  1 
ATOM   824  C  CG  . LEU A 1 129 ? -2.98574  3.98701   1.24496   1.000 31.56547 ? 121 LEU A CG  1 
ATOM   825  C  CD1 . LEU A 1 129 ? -2.23783  4.90598   0.29671   1.000 33.14148 ? 121 LEU A CD1 1 
ATOM   826  C  CD2 . LEU A 1 129 ? -2.55540  2.54972   0.94216   1.000 32.19589 ? 121 LEU A CD2 1 
ATOM   827  N  N   . LEU A 1 130 ? -5.30150  5.42720   3.67717   1.000 30.42457 ? 122 LEU A N   1 
ATOM   828  C  CA  . LEU A 1 130 ? -6.71785  5.65415   3.43278   1.000 31.75011 ? 122 LEU A CA  1 
ATOM   829  C  C   . LEU A 1 130 ? -7.10321  7.10002   3.71684   1.000 30.59200 ? 122 LEU A C   1 
ATOM   830  O  O   . LEU A 1 130 ? -7.89079  7.67588   2.96636   1.000 32.36020 ? 122 LEU A O   1 
ATOM   831  C  CB  . LEU A 1 130 ? -7.55516  4.67672   4.25727   1.000 29.73762 ? 122 LEU A CB  1 
ATOM   832  C  CG  . LEU A 1 130 ? -7.31135  3.21475   3.88143   1.000 29.24873 ? 122 LEU A CG  1 
ATOM   833  C  CD1 . LEU A 1 130 ? -7.95511  2.20747   4.88725   1.000 31.81262 ? 122 LEU A CD1 1 
ATOM   834  C  CD2 . LEU A 1 130 ? -7.78469  2.95257   2.43812   1.000 28.66987 ? 122 LEU A CD2 1 
ATOM   835  N  N   . GLU A 1 131 ? -6.57448  7.69754   4.79768   1.000 31.07118 ? 123 GLU A N   1 
ATOM   836  C  CA  . GLU A 1 131 ? -6.85100  9.10798   5.08483   1.000 32.71178 ? 123 GLU A CA  1 
ATOM   837  C  C   . GLU A 1 131 ? -6.36112  9.99570   3.95044   1.000 32.48532 ? 123 GLU A C   1 
ATOM   838  O  O   . GLU A 1 131 ? -7.01144  10.98181  3.59663   1.000 32.68285 ? 123 GLU A O   1 
ATOM   839  C  CB  . GLU A 1 131 ? -6.15149  9.54847   6.38274   1.000 33.63968 ? 123 GLU A CB  1 
ATOM   840  C  CG  . GLU A 1 131 ? -6.68419  8.97555   7.68469   1.000 38.83980 ? 123 GLU A CG  1 
ATOM   841  C  CD  . GLU A 1 131 ? -8.12156  9.42339   7.99957   1.000 43.63930 ? 123 GLU A CD  1 
ATOM   842  O  OE1 . GLU A 1 131 ? -8.94272  8.56513   8.42351   1.000 44.27612 ? 123 GLU A OE1 1 
ATOM   843  O  OE2 . GLU A 1 131 ? -8.41592  10.62675  7.81055   1.000 47.17633 ? 123 GLU A OE2 1 
ATOM   844  N  N   . THR A 1 132 ? -5.17527  9.69058   3.41947   1.000 34.32354 ? 124 THR A N   1 
ATOM   845  C  CA  . THR A 1 132 ? -4.58568  10.49666  2.35746   1.000 35.45261 ? 124 THR A CA  1 
ATOM   846  C  C   . THR A 1 132 ? -5.45930  10.45848  1.11016   1.000 33.47292 ? 124 THR A C   1 
ATOM   847  O  O   . THR A 1 132 ? -5.71688  11.49197  0.48396   1.000 34.15271 ? 124 THR A O   1 
ATOM   848  C  CB  . THR A 1 132 ? -3.15930  9.99914   2.05451   1.000 33.56324 ? 124 THR A CB  1 
ATOM   849  O  OG1 . THR A 1 132 ? -2.34993  10.16129  3.22089   1.000 32.68627 ? 124 THR A OG1 1 
ATOM   850  C  CG2 . THR A 1 132 ? -2.50536  10.77293  0.89800   1.000 35.55564 ? 124 THR A CG2 1 
ATOM   851  N  N   . ILE A 1 133 ? -5.93964  9.26821   0.74558   1.000 32.64366 ? 125 ILE A N   1 
ATOM   852  C  CA  . ILE A 1 133 ? -6.81417  9.11547   -0.41832  1.000 34.06119 ? 125 ILE A CA  1 
ATOM   853  C  C   . ILE A 1 133 ? -8.11750  9.86991   -0.20499  1.000 34.13980 ? 125 ILE A C   1 
ATOM   854  O  O   . ILE A 1 133 ? -8.60500  10.59156  -1.09852  1.000 34.68451 ? 125 ILE A O   1 
ATOM   855  C  CB  . ILE A 1 133 ? -7.07429  7.61828   -0.67855  1.000 35.09137 ? 125 ILE A CB  1 
ATOM   856  C  CG1 . ILE A 1 133 ? -5.76471  6.95368   -1.10221  1.000 31.30161 ? 125 ILE A CG1 1 
ATOM   857  C  CG2 . ILE A 1 133 ? -8.23089  7.43031   -1.70718  1.000 35.58749 ? 125 ILE A CG2 1 
ATOM   858  C  CD1 . ILE A 1 133 ? -5.76973  5.41784   -1.06597  1.000 30.88106 ? 125 ILE A CD1 1 
ATOM   859  N  N   . LYS A 1 134 ? -8.71167  9.69321   0.97842   1.000 34.02733 ? 126 LYS A N   1 
ATOM   860  C  CA  . LYS A 1 134 ? -9.95771  10.37753  1.33009   1.000 34.26552 ? 126 LYS A CA  1 
ATOM   861  C  C   . LYS A 1 134 ? -9.83058  11.88091  1.14440   1.000 35.77572 ? 126 LYS A C   1 
ATOM   862  O  O   . LYS A 1 134 ? -10.74966 12.53485  0.65084   1.000 36.88705 ? 126 LYS A O   1 
ATOM   863  C  CB  . LYS A 1 134 ? -10.32491 10.06136  2.78040   1.000 33.95700 ? 126 LYS A CB  1 
ATOM   864  C  CG  . LYS A 1 134 ? -11.57624 10.78859  3.34587   1.000 40.01955 ? 126 LYS A CG  1 
ATOM   865  C  CD  . LYS A 1 134 ? -11.79235 10.34545  4.82990   1.000 36.44398 ? 126 LYS A CD  1 
ATOM   866  C  CE  . LYS A 1 134 ? -13.00122 11.03806  5.48579   1.000 45.90576 ? 126 LYS A CE  1 
ATOM   867  N  NZ  . LYS A 1 134 ? -13.67023 10.11819  6.47076   1.000 50.46373 ? 126 LYS A NZ  1 
ATOM   868  N  N   . GLU A 1 135 ? -8.71526  12.45549  1.58686   1.000 35.98174 ? 127 GLU A N   1 
ATOM   869  C  CA  . GLU A 1 135 ? -8.52797  13.88474  1.39572   1.000 38.84072 ? 127 GLU A CA  1 
ATOM   870  C  C   . GLU A 1 135 ? -8.12699  14.25140  -0.02254  1.000 37.95855 ? 127 GLU A C   1 
ATOM   871  O  O   . GLU A 1 135 ? -8.41900  15.37529  -0.46485  1.000 36.57564 ? 127 GLU A O   1 
ATOM   872  C  CB  . GLU A 1 135 ? -7.49701  14.39479  2.39112   1.000 39.40888 ? 127 GLU A CB  1 
ATOM   873  C  CG  . GLU A 1 135 ? -8.10021  14.43918  3.76471   1.000 44.41398 ? 127 GLU A CG  1 
ATOM   874  C  CD  . GLU A 1 135 ? -7.06791  14.40313  4.85613   1.000 50.43273 ? 127 GLU A CD  1 
ATOM   875  O  OE1 . GLU A 1 135 ? -6.03865  15.09603  4.71660   1.000 55.45196 ? 127 GLU A OE1 1 
ATOM   876  O  OE2 . GLU A 1 135 ? -7.27971  13.68173  5.85758   1.000 58.74629 ? 127 GLU A OE2 1 
ATOM   877  N  N   . ALA A 1 136 ? -7.48076  13.34003  -0.75365  1.000 36.71575 ? 128 ALA A N   1 
ATOM   878  C  CA  . ALA A 1 136 ? -7.05886  13.66121  -2.11702  1.000 40.11056 ? 128 ALA A CA  1 
ATOM   879  C  C   . ALA A 1 136 ? -8.21460  13.60018  -3.10259  1.000 40.61316 ? 128 ALA A C   1 
ATOM   880  O  O   . ALA A 1 136 ? -8.23935  14.37505  -4.06812  1.000 39.47416 ? 128 ALA A O   1 
ATOM   881  C  CB  . ALA A 1 136 ? -5.95275  12.71265  -2.58193  1.000 35.51502 ? 128 ALA A CB  1 
ATOM   882  N  N   . VAL A 1 137 ? -9.15398  12.67264  -2.91130  1.000 34.26549 ? 129 VAL A N   1 
ATOM   883  C  CA  . VAL A 1 137 ? -10.28010 12.52221  -3.83477  1.000 35.18134 ? 129 VAL A CA  1 
ATOM   884  C  C   . VAL A 1 137 ? -11.59624 12.52639  -3.06461  1.000 37.93255 ? 129 VAL A C   1 
ATOM   885  O  O   . VAL A 1 137 ? -12.37097 11.55455  -3.13111  1.000 37.55467 ? 129 VAL A O   1 
ATOM   886  C  CB  . VAL A 1 137 ? -10.14157 11.27146  -4.72294  1.000 36.86195 ? 129 VAL A CB  1 
ATOM   887  C  CG1 . VAL A 1 137 ? -9.01063  11.48136  -5.71566  1.000 40.36803 ? 129 VAL A CG1 1 
ATOM   888  C  CG2 . VAL A 1 137 ? -9.85616  10.02964  -3.89159  1.000 37.76372 ? 129 VAL A CG2 1 
ATOM   889  N  N   . PRO A 1 138 ? -11.92747 13.61792  -2.37210  1.000 37.91862 ? 130 PRO A N   1 
ATOM   890  C  CA  . PRO A 1 138 ? -13.17238 13.61393  -1.59325  1.000 38.22065 ? 130 PRO A CA  1 
ATOM   891  C  C   . PRO A 1 138 ? -14.38955 13.33962  -2.44214  1.000 40.81077 ? 130 PRO A C   1 
ATOM   892  O  O   . PRO A 1 138 ? -15.34208 12.72671  -1.94961  1.000 40.91486 ? 130 PRO A O   1 
ATOM   893  C  CB  . PRO A 1 138 ? -13.20497 15.01795  -0.97177  1.000 41.00566 ? 130 PRO A CB  1 
ATOM   894  C  CG  . PRO A 1 138 ? -12.29794 15.84904  -1.80883  1.000 38.60133 ? 130 PRO A CG  1 
ATOM   895  C  CD  . PRO A 1 138 ? -11.24449 14.92374  -2.31778  1.000 38.92620 ? 130 PRO A CD  1 
ATOM   896  N  N   . GLU A 1 139 ? -14.36644 13.72602  -3.72670  1.000 39.43089 ? 131 GLU A N   1 
ATOM   897  C  CA  . GLU A 1 139 ? -15.52075 13.56337  -4.59635  1.000 42.44278 ? 131 GLU A CA  1 
ATOM   898  C  C   . GLU A 1 139 ? -15.73668 12.11032  -5.02472  1.000 43.14719 ? 131 GLU A C   1 
ATOM   899  O  O   . GLU A 1 139 ? -16.82708 11.77003  -5.49554  1.000 42.26491 ? 131 GLU A O   1 
ATOM   900  C  CB  . GLU A 1 139 ? -15.37463 14.50700  -5.81383  1.000 41.09257 ? 131 GLU A CB  1 
ATOM   901  C  CG  . GLU A 1 139 ? -14.44781 14.02161  -6.94130  1.000 38.45870 ? 131 GLU A CG  1 
ATOM   902  C  CD  . GLU A 1 139 ? -12.96816 14.28252  -6.68223  1.000 40.42766 ? 131 GLU A CD  1 
ATOM   903  O  OE1 . GLU A 1 139 ? -12.63229 14.84135  -5.61530  1.000 41.21750 ? 131 GLU A OE1 1 
ATOM   904  O  OE2 . GLU A 1 139 ? -12.13606 13.92427  -7.54656  1.000 41.24481 ? 131 GLU A OE2 1 
ATOM   905  N  N   . MET A 1 140 ? -14.73545 11.24182  -4.86330  1.000 38.43706 ? 132 MET A N   1 
ATOM   906  C  CA  . MET A 1 140 ? -14.88756 9.82114   -5.12973  1.000 39.40941 ? 132 MET A CA  1 
ATOM   907  C  C   . MET A 1 140 ? -14.96068 8.98033   -3.86367  1.000 40.30003 ? 132 MET A C   1 
ATOM   908  O  O   . MET A 1 140 ? -15.21418 7.77810   -3.95839  1.000 42.42618 ? 132 MET A O   1 
ATOM   909  C  CB  . MET A 1 140 ? -13.72384 9.29764   -5.98084  1.000 41.53706 ? 132 MET A CB  1 
ATOM   910  C  CG  . MET A 1 140 ? -13.37836 10.16051  -7.17266  1.000 38.99375 ? 132 MET A CG  1 
ATOM   911  S  SD  . MET A 1 140 ? -11.94664 9.55108   -8.04685  1.000 48.38901 ? 132 MET A SD  1 
ATOM   912  C  CE  . MET A 1 140 ? -12.50541 7.98358   -8.71917  1.000 43.54148 ? 132 MET A CE  1 
ATOM   913  N  N   . TRP A 1 141 ? -14.72066 9.56740   -2.69716  1.000 38.85302 ? 133 TRP A N   1 
ATOM   914  C  CA  . TRP A 1 141 ? -14.60270 8.78354   -1.47466  1.000 40.21152 ? 133 TRP A CA  1 
ATOM   915  C  C   . TRP A 1 141 ? -15.94145 8.16490   -1.09113  1.000 40.14220 ? 133 TRP A C   1 
ATOM   916  O  O   . TRP A 1 141 ? -17.00021 8.78336   -1.21484  1.000 37.30874 ? 133 TRP A O   1 
ATOM   917  C  CB  . TRP A 1 141 ? -14.09828 9.65832   -0.32864  1.000 37.25951 ? 133 TRP A CB  1 
ATOM   918  C  CG  . TRP A 1 141 ? -13.80970 8.87232   0.95108   1.000 38.22089 ? 133 TRP A CG  1 
ATOM   919  C  CD1 . TRP A 1 141 ? -14.48667 8.94117   2.13875   1.000 42.40917 ? 133 TRP A CD1 1 
ATOM   920  C  CD2 . TRP A 1 141 ? -12.74239 7.94525   1.15137   1.000 37.04594 ? 133 TRP A CD2 1 
ATOM   921  N  NE1 . TRP A 1 141 ? -13.92174 8.07203   3.06500   1.000 39.90040 ? 133 TRP A NE1 1 
ATOM   922  C  CE2 . TRP A 1 141 ? -12.84551 7.45763   2.47859   1.000 40.67724 ? 133 TRP A CE2 1 
ATOM   923  C  CE3 . TRP A 1 141 ? -11.72735 7.45174   0.32920   1.000 36.97834 ? 133 TRP A CE3 1 
ATOM   924  C  CZ2 . TRP A 1 141 ? -11.95756 6.53496   2.99291   1.000 37.68422 ? 133 TRP A CZ2 1 
ATOM   925  C  CZ3 . TRP A 1 141 ? -10.84356 6.53827   0.84915   1.000 37.92272 ? 133 TRP A CZ3 1 
ATOM   926  C  CH2 . TRP A 1 141 ? -10.96900 6.07668   2.15688   1.000 35.60447 ? 133 TRP A CH2 1 
ATOM   927  N  N   . SER A 1 142 ? -15.87677 6.95358   -0.55933  1.000 41.19433 ? 134 SER A N   1 
ATOM   928  C  CA  . SER A 1 142 ? -17.05375 6.19277   -0.15682  1.000 39.04929 ? 134 SER A CA  1 
ATOM   929  C  C   . SER A 1 142 ? -16.57683 4.96487   0.61927   1.000 37.55073 ? 134 SER A C   1 
ATOM   930  O  O   . SER A 1 142 ? -15.38993 4.61059   0.54227   1.000 34.94731 ? 134 SER A O   1 
ATOM   931  C  CB  . SER A 1 142 ? -17.85455 5.73805   -1.37673  1.000 41.45373 ? 134 SER A CB  1 
ATOM   932  O  OG  . SER A 1 142 ? -17.08942 4.74539   -2.04869  1.000 37.72071 ? 134 SER A OG  1 
ATOM   933  N  N   . PRO A 1 143 ? -17.48228 4.28678   1.35352   1.000 40.58824 ? 135 PRO A N   1 
ATOM   934  C  CA  . PRO A 1 143 ? -17.07274 3.02895   1.99312   1.000 39.10999 ? 135 PRO A CA  1 
ATOM   935  C  C   . PRO A 1 143 ? -16.52449 2.03093   1.00525   1.000 37.03063 ? 135 PRO A C   1 
ATOM   936  O  O   . PRO A 1 143 ? -15.58087 1.30765   1.33436   1.000 37.38846 ? 135 PRO A O   1 
ATOM   937  C  CB  . PRO A 1 143 ? -18.37131 2.52822   2.65713   1.000 38.50987 ? 135 PRO A CB  1 
ATOM   938  C  CG  . PRO A 1 143 ? -19.18367 3.77079   2.85734   1.000 41.96791 ? 135 PRO A CG  1 
ATOM   939  C  CD  . PRO A 1 143 ? -18.90146 4.60508   1.64636   1.000 37.96856 ? 135 PRO A CD  1 
ATOM   940  N  N   . GLU A 1 144 ? -17.09467 1.95547   -0.20346  1.000 36.69355 ? 136 GLU A N   1 
ATOM   941  C  CA  . GLU A 1 144 ? -16.60376 0.99218   -1.19030  1.000 38.00429 ? 136 GLU A CA  1 
ATOM   942  C  C   . GLU A 1 144 ? -15.18139 1.31984   -1.62892  1.000 35.37666 ? 136 GLU A C   1 
ATOM   943  O  O   . GLU A 1 144 ? -14.36739 0.42307   -1.84429  1.000 35.34657 ? 136 GLU A O   1 
ATOM   944  C  CB  . GLU A 1 144 ? -17.51678 0.96908   -2.41655  1.000 39.97693 ? 136 GLU A CB  1 
ATOM   945  C  CG  . GLU A 1 144 ? -18.89974 0.41292   -2.17202  1.000 43.88497 ? 136 GLU A CG  1 
ATOM   946  C  CD  . GLU A 1 144 ? -19.75390 1.28385   -1.26457  1.000 46.34267 ? 136 GLU A CD  1 
ATOM   947  O  OE1 . GLU A 1 144 ? -20.56642 0.70406   -0.51266  1.000 55.62134 ? 136 GLU A OE1 1 
ATOM   948  O  OE2 . GLU A 1 144 ? -19.61766 2.53043   -1.27225  1.000 43.07277 ? 136 GLU A OE2 1 
ATOM   949  N  N   . MET A 1 145 ? -14.90130 2.59739   -1.85381  1.000 36.61635 ? 137 MET A N   1 
ATOM   950  C  CA  . MET A 1 145 ? -13.55481 3.02784   -2.21253  1.000 36.75833 ? 137 MET A CA  1 
ATOM   951  C  C   . MET A 1 145 ? -12.56167 2.65346   -1.11704  1.000 32.59831 ? 137 MET A C   1 
ATOM   952  O  O   . MET A 1 145 ? -11.49242 2.11525   -1.39353  1.000 32.14568 ? 137 MET A O   1 
ATOM   953  C  CB  . MET A 1 145 ? -13.58257 4.54110   -2.45574  1.000 34.33386 ? 137 MET A CB  1 
ATOM   954  C  CG  . MET A 1 145 ? -12.20280 5.21630   -2.57172  1.000 40.26146 ? 137 MET A CG  1 
ATOM   955  S  SD  . MET A 1 145 ? -11.49457 4.79161   -4.13844  1.000 43.68488 ? 137 MET A SD  1 
ATOM   956  C  CE  . MET A 1 145 ? -12.40280 5.95601   -5.18155  1.000 39.04199 ? 137 MET A CE  1 
ATOM   957  N  N   . LYS A 1 146 ? -12.89468 2.95965   0.13382   1.000 32.06637 ? 138 LYS A N   1 
ATOM   958  C  CA  . LYS A 1 146 ? -12.01086 2.64286   1.25105   1.000 31.13013 ? 138 LYS A CA  1 
ATOM   959  C  C   . LYS A 1 146 ? -11.73151 1.15208   1.32185   1.000 33.16265 ? 138 LYS A C   1 
ATOM   960  O  O   . LYS A 1 146 ? -10.58080 0.72710   1.48601   1.000 32.68249 ? 138 LYS A O   1 
ATOM   961  C  CB  . LYS A 1 146 ? -12.64158 3.11588   2.55775   1.000 33.92929 ? 138 LYS A CB  1 
ATOM   962  C  CG  . LYS A 1 146 ? -11.78605 2.88724   3.79168   1.000 32.58964 ? 138 LYS A CG  1 
ATOM   963  C  CD  . LYS A 1 146 ? -12.55490 3.27007   5.06947   1.000 35.67896 ? 138 LYS A CD  1 
ATOM   964  C  CE  . LYS A 1 146 ? -11.70687 3.12957   6.32345   1.000 43.02073 ? 138 LYS A CE  1 
ATOM   965  N  NZ  . LYS A 1 146 ? -12.25102 3.97668   7.44575   1.000 44.32443 ? 138 LYS A NZ  1 
ATOM   966  N  N   . ASN A 1 147 ? -12.78422 0.34052   1.19987   1.000 30.50115 ? 139 ASN A N   1 
ATOM   967  C  CA  . ASN A 1 147 ? -12.62065 -1.10051  1.33158   1.000 32.78585 ? 139 ASN A CA  1 
ATOM   968  C  C   . ASN A 1 147 ? -11.83680 -1.67855  0.16915   1.000 32.03768 ? 139 ASN A C   1 
ATOM   969  O  O   . ASN A 1 147 ? -11.12116 -2.66455  0.34261   1.000 33.35922 ? 139 ASN A O   1 
ATOM   970  C  CB  . ASN A 1 147 ? -13.99393 -1.78245  1.43986   1.000 34.58707 ? 139 ASN A CB  1 
ATOM   971  C  CG  . ASN A 1 147 ? -14.68079 -1.48481  2.76178   1.000 38.31390 ? 139 ASN A CG  1 
ATOM   972  O  OD1 . ASN A 1 147 ? -14.04168 -0.97875  3.70527   1.000 37.64872 ? 139 ASN A OD1 1 
ATOM   973  N  ND2 . ASN A 1 147 ? -15.96831 -1.81100  2.85542   1.000 38.18882 ? 139 ASN A ND2 1 
ATOM   974  N  N   . ALA A 1 148 ? -11.94478 -1.07906  -1.01894  1.000 33.36340 ? 140 ALA A N   1 
ATOM   975  C  CA  . ALA A 1 148 ? -11.22208 -1.63727  -2.15629  1.000 33.71833 ? 140 ALA A CA  1 
ATOM   976  C  C   . ALA A 1 148 ? -9.72461  -1.41206  -2.01124  1.000 33.10631 ? 140 ALA A C   1 
ATOM   977  O  O   . ALA A 1 148 ? -8.93208  -2.33490  -2.23124  1.000 31.23308 ? 140 ALA A O   1 
ATOM   978  C  CB  . ALA A 1 148 ? -11.74451 -1.03217  -3.45945  1.000 34.38167 ? 140 ALA A CB  1 
ATOM   979  N  N   . TRP A 1 149 ? -9.32328  -0.20046  -1.61918  1.000 29.09524 ? 141 TRP A N   1 
ATOM   980  C  CA  . TRP A 1 149 ? -7.91363  0.04887   -1.33461  1.000 30.66515 ? 141 TRP A CA  1 
ATOM   981  C  C   . TRP A 1 149 ? -7.42861  -0.82725  -0.18627  1.000 33.30813 ? 141 TRP A C   1 
ATOM   982  O  O   . TRP A 1 149 ? -6.33024  -1.40027  -0.24260  1.000 33.15577 ? 141 TRP A O   1 
ATOM   983  C  CB  . TRP A 1 149 ? -7.70256  1.52061   -0.99277  1.000 30.54512 ? 141 TRP A CB  1 
ATOM   984  C  CG  . TRP A 1 149 ? -7.57455  2.43681   -2.22524  1.000 32.41587 ? 141 TRP A CG  1 
ATOM   985  C  CD1 . TRP A 1 149 ? -8.54999  3.20408   -2.78402  1.000 33.60800 ? 141 TRP A CD1 1 
ATOM   986  C  CD2 . TRP A 1 149 ? -6.40046  2.65178   -2.99752  1.000 33.78797 ? 141 TRP A CD2 1 
ATOM   987  N  NE1 . TRP A 1 149 ? -8.05181  3.88838   -3.87045  1.000 34.66598 ? 141 TRP A NE1 1 
ATOM   988  C  CE2 . TRP A 1 149 ? -6.72771  3.56937   -4.01449  1.000 35.26960 ? 141 TRP A CE2 1 
ATOM   989  C  CE3 . TRP A 1 149 ? -5.08514  2.17398   -2.91431  1.000 34.69418 ? 141 TRP A CE3 1 
ATOM   990  C  CZ2 . TRP A 1 149 ? -5.79667  4.00648   -4.94907  1.000 34.81387 ? 141 TRP A CZ2 1 
ATOM   991  C  CZ3 . TRP A 1 149 ? -4.16129  2.60955   -3.84886  1.000 33.28345 ? 141 TRP A CZ3 1 
ATOM   992  C  CH2 . TRP A 1 149 ? -4.52140  3.51269   -4.85491  1.000 34.54291 ? 141 TRP A CH2 1 
ATOM   993  N  N   . ALA A 1 150 ? -8.20581  -0.88417  0.89401   1.000 31.47590 ? 142 ALA A N   1 
ATOM   994  C  CA  . ALA A 1 150 ? -7.76677  -1.64123  2.06287   1.000 32.66669 ? 142 ALA A CA  1 
ATOM   995  C  C   . ALA A 1 150 ? -7.57615  -3.11687  1.72112   1.000 33.52048 ? 142 ALA A C   1 
ATOM   996  O  O   . ALA A 1 150 ? -6.60090  -3.74291  2.14421   1.000 32.46276 ? 142 ALA A O   1 
ATOM   997  C  CB  . ALA A 1 150 ? -8.76145  -1.46280  3.20492   1.000 30.98210 ? 142 ALA A CB  1 
ATOM   998  N  N   . GLU A 1 151 ? -8.49426  -3.68676  0.94597   1.000 35.67326 ? 143 GLU A N   1 
ATOM   999  C  CA  . GLU A 1 151 ? -8.37484  -5.10170  0.60856   1.000 33.54514 ? 143 GLU A CA  1 
ATOM   1000 C  C   . GLU A 1 151 ? -7.11694  -5.36536  -0.20731  1.000 34.10897 ? 143 GLU A C   1 
ATOM   1001 O  O   . GLU A 1 151 ? -6.37411  -6.31680  0.07298   1.000 34.90365 ? 143 GLU A O   1 
ATOM   1002 C  CB  . GLU A 1 151 ? -9.62322  -5.56043  -0.14700  1.000 36.55928 ? 143 GLU A CB  1 
ATOM   1003 C  CG  . GLU A 1 151 ? -9.73168  -7.06693  -0.23437  1.000 40.66242 ? 143 GLU A CG  1 
ATOM   1004 C  CD  . GLU A 1 151 ? -10.24229 -7.66950  1.05410   1.000 44.04333 ? 143 GLU A CD  1 
ATOM   1005 O  OE1 . GLU A 1 151 ? -9.41525  -8.08887  1.86814   1.000 47.76110 ? 143 GLU A OE1 1 
ATOM   1006 O  OE2 . GLU A 1 151 ? -11.47014 -7.71445  1.26065   1.000 48.16367 ? 143 GLU A OE2 1 
ATOM   1007 N  N   . ALA A 1 152 ? -6.84032  -4.50518  -1.19456  1.000 33.86692 ? 144 ALA A N   1 
ATOM   1008 C  CA  . ALA A 1 152 ? -5.63731  -4.64191  -2.01796  1.000 35.45655 ? 144 ALA A CA  1 
ATOM   1009 C  C   . ALA A 1 152 ? -4.37408  -4.49763  -1.18081  1.000 33.63466 ? 144 ALA A C   1 
ATOM   1010 O  O   . ALA A 1 152 ? -3.41023  -5.25582  -1.35211  1.000 35.04365 ? 144 ALA A O   1 
ATOM   1011 C  CB  . ALA A 1 152 ? -5.65278  -3.59160  -3.13099  1.000 32.61002 ? 144 ALA A CB  1 
ATOM   1012 N  N   . PHE A 1 153 ? -4.36661  -3.52310  -0.27049  1.000 31.94348 ? 145 PHE A N   1 
ATOM   1013 C  CA  . PHE A 1 153 ? -3.23078  -3.31835  0.62368   1.000 31.17274 ? 145 PHE A CA  1 
ATOM   1014 C  C   . PHE A 1 153 ? -3.02299  -4.53224  1.51837   1.000 32.77754 ? 145 PHE A C   1 
ATOM   1015 O  O   . PHE A 1 153 ? -1.89436  -5.03548  1.66911   1.000 31.62040 ? 145 PHE A O   1 
ATOM   1016 C  CB  . PHE A 1 153 ? -3.48562  -2.05215  1.45326   1.000 30.99644 ? 145 PHE A CB  1 
ATOM   1017 C  CG  . PHE A 1 153 ? -2.34819  -1.67234  2.38592   1.000 30.05757 ? 145 PHE A CG  1 
ATOM   1018 C  CD1 . PHE A 1 153 ? -2.24707  -2.24074  3.64223   1.000 28.42488 ? 145 PHE A CD1 1 
ATOM   1019 C  CD2 . PHE A 1 153 ? -1.42337  -0.71167  2.00743   1.000 31.29019 ? 145 PHE A CD2 1 
ATOM   1020 C  CE1 . PHE A 1 153 ? -1.24412  -1.89106  4.51493   1.000 29.64619 ? 145 PHE A CE1 1 
ATOM   1021 C  CE2 . PHE A 1 153 ? -0.40028  -0.35146  2.87623   1.000 28.84604 ? 145 PHE A CE2 1 
ATOM   1022 C  CZ  . PHE A 1 153 ? -0.32419  -0.94537  4.14441   1.000 29.13785 ? 145 PHE A CZ  1 
ATOM   1023 N  N   . ASN A 1 154 ? -4.10903  -5.02617  2.11613   1.000 33.66106 ? 146 ASN A N   1 
ATOM   1024 C  CA  . ASN A 1 154 ? -3.97981  -6.14138  3.04977   1.000 34.14745 ? 146 ASN A CA  1 
ATOM   1025 C  C   . ASN A 1 154 ? -3.45616  -7.37904  2.34339   1.000 34.77701 ? 146 ASN A C   1 
ATOM   1026 O  O   . ASN A 1 154 ? -2.69853  -8.15841  2.92378   1.000 35.69859 ? 146 ASN A O   1 
ATOM   1027 C  CB  . ASN A 1 154 ? -5.31497  -6.47443  3.70930   1.000 34.41389 ? 146 ASN A CB  1 
ATOM   1028 C  CG  . ASN A 1 154 ? -5.79604  -5.40455  4.65103   1.000 37.47288 ? 146 ASN A CG  1 
ATOM   1029 O  OD1 . ASN A 1 154 ? -5.02873  -4.55630  5.10568   1.000 35.77666 ? 146 ASN A OD1 1 
ATOM   1030 N  ND2 . ASN A 1 154 ? -7.08252  -5.43361  4.94466   1.000 34.87452 ? 146 ASN A ND2 1 
ATOM   1031 N  N   . HIS A 1 155 ? -3.88439  -7.60559  1.10630   1.000 34.45095 ? 147 HIS A N   1 
ATOM   1032 C  CA  . HIS A 1 155 ? -3.44832  -8.81917  0.43538   1.000 36.76905 ? 147 HIS A CA  1 
ATOM   1033 C  C   . HIS A 1 155 ? -1.99029  -8.72781  0.02067   1.000 37.95966 ? 147 HIS A C   1 
ATOM   1034 O  O   . HIS A 1 155 ? -1.27841  -9.73557  0.05220   1.000 36.72777 ? 147 HIS A O   1 
ATOM   1035 C  CB  . HIS A 1 155 ? -4.35535  -9.10954  -0.75001  1.000 37.58529 ? 147 HIS A CB  1 
ATOM   1036 C  CG  . HIS A 1 155 ? -5.60075  -9.84072  -0.34955  1.000 38.51063 ? 147 HIS A CG  1 
ATOM   1037 N  ND1 . HIS A 1 155 ? -6.70580  -9.19437  0.16375   1.000 41.87180 ? 147 HIS A ND1 1 
ATOM   1038 C  CD2 . HIS A 1 155 ? -5.89768  -11.16153 -0.33654  1.000 41.25607 ? 147 HIS A CD2 1 
ATOM   1039 C  CE1 . HIS A 1 155 ? -7.64045  -10.08560 0.45841   1.000 39.89550 ? 147 HIS A CE1 1 
ATOM   1040 N  NE2 . HIS A 1 155 ? -7.17525  -11.28373 0.16275   1.000 41.01229 ? 147 HIS A NE2 1 
ATOM   1041 N  N   . LEU A 1 156 ? -1.51831  -7.52424  -0.31310  1.000 33.36807 ? 148 LEU A N   1 
ATOM   1042 C  CA  . LEU A 1 156 ? -0.10062  -7.34507  -0.62086  1.000 34.48439 ? 148 LEU A CA  1 
ATOM   1043 C  C   . LEU A 1 156 ? 0.76462   -7.56998  0.61351   1.000 36.57407 ? 148 LEU A C   1 
ATOM   1044 O  O   . LEU A 1 156 ? 1.79182   -8.24656  0.54103   1.000 38.47539 ? 148 LEU A O   1 
ATOM   1045 C  CB  . LEU A 1 156 ? 0.13245   -5.94492  -1.20591  1.000 35.26949 ? 148 LEU A CB  1 
ATOM   1046 C  CG  . LEU A 1 156 ? 1.58151   -5.45233  -1.33643  1.000 39.52455 ? 148 LEU A CG  1 
ATOM   1047 C  CD1 . LEU A 1 156 ? 2.37682   -6.40319  -2.17896  1.000 35.50815 ? 148 LEU A CD1 1 
ATOM   1048 C  CD2 . LEU A 1 156 ? 1.59220   -4.03848  -1.94438  1.000 38.04560 ? 148 LEU A CD2 1 
ATOM   1049 N  N   . VAL A 1 157 ? 0.37753   -6.98617  1.75174   1.000 35.21561 ? 149 VAL A N   1 
ATOM   1050 C  CA  . VAL A 1 157 ? 1.09801   -7.18275  3.01045   1.000 37.28031 ? 149 VAL A CA  1 
ATOM   1051 C  C   . VAL A 1 157 ? 1.11665   -8.65936  3.40801   1.000 41.01262 ? 149 VAL A C   1 
ATOM   1052 O  O   . VAL A 1 157 ? 2.15575   -9.20285  3.80920   1.000 39.17029 ? 149 VAL A O   1 
ATOM   1053 C  CB  . VAL A 1 157 ? 0.46695   -6.31625  4.12002   1.000 36.46662 ? 149 VAL A CB  1 
ATOM   1054 C  CG1 . VAL A 1 157 ? 1.12238   -6.63622  5.45452   1.000 41.23028 ? 149 VAL A CG1 1 
ATOM   1055 C  CG2 . VAL A 1 157 ? 0.63332   -4.81932  3.79812   1.000 33.15674 ? 149 VAL A CG2 1 
ATOM   1056 N  N   . ALA A 1 158 ? -0.02924  -9.33572  3.29504   1.000 37.60672 ? 150 ALA A N   1 
ATOM   1057 C  CA  . ALA A 1 158 ? -0.07124  -10.75977 3.62424   1.000 40.98708 ? 150 ALA A CA  1 
ATOM   1058 C  C   . ALA A 1 158 ? 0.82523   -11.56206 2.69740   1.000 42.16785 ? 150 ALA A C   1 
ATOM   1059 O  O   . ALA A 1 158 ? 1.44698   -12.54427 3.12069   1.000 48.99982 ? 150 ALA A O   1 
ATOM   1060 C  CB  . ALA A 1 158 ? -1.51368  -11.27737 3.55266   1.000 38.77911 ? 150 ALA A CB  1 
ATOM   1061 N  N   . ALA A 1 159 ? 0.91780   -11.14624 1.43586   1.000 41.30601 ? 151 ALA A N   1 
ATOM   1062 C  CA  . ALA A 1 159 ? 1.65847   -11.91079 0.43144   1.000 44.91636 ? 151 ALA A CA  1 
ATOM   1063 C  C   . ALA A 1 159 ? 3.14998   -11.83850 0.67404   1.000 48.94811 ? 151 ALA A C   1 
ATOM   1064 O  O   . ALA A 1 159 ? 3.87729   -12.81472 0.43343   1.000 53.76386 ? 151 ALA A O   1 
ATOM   1065 C  CB  . ALA A 1 159 ? 1.34233   -11.39297 -0.96881  1.000 46.90102 ? 151 ALA A CB  1 
ATOM   1066 N  N   . ILE A 1 160 ? 3.63182   -10.66780 1.08097   1.000 44.81626 ? 152 ILE A N   1 
ATOM   1067 C  CA  . ILE A 1 160 ? 5.01728   -10.55013 1.50058   1.000 48.72485 ? 152 ILE A CA  1 
ATOM   1068 C  C   . ILE A 1 160 ? 5.30470   -11.53366 2.63151   1.000 52.34443 ? 152 ILE A C   1 
ATOM   1069 O  O   . ILE A 1 160 ? 6.28913   -12.28071 2.59223   1.000 52.22974 ? 152 ILE A O   1 
ATOM   1070 C  CB  . ILE A 1 160 ? 5.33235   -9.10328  1.91160   1.000 43.37928 ? 152 ILE A CB  1 
ATOM   1071 C  CG1 . ILE A 1 160 ? 5.03935   -8.13462  0.75019   1.000 43.47024 ? 152 ILE A CG1 1 
ATOM   1072 C  CG2 . ILE A 1 160 ? 6.80733   -9.01854  2.31032   1.000 45.90051 ? 152 ILE A CG2 1 
ATOM   1073 C  CD1 . ILE A 1 160 ? 5.10280   -6.64108  1.11457   1.000 37.55177 ? 152 ILE A CD1 1 
ATOM   1074 N  N   . LYS A 1 161 ? 4.43270   -11.56841 3.64523   1.000 50.33145 ? 153 LYS A N   1 
ATOM   1075 C  CA  . LYS A 1 161 ? 4.69932   -12.42183 4.80676   1.000 52.91948 ? 153 LYS A CA  1 
ATOM   1076 C  C   . LYS A 1 161 ? 4.59918   -13.91298 4.47349   1.000 55.37497 ? 153 LYS A C   1 
ATOM   1077 O  O   . LYS A 1 161 ? 5.39877   -14.70662 4.98333   1.000 56.70359 ? 153 LYS A O   1 
ATOM   1078 C  CB  . LYS A 1 161 ? 3.78417   -12.03061 5.96990   1.000 55.34696 ? 153 LYS A CB  1 
ATOM   1079 C  CG  . LYS A 1 161 ? 4.06148   -10.59332 6.44276   1.000 56.04861 ? 153 LYS A CG  1 
ATOM   1080 C  CD  . LYS A 1 161 ? 2.97914   -9.94814  7.30459   1.000 56.28579 ? 153 LYS A CD  1 
ATOM   1081 C  CE  . LYS A 1 161 ? 3.18313   -8.43560  7.34243   1.000 46.19289 ? 153 LYS A CE  1 
ATOM   1082 N  NZ  . LYS A 1 161 ? 3.94475   -7.98852  6.05650   1.000 58.73820 ? 153 LYS A NZ  1 
ATOM   1083 N  N   . ALA A 1 162 ? 3.67175   -14.31269 3.59227   1.000 53.49071 ? 154 ALA A N   1 
ATOM   1084 C  CA  . ALA A 1 162 ? 3.63993   -15.70425 3.14111   1.000 55.49976 ? 154 ALA A CA  1 
ATOM   1085 C  C   . ALA A 1 162 ? 4.90893   -16.08470 2.37772   1.000 59.47857 ? 154 ALA A C   1 
ATOM   1086 O  O   . ALA A 1 162 ? 5.35960   -17.23590 2.45446   1.000 61.05929 ? 154 ALA A O   1 
ATOM   1087 C  CB  . ALA A 1 162 ? 2.40322   -15.95454 2.27319   1.000 53.26616 ? 154 ALA A CB  1 
ATOM   1088 N  N   . GLU A 1 163 ? 5.49835   -15.13828 1.63756   1.000 57.78277 ? 155 GLU A N   1 
ATOM   1089 C  CA  . GLU A 1 163 ? 6.76654   -15.41130 0.96640   1.000 58.98881 ? 155 GLU A CA  1 
ATOM   1090 C  C   . GLU A 1 163 ? 7.91241   -15.50895 1.96674   1.000 63.50725 ? 155 GLU A C   1 
ATOM   1091 O  O   . GLU A 1 163 ? 8.76760   -16.39408 1.84692   1.000 63.32723 ? 155 GLU A O   1 
ATOM   1092 C  CB  . GLU A 1 163 ? 7.06712   -14.33337 -0.07717  1.000 56.70137 ? 155 GLU A CB  1 
ATOM   1093 C  CG  . GLU A 1 163 ? 8.53345   -14.32596 -0.53566  1.000 57.69125 ? 155 GLU A CG  1 
ATOM   1094 C  CD  . GLU A 1 163 ? 8.91763   -15.56621 -1.34594  1.000 62.68929 ? 155 GLU A CD  1 
ATOM   1095 O  OE1 . GLU A 1 163 ? 8.01287   -16.30027 -1.80629  1.000 61.62347 ? 155 GLU A OE1 1 
ATOM   1096 O  OE2 . GLU A 1 163 ? 10.13296  -15.79356 -1.53868  1.000 61.86330 ? 155 GLU A OE2 1 
ATOM   1097 N  N   . MET A 1 164 ? 7.95371   -14.60203 2.95433   1.000 60.04113 ? 156 MET A N   1 
ATOM   1098 C  CA  . MET A 1 164 ? 8.96800   -14.69070 4.00391   1.000 58.01009 ? 156 MET A CA  1 
ATOM   1099 C  C   . MET A 1 164 ? 8.81326   -15.97926 4.80993   1.000 67.88395 ? 156 MET A C   1 
ATOM   1100 O  O   . MET A 1 164 ? 9.80701   -16.54253 5.28738   1.000 66.16713 ? 156 MET A O   1 
ATOM   1101 C  CB  . MET A 1 164 ? 8.87715   -13.47206 4.92221   1.000 55.91501 ? 156 MET A CB  1 
ATOM   1102 C  CG  . MET A 1 164 ? 9.31251   -12.16339 4.29419   1.000 51.60830 ? 156 MET A CG  1 
ATOM   1103 S  SD  . MET A 1 164 ? 10.91272  -12.25757 3.41351   1.000 54.26372 ? 156 MET A SD  1 
ATOM   1104 C  CE  . MET A 1 164 ? 12.02568  -12.10392 4.81668   1.000 49.38729 ? 156 MET A CE  1 
ATOM   1105 N  N   . GLN A 1 165 ? 7.57366   -16.46413 4.95924   1.000 66.98068 ? 157 GLN A N   1 
ATOM   1106 C  CA  . GLN A 1 165 ? 7.33913   -17.71382 5.67663   1.000 71.47268 ? 157 GLN A CA  1 
ATOM   1107 C  C   . GLN A 1 165 ? 7.80675   -18.91633 4.86304   1.000 74.00307 ? 157 GLN A C   1 
ATOM   1108 O  O   . GLN A 1 165 ? 8.35693   -19.87367 5.42335   1.000 76.49530 ? 157 GLN A O   1 
ATOM   1109 C  CB  . GLN A 1 165 ? 5.85651   -17.84692 6.03295   1.000 69.78005 ? 157 GLN A CB  1 
ATOM   1110 C  CG  . GLN A 1 165 ? 5.53709   -19.06571 6.88841   1.000 74.56762 ? 157 GLN A CG  1 
ATOM   1111 C  CD  . GLN A 1 165 ? 6.50085   -19.23577 8.05272   1.000 80.97833 ? 157 GLN A CD  1 
ATOM   1112 O  OE1 . GLN A 1 165 ? 7.30524   -20.17037 8.07612   1.000 82.00676 ? 157 GLN A OE1 1 
ATOM   1113 N  NE2 . GLN A 1 165 ? 6.41898   -18.33413 9.02989   1.000 80.85598 ? 157 GLN A NE2 1 
ATOM   1114 N  N   . ARG A 1 166 ? 7.59261   -18.88946 3.54082   1.000 72.63283 ? 158 ARG A N   1 
ATOM   1115 C  CA  . ARG A 1 166 ? 8.11376   -19.94562 2.67826   1.000 75.71667 ? 158 ARG A CA  1 
ATOM   1116 C  C   . ARG A 1 166 ? 9.63396   -20.03960 2.74735   1.000 77.48010 ? 158 ARG A C   1 
ATOM   1117 O  O   . ARG A 1 166 ? 10.20437  -21.05709 2.33688   1.000 79.91469 ? 158 ARG A O   1 
ATOM   1118 C  CB  . ARG A 1 166 ? 7.66851   -19.72393 1.22580   1.000 76.06986 ? 158 ARG A CB  1 
ATOM   1119 C  CG  . ARG A 1 166 ? 6.22810   -20.13184 0.94021   1.000 78.37512 ? 158 ARG A CG  1 
ATOM   1120 C  CD  . ARG A 1 166 ? 6.09068   -20.89487 -0.37762  1.000 82.70105 ? 158 ARG A CD  1 
ATOM   1121 N  NE  . ARG A 1 166 ? 6.19154   -22.34866 -0.20455  1.000 89.14989 ? 158 ARG A NE  1 
ATOM   1122 C  CZ  . ARG A 1 166 ? 5.19194   -23.14738 0.17741   1.000 90.03481 ? 158 ARG A CZ  1 
ATOM   1123 N  NH1 . ARG A 1 166 ? 3.98939   -22.64873 0.43625   1.000 89.61542 ? 158 ARG A NH1 1 
ATOM   1124 N  NH2 . ARG A 1 166 ? 5.39478   -24.45436 0.30053   1.000 89.42347 ? 158 ARG A NH2 1 
ATOM   1125 N  N   . LEU A 1 167 ? 10.29863  -19.01026 3.27476   1.000 78.07643 ? 159 LEU A N   1 
ATOM   1126 C  CA  . LEU A 1 167 ? 11.75120  -18.97182 3.37450   1.000 79.46737 ? 159 LEU A CA  1 
ATOM   1127 C  C   . LEU A 1 167 ? 12.27379  -19.04860 4.80500   1.000 80.92177 ? 159 LEU A C   1 
ATOM   1128 O  O   . LEU A 1 167 ? 13.48213  -19.23181 4.99376   1.000 82.54958 ? 159 LEU A O   1 
ATOM   1129 C  CB  . LEU A 1 167 ? 12.28690  -17.69667 2.70599   1.000 75.71644 ? 159 LEU A CB  1 
ATOM   1130 C  CG  . LEU A 1 167 ? 11.72545  -17.42476 1.31136   1.000 71.26307 ? 159 LEU A CG  1 
ATOM   1131 C  CD1 . LEU A 1 167 ? 12.44683  -16.25077 0.69985   1.000 67.60924 ? 159 LEU A CD1 1 
ATOM   1132 C  CD2 . LEU A 1 167 ? 11.83232  -18.66009 0.42068   1.000 77.47832 ? 159 LEU A CD2 1 
ATOM   1133 N  N   . SER A 1 168 ? 11.41058  -18.89537 5.81219   1.000 79.98135 ? 160 SER A N   1 
ATOM   1134 C  CA  . SER A 1 168 ? 11.80730  -19.16324 7.19177   1.000 83.60280 ? 160 SER A CA  1 
ATOM   1135 C  C   . SER A 1 168 ? 12.15049  -20.63485 7.41565   1.000 86.17763 ? 160 SER A C   1 
ATOM   1136 O  O   . SER A 1 168 ? 12.88153  -20.95628 8.36379   1.000 85.78821 ? 160 SER A O   1 
ATOM   1137 C  CB  . SER A 1 168 ? 10.68594  -18.72417 8.14477   1.000 81.90159 ? 160 SER A CB  1 
ATOM   1138 O  OG  . SER A 1 168 ? 10.61691  -19.56510 9.28715   1.000 87.01031 ? 160 SER A OG  1 
ATOM   1139 N  N   . THR A 1 169 ? 11.66901  -21.52175 6.54338   1.000 85.12167 ? 161 THR A N   1 
ATOM   1140 C  CA  . THR A 1 169 ? 11.74904  -22.96504 6.74113   1.000 86.50501 ? 161 THR A CA  1 
ATOM   1141 C  C   . THR A 1 169 ? 12.72785  -23.65575 5.78351   1.000 89.14020 ? 161 THR A C   1 
ATOM   1142 O  O   . THR A 1 169 ? 12.94519  -23.20877 4.65053   1.000 88.01705 ? 161 THR A O   1 
ATOM   1143 C  CB  . THR A 1 169 ? 10.34735  -23.61228 6.57671   1.000 87.72906 ? 161 THR A CB  1 
ATOM   1144 O  OG1 . THR A 1 169 ? 10.03844  -23.74856 5.18107   1.000 87.31547 ? 161 THR A OG1 1 
ATOM   1145 C  CG2 . THR A 1 169 ? 9.28024   -22.74138 7.23559   1.000 85.29292 ? 161 THR A CG2 1 
HETATM 1146 C  CHA . HEM B 2 .   ? 11.70752  -0.61421  1.55919   1.000 33.26307 ? 201 HEM A CHA 1 
HETATM 1147 C  CHB . HEM B 2 .   ? 7.41906   -1.37583  -0.55098  1.000 33.21796 ? 201 HEM A CHB 1 
HETATM 1148 C  CHC . HEM B 2 .   ? 5.45538   -0.89005  3.84701   1.000 31.61729 ? 201 HEM A CHC 1 
HETATM 1149 C  CHD . HEM B 2 .   ? 9.56474   0.82181   5.67588   1.000 34.44651 ? 201 HEM A CHD 1 
HETATM 1150 C  C1A . HEM B 2 .   ? 10.74522  -0.91562  0.62976   1.000 31.73336 ? 201 HEM A C1A 1 
HETATM 1151 C  C2A . HEM B 2 .   ? 10.98155  -1.23922  -0.75486  1.000 31.62516 ? 201 HEM A C2A 1 
HETATM 1152 C  C3A . HEM B 2 .   ? 9.79045   -1.43891  -1.34517  1.000 33.72003 ? 201 HEM A C3A 1 
HETATM 1153 C  C4A . HEM B 2 .   ? 8.76506   -1.24961  -0.34666  1.000 34.36158 ? 201 HEM A C4A 1 
HETATM 1154 C  CMA . HEM B 2 .   ? 9.49371   -1.80149  -2.82379  1.000 34.42821 ? 201 HEM A CMA 1 
HETATM 1155 C  CAA . HEM B 2 .   ? 12.39094  -1.34723  -1.41407  1.000 32.56704 ? 201 HEM A CAA 1 
HETATM 1156 C  CBA . HEM B 2 .   ? 12.95736  0.01469   -1.75873  1.000 35.92050 ? 201 HEM A CBA 1 
HETATM 1157 C  CGA . HEM B 2 .   ? 14.33810  -0.15278  -2.37187  1.000 41.69986 ? 201 HEM A CGA 1 
HETATM 1158 O  O1A . HEM B 2 .   ? 14.76617  -1.30591  -2.67002  1.000 37.84530 ? 201 HEM A O1A 1 
HETATM 1159 O  O2A . HEM B 2 .   ? 15.01574  0.88443   -2.56755  1.000 43.13455 ? 201 HEM A O2A 1 
HETATM 1160 C  C1B . HEM B 2 .   ? 6.50187   -1.33011  0.47616   1.000 32.83900 ? 201 HEM A C1B 1 
HETATM 1161 C  C2B . HEM B 2 .   ? 5.08716   -1.60061  0.34962   1.000 31.40082 ? 201 HEM A C2B 1 
HETATM 1162 C  C3B . HEM B 2 .   ? 4.54671   -1.45484  1.57275   1.000 30.96454 ? 201 HEM A C3B 1 
HETATM 1163 C  C4B . HEM B 2 .   ? 5.60679   -1.09387  2.49768   1.000 32.00820 ? 201 HEM A C4B 1 
HETATM 1164 C  CMB . HEM B 2 .   ? 4.43896   -1.97331  -1.00409  1.000 30.50496 ? 201 HEM A CMB 1 
HETATM 1165 C  CAB . HEM B 2 .   ? 3.09672   -1.65042  2.02646   1.000 32.81490 ? 201 HEM A CAB 1 
HETATM 1166 C  CBB . HEM B 2 .   ? 2.25594   -2.49315  1.42043   1.000 28.96741 ? 201 HEM A CBB 1 
HETATM 1167 C  C1C . HEM B 2 .   ? 6.38114   -0.37463  4.71755   1.000 29.45774 ? 201 HEM A C1C 1 
HETATM 1168 C  C2C . HEM B 2 .   ? 6.10035   0.10252   6.04503   1.000 30.20581 ? 201 HEM A C2C 1 
HETATM 1169 C  C3C . HEM B 2 .   ? 7.24776   0.55996   6.56359   1.000 30.77128 ? 201 HEM A C3C 1 
HETATM 1170 C  C4C . HEM B 2 .   ? 8.25072   0.45525   5.55058   1.000 31.89604 ? 201 HEM A C4C 1 
HETATM 1171 C  CMC . HEM B 2 .   ? 4.71589   -0.04999  6.74691   1.000 28.09207 ? 201 HEM A CMC 1 
HETATM 1172 C  CAC . HEM B 2 .   ? 7.53954   1.19482   7.94845   1.000 33.29429 ? 201 HEM A CAC 1 
HETATM 1173 C  CBC . HEM B 2 .   ? 6.64841   2.05141   8.48704   1.000 33.05245 ? 201 HEM A CBC 1 
HETATM 1174 C  C1D . HEM B 2 .   ? 10.50287  0.54472   4.72547   1.000 32.38823 ? 201 HEM A C1D 1 
HETATM 1175 C  C2D . HEM B 2 .   ? 11.91709  0.83239   4.84718   1.000 35.01825 ? 201 HEM A C2D 1 
HETATM 1176 C  C3D . HEM B 2 .   ? 12.51529  0.43070   3.71630   1.000 34.96043 ? 201 HEM A C3D 1 
HETATM 1177 C  C4D . HEM B 2 .   ? 11.49126  -0.10602  2.82618   1.000 35.95467 ? 201 HEM A C4D 1 
HETATM 1178 C  CMD . HEM B 2 .   ? 12.57183  1.44305   6.09496   1.000 37.99234 ? 201 HEM A CMD 1 
HETATM 1179 C  CAD . HEM B 2 .   ? 14.03416  0.53366   3.37207   1.000 37.11393 ? 201 HEM A CAD 1 
HETATM 1180 C  CBD . HEM B 2 .   ? 14.38804  2.00062   3.17399   1.000 37.89518 ? 201 HEM A CBD 1 
HETATM 1181 C  CGD . HEM B 2 .   ? 13.76807  2.52863   1.90412   1.000 41.60110 ? 201 HEM A CGD 1 
HETATM 1182 O  O1D . HEM B 2 .   ? 13.27307  3.68590   1.87759   1.000 44.34192 ? 201 HEM A O1D 1 
HETATM 1183 O  O2D . HEM B 2 .   ? 13.77526  1.79363   0.88524   1.000 48.52632 ? 201 HEM A O2D 1 
HETATM 1184 N  NA  . HEM B 2 .   ? 9.38804   -0.96975  0.85404   1.000 32.32944 ? 201 HEM A NA  1 
HETATM 1185 N  NB  . HEM B 2 .   ? 6.77271   -1.03958  1.78968   1.000 30.89712 ? 201 HEM A NB  1 
HETATM 1186 N  NC  . HEM B 2 .   ? 7.70565   -0.11366  4.44836   1.000 31.30488 ? 201 HEM A NC  1 
HETATM 1187 N  ND  . HEM B 2 .   ? 10.26756  -0.00055  3.47596   1.000 32.16545 ? 201 HEM A ND  1 
HETATM 1188 FE FE  . HEM B 2 .   ? 8.53662   -0.56505  2.65215   1.000 32.46370 ? 201 HEM A FE  1 
HETATM 1189 C  C   . CYN C 3 .   ? -2.85095  -0.32868  -10.49211 1.000 39.73230 ? 202 CYN A C   1 
HETATM 1190 N  N   . CYN C 3 .   ? -2.08178  0.43089   -10.14180 1.000 46.80655 ? 202 CYN A N   1 
HETATM 1191 N  N24 . FC6 D 4 .   ? 6.42102   -5.20995  -9.19604  0.788 51.97225 ? 203 FC6 A N24 1 
HETATM 1192 C  C24 . FC6 D 4 .   ? 6.62550   -4.19594  -8.64475  0.788 49.21858 ? 203 FC6 A C24 1 
HETATM 1193 FE FE2 . FC6 D 4 .   ? 6.96159   -2.64316  -7.75314  0.788 40.66491 ? 203 FC6 A FE2 1 
HETATM 1194 C  C21 . FC6 D 4 .   ? 5.18642   -2.61961  -7.60376  0.788 49.71576 ? 203 FC6 A C21 1 
HETATM 1195 N  N25 . FC6 D 4 .   ? 4.04745   -2.73157  -7.49720  0.788 46.31668 ? 203 FC6 A N25 1 
HETATM 1196 C  C22 . FC6 D 4 .   ? 7.84930   -3.69142  -6.55789  0.788 43.08636 ? 203 FC6 A C22 1 
HETATM 1197 N  N22 . FC6 D 4 .   ? 8.52674   -4.35271  -5.84178  0.788 44.84614 ? 203 FC6 A N22 1 
HETATM 1198 C  C26 . FC6 D 4 .   ? 6.15147   -1.57878  -8.97892  0.788 46.45574 ? 203 FC6 A C26 1 
HETATM 1199 N  N21 . FC6 D 4 .   ? 5.54764   -0.88172  -9.68066  0.788 50.05017 ? 203 FC6 A N21 1 
HETATM 1200 C  C23 . FC6 D 4 .   ? 8.58345   -2.36756  -8.57374  0.788 51.75321 ? 203 FC6 A C23 1 
HETATM 1201 N  N23 . FC6 D 4 .   ? 9.55993   -2.14490  -9.19528  0.788 50.12349 ? 203 FC6 A N23 1 
HETATM 1202 C  C11 . FC6 D 4 .   ? 7.31829   -1.14257  -6.79847  0.788 42.34398 ? 203 FC6 A C11 1 
HETATM 1203 N  N11 . FC6 D 4 .   ? 7.58713   -0.21040  -6.16420  0.788 44.39660 ? 203 FC6 A N11 1 
HETATM 1204 O  O   . HOH E 5 .   ? -13.28599 -7.20132  0.23008   1.000 52.45820 ? 301 HOH A O   1 
HETATM 1205 O  O   . HOH E 5 .   ? -16.74048 6.57977   -5.30692  1.000 49.48760 ? 302 HOH A O   1 
HETATM 1206 O  O   . HOH E 5 .   ? -8.59958  -7.57176  4.03882   1.000 44.01750 ? 303 HOH A O   1 
HETATM 1207 O  O   . HOH E 5 .   ? -4.80225  13.35365  6.18253   1.000 53.12823 ? 304 HOH A O   1 
HETATM 1208 O  O   . HOH E 5 .   ? -6.11715  -2.40356  -13.22035 1.000 54.89788 ? 305 HOH A O   1 
HETATM 1209 O  O   . HOH E 5 .   ? -3.53588  11.60521  -14.13261 1.000 48.07833 ? 306 HOH A O   1 
HETATM 1210 O  O   . HOH E 5 .   ? 11.11285  -1.76292  14.74589  1.000 50.22712 ? 307 HOH A O   1 
HETATM 1211 O  O   . HOH E 5 .   ? -7.07685  -6.64187  -13.61006 1.000 53.89268 ? 308 HOH A O   1 
HETATM 1212 O  O   . HOH E 5 .   ? -18.08352 4.46509   -4.39236  1.000 48.83276 ? 309 HOH A O   1 
HETATM 1213 O  O   . HOH E 5 .   ? -5.23379  15.00745  -8.21474  1.000 43.70456 ? 310 HOH A O   1 
HETATM 1214 O  O   . HOH E 5 .   ? -18.49871 -4.19850  -6.81345  1.000 53.60209 ? 311 HOH A O   1 
HETATM 1215 O  O   . HOH E 5 .   ? -2.31577  -12.13440 -0.15281  1.000 40.44142 ? 312 HOH A O   1 
HETATM 1216 O  O   . HOH E 5 .   ? 16.52366  -9.30880  5.88815   1.000 43.51348 ? 313 HOH A O   1 
HETATM 1217 O  O   . HOH E 5 .   ? 0.25043   -14.10838 4.87616   1.000 51.46952 ? 314 HOH A O   1 
HETATM 1218 O  O   . HOH E 5 .   ? -12.18251 -2.54779  -13.49550 1.000 49.54215 ? 315 HOH A O   1 
HETATM 1219 O  O   . HOH E 5 .   ? -15.86980 12.83291  0.67069   1.000 45.37019 ? 316 HOH A O   1 
HETATM 1220 O  O   . HOH E 5 .   ? 2.22337   -5.92842  19.46314  1.000 46.11937 ? 317 HOH A O   1 
HETATM 1221 O  O   . HOH E 5 .   ? -13.76144 -7.78343  -2.32506  1.000 51.87754 ? 318 HOH A O   1 
HETATM 1222 O  O   . HOH E 5 .   ? 11.57506  9.91008   15.31448  1.000 48.89738 ? 319 HOH A O   1 
HETATM 1223 O  O   . HOH E 5 .   ? -6.65606  -13.92267 -2.33245  1.000 52.86066 ? 320 HOH A O   1 
HETATM 1224 O  O   . HOH E 5 .   ? 4.33010   14.59393  10.41795  1.000 36.63253 ? 321 HOH A O   1 
HETATM 1225 O  O   . HOH E 5 .   ? 10.25981  -7.14423  11.00524  1.000 44.97956 ? 322 HOH A O   1 
HETATM 1226 O  O   . HOH E 5 .   ? 12.33862  3.74169   -0.67365  1.000 42.83065 ? 323 HOH A O   1 
HETATM 1227 O  O   . HOH E 5 .   ? -9.87671  17.28783  0.82264   1.000 47.97779 ? 324 HOH A O   1 
HETATM 1228 O  O   . HOH E 5 .   ? -4.53516  15.94810  -1.03683  1.000 49.03478 ? 325 HOH A O   1 
HETATM 1229 O  O   . HOH E 5 .   ? 2.75670   13.82728  16.25563  1.000 41.57041 ? 326 HOH A O   1 
HETATM 1230 O  O   . HOH E 5 .   ? -0.45010  17.44047  13.69515  1.000 51.07992 ? 327 HOH A O   1 
HETATM 1231 O  O   . HOH E 5 .   ? -11.69345 -11.69019 -7.59717  1.000 45.19653 ? 328 HOH A O   1 
HETATM 1232 O  O   . HOH E 5 .   ? 4.04223   -6.55697  16.41013  1.000 42.88918 ? 329 HOH A O   1 
HETATM 1233 O  O   . HOH E 5 .   ? -0.75166  14.34300  5.96248   1.000 43.51873 ? 330 HOH A O   1 
HETATM 1234 O  O   . HOH E 5 .   ? -15.09473 -2.21559  -2.12241  1.000 39.67809 ? 331 HOH A O   1 
HETATM 1235 O  O   . HOH E 5 .   ? -9.92645  15.88975  -5.62944  1.000 40.76135 ? 332 HOH A O   1 
HETATM 1236 O  O   . HOH E 5 .   ? -2.06805  15.02079  15.76990  1.000 43.59223 ? 333 HOH A O   1 
HETATM 1237 O  O   . HOH E 5 .   ? -16.61929 -7.94904  -11.36157 1.000 55.51117 ? 334 HOH A O   1 
HETATM 1238 O  O   . HOH E 5 .   ? 3.51756   9.18280   -4.14089  1.000 42.69624 ? 335 HOH A O   1 
HETATM 1239 O  O   . HOH E 5 .   ? -6.61330  1.21071   8.15537   1.000 31.42070 ? 336 HOH A O   1 
HETATM 1240 O  O   . HOH E 5 .   ? 8.94822   3.97396   -6.26392  1.000 43.99413 ? 337 HOH A O   1 
HETATM 1241 O  O   . HOH E 5 .   ? 7.10232   -6.96769  4.64377   1.000 41.18374 ? 338 HOH A O   1 
HETATM 1242 O  O   . HOH E 5 .   ? 2.99801   16.65752  -6.60774  1.000 42.13077 ? 339 HOH A O   1 
HETATM 1243 O  O   . HOH E 5 .   ? -5.10097  0.49351   10.38460  1.000 29.26898 ? 340 HOH A O   1 
HETATM 1244 O  O   . HOH E 5 .   ? -4.30104  13.93560  0.55646   1.000 38.50110 ? 341 HOH A O   1 
HETATM 1245 O  O   . HOH E 5 .   ? -3.78140  14.75674  3.04179   1.000 48.87518 ? 342 HOH A O   1 
HETATM 1246 O  O   . HOH E 5 .   ? -16.92922 -2.80685  0.38455   1.000 45.39012 ? 343 HOH A O   1 
HETATM 1247 O  O   . HOH E 5 .   ? -16.26124 1.52710   -9.68734  1.000 47.86357 ? 344 HOH A O   1 
HETATM 1248 O  O   . HOH E 5 .   ? 3.22048   -14.70800 -1.59017  1.000 52.32243 ? 345 HOH A O   1 
HETATM 1249 O  O   . HOH E 5 .   ? 11.89811  3.06906   13.90257  1.000 43.60076 ? 346 HOH A O   1 
HETATM 1250 O  O   . HOH E 5 .   ? 5.18586   4.80510   3.02551   1.000 32.30067 ? 347 HOH A O   1 
HETATM 1251 O  O   . HOH E 5 .   ? 2.49342   -13.68333 -5.76888  1.000 57.14614 ? 348 HOH A O   1 
HETATM 1252 O  O   . HOH E 5 .   ? -13.03553 17.65607  -5.07009  1.000 47.14841 ? 349 HOH A O   1 
HETATM 1253 O  O   . HOH E 5 .   ? 6.01860   9.98496   -4.07352  1.000 40.55044 ? 350 HOH A O   1 
HETATM 1254 O  O   . HOH E 5 .   ? -12.20177 6.82900   6.90119   1.000 49.37369 ? 351 HOH A O   1 
HETATM 1255 O  O   . HOH E 5 .   ? 10.77831  -5.36907  -4.30995  1.000 40.47413 ? 352 HOH A O   1 
HETATM 1256 O  O   . HOH E 5 .   ? 0.01073   15.19516  8.87096   1.000 43.99790 ? 353 HOH A O   1 
HETATM 1257 O  O   . HOH E 5 .   ? -8.15398  5.90297   7.51892   1.000 36.55665 ? 354 HOH A O   1 
HETATM 1258 O  O   . HOH E 5 .   ? 4.17599   14.96129  -8.63169  1.000 46.75265 ? 355 HOH A O   1 
HETATM 1259 O  O   . HOH E 5 .   ? -2.42352  -7.91067  5.84738   1.000 42.01238 ? 356 HOH A O   1 
HETATM 1260 O  O   . HOH E 5 .   ? -5.72788  14.77582  -5.56496  1.000 45.25878 ? 357 HOH A O   1 
HETATM 1261 O  O   . HOH E 5 .   ? -17.54983 -1.13252  5.25504   1.000 47.52834 ? 358 HOH A O   1 
HETATM 1262 O  O   . HOH E 5 .   ? -3.33436  -12.86655 -2.21237  1.000 46.74804 ? 359 HOH A O   1 
HETATM 1263 O  O   . HOH E 5 .   ? 5.23092   3.09523   5.25029   1.000 31.02242 ? 360 HOH A O   1 
HETATM 1264 O  O   . HOH E 5 .   ? -11.90402 -18.46449 -0.09653  1.000 48.50951 ? 361 HOH A O   1 
HETATM 1265 O  O   . HOH E 5 .   ? 17.29563  -1.84037  -1.05415  1.000 49.55228 ? 362 HOH A O   1 
HETATM 1266 O  O   . HOH E 5 .   ? -11.48709 -0.83852  5.37391   1.000 48.84103 ? 363 HOH A O   1 
HETATM 1267 O  O   . HOH E 5 .   ? -8.38598  -3.34324  6.76419   1.000 42.78614 ? 364 HOH A O   1 
HETATM 1268 O  O   . HOH E 5 .   ? -11.33343 2.01109   -14.72333 1.000 48.58597 ? 365 HOH A O   1 
HETATM 1269 O  O   . HOH E 5 .   ? -3.06534  12.48127  5.13755   1.000 46.46941 ? 366 HOH A O   1 
HETATM 1270 O  O   . HOH E 5 .   ? 4.55185   -7.84769  14.19233  1.000 47.76538 ? 367 HOH A O   1 
HETATM 1271 O  O   . HOH E 5 .   ? -2.27933  -5.45559  6.30811   1.000 47.64949 ? 368 HOH A O   1 
HETATM 1272 O  O   . HOH E 5 .   ? -9.83747  7.03118   5.77752   1.000 42.33893 ? 369 HOH A O   1 
HETATM 1273 O  O   . HOH E 5 .   ? 6.97276   2.69996   -7.53639  1.000 46.20260 ? 370 HOH A O   1 
HETATM 1274 O  O   . HOH E 5 .   ? 1.46619   -9.47241  16.35953  1.000 55.89238 ? 371 HOH A O   1 
HETATM 1275 O  O   . HOH E 5 .   ? 15.81867  -11.93932 5.16960   1.000 51.86722 ? 372 HOH A O   1 
HETATM 1276 O  O   . HOH E 5 .   ? -11.74321 -20.36620 -1.56773  1.000 47.35766 ? 373 HOH A O   1 
HETATM 1277 O  O   . HOH E 5 .   ? -4.17284  16.61828  -3.67637  1.000 52.54363 ? 374 HOH A O   1 
HETATM 1278 O  O   . HOH E 5 .   ? -10.29220 -0.49592  -13.82231 1.000 49.87523 ? 375 HOH A O   1 
HETATM 1279 O  O   . HOH E 5 .   ? -16.38416 -1.02317  -13.49945 1.000 50.03711 ? 376 HOH A O   1 
HETATM 1280 O  O   . HOH E 5 .   ? -8.00510  -1.13955  -14.87709 1.000 58.08003 ? 377 HOH A O   1 
HETATM 1281 O  O   . HOH E 5 .   ? 14.30080  2.19568   13.76440  1.000 47.08496 ? 378 HOH A O   1 
HETATM 1282 O  O   . HOH E 5 .   ? -0.66896  -5.69416  8.91053   1.000 49.41556 ? 379 HOH A O   1 
HETATM 1283 O  O   . HOH E 5 .   ? -18.32332 2.01714   -8.38840  1.000 55.87255 ? 380 HOH A O   1 
HETATM 1284 O  O   . HOH E 5 .   ? -9.51637  -0.98410  6.49757   1.000 48.18199 ? 381 HOH A O   1 
HETATM 1285 O  O   . HOH E 5 .   ? -4.67152  -7.23088  -14.90229 1.000 59.77764 ? 382 HOH A O   1 
HETATM 1286 O  O   . HOH E 5 .   ? -10.27868 18.00037  -4.33451  1.000 47.81619 ? 383 HOH A O   1 
HETATM 1287 O  O   . HOH E 5 .   ? 15.02757  -5.55207  14.03713  1.000 62.87224 ? 384 HOH A O   1 
HETATM 1288 O  O   . HOH E 5 .   ? 11.28558  -7.35883  13.05059  1.000 53.57847 ? 385 HOH A O   1 
HETATM 1289 O  O   . HOH E 5 .   ? -1.08435  -12.54267 6.52250   1.000 52.77068 ? 386 HOH A O   1 
HETATM 1290 O  O   . HOH E 5 .   ? 18.86674  -8.60620  4.05178   1.000 48.06755 ? 387 HOH A O   1 
HETATM 1291 O  O   . HOH E 5 .   ? 9.38177   6.46458   -7.46055  1.000 47.08754 ? 388 HOH A O   1 
HETATM 1292 O  O   . HOH E 5 .   ? -17.03977 -3.23393  6.89026   1.000 52.18583 ? 389 HOH A O   1 
HETATM 1293 O  O   . HOH E 5 .   ? 2.49635   -8.10349  17.94064  1.000 51.42552 ? 390 HOH A O   1 
HETATM 1294 O  O   . HOH E 5 .   ? -17.15605 0.90345   -12.12567 1.000 52.21764 ? 391 HOH A O   1 
HETATM 1295 O  O   . HOH E 5 .   ? -1.50534  -3.79798  -12.92382 1.000 48.11254 ? 392 HOH A O   1 
HETATM 1296 O  O   . HOH E 5 .   ? 6.79361   14.87455  9.61400   1.000 50.23392 ? 393 HOH A O   1 
HETATM 1297 O  O   . HOH E 5 .   ? 20.80612  -7.49184  4.94515   1.000 50.35023 ? 394 HOH A O   1 
HETATM 1298 O  O   . HOH E 5 .   ? -3.36107  -4.66555  -15.24554 1.000 63.56582 ? 395 HOH A O   1 
# 
